data_6OT0
#
_entry.id   6OT0
#
_cell.length_a   1.00
_cell.length_b   1.00
_cell.length_c   1.00
_cell.angle_alpha   90.00
_cell.angle_beta   90.00
_cell.angle_gamma   90.00
#
_symmetry.space_group_name_H-M   'P 1'
#
loop_
_entity.id
_entity.type
_entity.pdbx_description
1 polymer 'Smoothened homolog'
2 polymer 'Guanine nucleotide-binding protein G(i) subunit alpha-1'
3 polymer 'Guanine nucleotide-binding protein G(I)/G(S)/G(T) subunit beta-1'
4 polymer 'Guanine nucleotide-binding protein G(I)/G(S)/G(O) subunit gamma-2'
5 polymer 'Fab light chain'
6 polymer 'Fab heavy chain'
7 non-polymer '17-[3-(3,3-DIMETHYL-OXIRANYL)-1-METHYL-PROPYL]-10,13-DIMETHYL-2,3,4,7,8,9,10,11,12,13,14,15,16,17-TETRADECAHYDRO-1H-CYC LOPENTA[A]PHENANTHREN-3-OL'
#
loop_
_entity_poly.entity_id
_entity_poly.type
_entity_poly.pdbx_seq_one_letter_code
_entity_poly.pdbx_strand_id
1 'polypeptide(L)'
;MAAARPARGPELPLLGLLLLLLLGDPGRGAASSGNATGPGPRSAGGSARRSAAVTGPPPPLSHCGRAAPCEPLRYNVCLG
SVLPYGATSTLLAGDSDSQEEAHGKLVLWSGLRNAPRCWAVIQPLLCAVYMPKCENDRVELPSRTLCQATRGPCAIVERE
RGWPDFLRCTPDRFPEGCTNEVQNIKFNSSGQCEVPLVRTDNPKSWYEDVEGCGIQCQNPLFTEAEHQDMHSYIAAFGAV
TGLCTLFTLATFVADWRNSNRYPAVILFYVNACFFVGSIGWLAQFMDGARREIVCRADGTMRLGEPTSNETLSCVIIFVI
VYYALMAGVVWFVVLTYAWHTSFKALGTTYQPLSGKTSYFHLLTWSLPFVLTVAILAVAQVDGDSVSGICFVGYKNYRYR
AGFVLAPIGLVLIVGGYFLIRGVMTLFSIKSNHPGLLSEKAASKINETMLRLGIFGFLAFGFVLITFSCHFYDFFNQAEW
ERSFRDYVLCQANVTIGLPTKQPIPDCEIKNRPSLLVEKINLFAMFGTGIAMSTWVWTKATLLIWRRTWCRLTGQDYKDD
DDK
;
R
2 'polypeptide(L)'
;MGCTLSAEDKAAVERSKMIDRNLREDGEKAAREVKLLLLGAGESGKNTIVKQMKIIHEAGYSEEECKQYKAVVYSNTIQS
IIAIIRAMGRLKIDFGDSARADDARQLFVLAGAAEEGFMTAELAGVIKRLWKDSGVQACFNRSREYQLNDSAAYYLNDLD
RIAQPNYIPTQQDVLRTRVKTTGIVETHFTFKDLHFKMFDVGAQRSERKKWIHCFEGVTAIIFCVALSDYDLVLAEDEEM
NRMHASMKLFDSICNNKWFTDTSIILFLNKKDLFEEKIKKSPLTICYPEYAGSNTYEEAAAYIQCQFEDLNKRKDTKEIY
THFTCSTDTKNVQFVFDAVTDVIIKNNLKDCGLF
;
A
3 'polypeptide(L)'
;MHHHHHHGSLLQSELDQLRQEAEQLKNQIRDARKACADATLSQITNNIDPVGRIQMRTRRTLRGHLAKIYAMHWGTDSRL
LVSASQDGKLIIWDSYTTNKVHAIPLRSSWVMTCAYAPSGNYVACGGLDNICSIYNLKTREGNVRVSRELAGHTGYLSCC
RFLDDNQIVTSSGDTTCALWDIETGQQTTTFTGHTGDVMSLSLAPDTRLFVSGACDASAKLWDVREGMCRQTFTGHESDI
NAICFFPNGNAFATGSDDATCRLFDLRADQELMTYSHDNIICGITSVSFSKSGRLLLAGYDDFNCNVWDALKADRAGVLA
GHDNRVSCLGVTDDGMAVATGSWDSFLKIWN
;
B
4 'polypeptide(L)' MASNNTASIAQARKLVEQLKMEANIDRIKVSKAAADLMAYCEAHAKEDPLLTPVPASENPFREKKFFCAIL G
5 'polypeptide(L)'
;SDIQMTQSPSSLSASVGDRVTITCRASQSVSSAVAWYQQKPGKAPKLLIYSASSLYSGVPSRFSGSRSGTDFTLTISSLQ
PEDFATYYCQQSSSSLITFGQGTKVEIKRTVAAPSVFIFPPSDSQLKSGTASVVCLLNNFYPREAKVQWKVDNALQSGNS
QESVTEQDSKDSTYSLSSTLTLSKADYEKHKVYACEVTHQGLSSPVTKSFNRGEC
;
L
6 'polypeptide(L)'
;EISEVQLVESGGGLVQPGGSLRLSCAASGFNFYYSSIHWVRQAPGKGLEWVASIYSYSGSTSYADSVKGRFTISADTSKN
TAYLQMNSLRAEDTAVYYCARYPWYWWMEKPYLSLYGMDYWGQGTLVTVSSASTKGPSVFPLAPSSKSTSGGTAALGCLV
KDYFPEPVTVSWNSGALTSGVHTFPAVLQSSGLYSLSSVVTVPSSSLGTQTYICNVNHKPSNTKVDKKVEPKSCDKTHT
;
H
#
# COMPACT_ATOMS: atom_id res chain seq x y z
N SER A 190 65.26 -7.79 58.09
CA SER A 190 64.80 -9.22 58.21
C SER A 190 63.53 -9.30 59.09
N GLY A 191 63.43 -10.30 59.97
CA GLY A 191 62.28 -10.47 60.86
C GLY A 191 61.87 -11.93 60.99
N GLN A 192 60.56 -12.19 60.99
CA GLN A 192 60.02 -13.55 61.03
C GLN A 192 58.58 -13.53 60.50
N CYS A 193 58.27 -14.44 59.58
CA CYS A 193 56.95 -14.53 58.98
C CYS A 193 56.19 -15.77 59.42
N GLU A 194 54.96 -15.54 59.85
CA GLU A 194 54.07 -16.60 60.29
C GLU A 194 53.42 -17.28 59.09
N VAL A 195 52.86 -18.46 59.32
CA VAL A 195 52.27 -19.28 58.25
C VAL A 195 51.14 -18.56 57.50
N PRO A 196 50.17 -17.96 58.24
CA PRO A 196 49.13 -17.17 57.59
C PRO A 196 49.66 -15.93 56.86
N LEU A 197 50.74 -15.35 57.37
CA LEU A 197 51.36 -14.20 56.74
C LEU A 197 52.09 -14.62 55.48
N VAL A 198 52.14 -13.72 54.50
CA VAL A 198 52.85 -13.94 53.23
C VAL A 198 53.99 -12.93 53.11
N ARG A 199 55.12 -13.38 52.56
CA ARG A 199 56.26 -12.50 52.31
C ARG A 199 55.98 -11.58 51.14
N THR A 200 56.16 -10.28 51.34
CA THR A 200 55.91 -9.28 50.33
C THR A 200 56.87 -8.10 50.51
N ASP A 201 57.41 -7.59 49.39
CA ASP A 201 58.30 -6.43 49.39
C ASP A 201 57.52 -5.15 49.02
N ASN A 202 56.43 -4.92 49.74
CA ASN A 202 55.60 -3.73 49.56
C ASN A 202 54.76 -3.51 50.82
N PRO A 203 55.03 -2.42 51.58
CA PRO A 203 54.21 -2.08 52.76
C PRO A 203 52.81 -1.49 52.50
N LYS A 204 52.39 -1.40 51.24
CA LYS A 204 51.09 -0.82 50.89
C LYS A 204 49.89 -1.72 51.22
N SER A 205 50.11 -3.04 51.27
CA SER A 205 49.06 -4.00 51.61
C SER A 205 49.57 -5.11 52.52
N TRP A 206 49.70 -4.78 53.81
CA TRP A 206 50.06 -5.74 54.87
C TRP A 206 48.97 -5.83 55.92
N TYR A 207 49.14 -6.79 56.83
CA TYR A 207 48.46 -6.80 58.12
C TYR A 207 49.35 -5.96 59.03
N GLU A 208 48.82 -4.85 59.53
CA GLU A 208 49.64 -3.75 60.06
C GLU A 208 49.96 -3.84 61.57
N ASP A 209 49.88 -5.05 62.14
CA ASP A 209 50.27 -5.27 63.55
C ASP A 209 51.80 -5.29 63.72
N VAL A 210 52.48 -6.09 62.90
CA VAL A 210 53.93 -6.16 62.86
C VAL A 210 54.37 -6.06 61.39
N GLU A 211 55.43 -5.28 61.15
CA GLU A 211 55.99 -5.09 59.81
C GLU A 211 56.62 -6.36 59.22
N GLY A 212 57.11 -6.27 57.98
CA GLY A 212 57.74 -7.38 57.28
C GLY A 212 56.79 -8.10 56.34
N CYS A 213 55.99 -8.99 56.91
CA CYS A 213 55.16 -9.91 56.13
C CYS A 213 53.90 -9.26 55.59
N GLY A 214 53.24 -9.95 54.67
CA GLY A 214 51.97 -9.49 54.06
C GLY A 214 50.96 -10.61 54.19
N ILE A 215 49.71 -10.36 53.75
CA ILE A 215 48.64 -11.39 53.84
C ILE A 215 48.36 -12.07 52.50
N GLN A 216 47.81 -13.28 52.57
CA GLN A 216 47.41 -14.03 51.35
C GLN A 216 46.10 -13.51 50.77
N CYS A 217 45.62 -14.14 49.70
CA CYS A 217 44.30 -13.87 49.12
C CYS A 217 43.24 -14.94 49.45
N GLN A 218 43.64 -16.04 50.10
CA GLN A 218 42.74 -17.16 50.39
C GLN A 218 42.13 -16.98 51.78
N ASN A 219 40.94 -17.56 51.98
CA ASN A 219 40.32 -17.61 53.31
C ASN A 219 40.95 -18.79 54.07
N PRO A 220 41.76 -18.50 55.11
CA PRO A 220 42.51 -19.57 55.79
C PRO A 220 41.72 -20.38 56.84
N LEU A 221 40.40 -20.16 56.94
CA LEU A 221 39.57 -20.84 57.92
C LEU A 221 38.95 -22.16 57.41
N PHE A 222 39.29 -22.55 56.18
CA PHE A 222 38.93 -23.87 55.63
C PHE A 222 40.17 -24.53 55.01
N THR A 223 39.96 -25.68 54.38
CA THR A 223 40.98 -26.35 53.57
C THR A 223 40.56 -26.35 52.09
N GLU A 224 41.43 -26.87 51.22
CA GLU A 224 41.20 -26.85 49.77
C GLU A 224 40.15 -27.87 49.29
N ALA A 225 39.83 -28.86 50.13
CA ALA A 225 38.72 -29.79 49.86
C ALA A 225 37.39 -29.05 49.74
N GLU A 226 37.20 -28.05 50.61
CA GLU A 226 36.03 -27.17 50.57
C GLU A 226 36.01 -26.38 49.27
N HIS A 227 37.18 -25.88 48.85
CA HIS A 227 37.31 -25.19 47.55
C HIS A 227 36.83 -26.10 46.41
N GLN A 228 37.31 -27.35 46.39
CA GLN A 228 36.90 -28.33 45.38
C GLN A 228 35.38 -28.57 45.39
N ASP A 229 34.82 -28.71 46.58
CA ASP A 229 33.37 -28.98 46.76
C ASP A 229 32.52 -27.85 46.19
N MET A 230 32.80 -26.62 46.65
CA MET A 230 32.01 -25.45 46.22
C MET A 230 32.23 -25.13 44.74
N HIS A 231 33.46 -25.28 44.27
CA HIS A 231 33.75 -25.13 42.84
C HIS A 231 32.93 -26.12 41.99
N SER A 232 32.89 -27.39 42.41
CA SER A 232 32.08 -28.40 41.71
C SER A 232 30.58 -28.07 41.70
N TYR A 233 30.08 -27.52 42.81
CA TYR A 233 28.67 -27.11 42.90
C TYR A 233 28.33 -25.94 41.98
N ILE A 234 29.23 -24.96 41.93
CA ILE A 234 29.10 -23.82 41.00
C ILE A 234 29.13 -24.30 39.54
N ALA A 235 30.04 -25.22 39.23
CA ALA A 235 30.14 -25.80 37.89
C ALA A 235 28.86 -26.53 37.47
N ALA A 236 28.32 -27.34 38.38
CA ALA A 236 27.11 -28.13 38.10
C ALA A 236 25.88 -27.24 37.86
N PHE A 237 25.62 -26.31 38.78
CA PHE A 237 24.46 -25.43 38.65
C PHE A 237 24.59 -24.38 37.54
N GLY A 238 25.81 -23.89 37.32
CA GLY A 238 26.12 -23.07 36.15
C GLY A 238 25.84 -23.79 34.83
N ALA A 239 26.20 -25.07 34.77
CA ALA A 239 25.97 -25.91 33.59
C ALA A 239 24.49 -26.12 33.29
N VAL A 240 23.71 -26.49 34.31
CA VAL A 240 22.26 -26.70 34.13
C VAL A 240 21.50 -25.40 33.81
N THR A 241 21.90 -24.29 34.43
CA THR A 241 21.30 -22.98 34.10
C THR A 241 21.69 -22.49 32.70
N GLY A 242 22.93 -22.73 32.30
CA GLY A 242 23.36 -22.48 30.92
C GLY A 242 22.55 -23.28 29.90
N LEU A 243 22.34 -24.56 30.22
CA LEU A 243 21.52 -25.47 29.40
C LEU A 243 20.08 -24.97 29.25
N CYS A 244 19.44 -24.62 30.36
CA CYS A 244 18.04 -24.14 30.33
C CYS A 244 17.89 -22.79 29.64
N THR A 245 18.87 -21.89 29.79
CA THR A 245 18.87 -20.61 29.09
C THR A 245 19.06 -20.76 27.56
N LEU A 246 19.90 -21.72 27.15
CA LEU A 246 19.98 -22.08 25.73
C LEU A 246 18.69 -22.73 25.22
N PHE A 247 18.07 -23.54 26.09
CA PHE A 247 16.76 -24.17 25.79
C PHE A 247 15.65 -23.13 25.60
N THR A 248 15.72 -22.01 26.34
CA THR A 248 14.82 -20.88 26.13
C THR A 248 15.14 -20.16 24.82
N LEU A 249 16.39 -19.70 24.68
CA LEU A 249 16.79 -18.87 23.54
C LEU A 249 16.65 -19.54 22.17
N ALA A 250 16.87 -20.86 22.12
CA ALA A 250 16.74 -21.63 20.86
C ALA A 250 15.33 -21.58 20.25
N THR A 251 14.31 -21.40 21.09
CA THR A 251 12.95 -21.18 20.59
C THR A 251 12.82 -19.78 19.98
N PHE A 252 13.39 -18.78 20.66
CA PHE A 252 13.26 -17.37 20.25
C PHE A 252 14.00 -17.01 18.97
N VAL A 253 15.18 -17.60 18.76
CA VAL A 253 15.95 -17.35 17.52
C VAL A 253 15.28 -17.91 16.25
N ALA A 254 14.50 -18.98 16.38
CA ALA A 254 13.83 -19.62 15.25
C ALA A 254 12.50 -18.94 14.86
N ASP A 255 11.86 -18.26 15.82
CA ASP A 255 10.60 -17.54 15.60
C ASP A 255 10.75 -16.02 15.77
N TRP A 256 12.00 -15.53 15.72
CA TRP A 256 12.32 -14.11 15.92
C TRP A 256 11.65 -13.19 14.90
N ARG A 257 11.44 -13.72 13.69
CA ARG A 257 10.82 -12.96 12.60
C ARG A 257 9.29 -12.91 12.65
N ASN A 258 8.68 -13.67 13.56
CA ASN A 258 7.23 -13.57 13.88
C ASN A 258 6.93 -13.29 15.36
N SER A 259 7.96 -13.14 16.20
CA SER A 259 7.78 -12.91 17.65
C SER A 259 8.62 -11.74 18.19
N ASN A 260 8.92 -10.75 17.34
CA ASN A 260 9.51 -9.49 17.77
C ASN A 260 8.34 -8.56 18.06
N ARG A 261 7.85 -8.62 19.30
CA ARG A 261 6.54 -8.10 19.68
C ARG A 261 6.39 -7.81 21.18
N TYR A 262 5.20 -7.32 21.54
CA TYR A 262 4.76 -7.05 22.93
C TYR A 262 4.85 -8.33 23.83
N PRO A 263 4.77 -8.14 25.18
CA PRO A 263 5.82 -8.30 26.19
C PRO A 263 6.66 -9.58 26.26
N ALA A 264 6.36 -10.60 25.47
CA ALA A 264 7.10 -11.87 25.52
C ALA A 264 8.60 -11.74 25.23
N VAL A 265 9.01 -10.73 24.47
CA VAL A 265 10.44 -10.47 24.24
C VAL A 265 11.17 -10.07 25.54
N ILE A 266 10.45 -9.47 26.47
CA ILE A 266 10.98 -9.24 27.82
C ILE A 266 11.25 -10.58 28.49
N LEU A 267 10.36 -11.57 28.28
CA LEU A 267 10.65 -12.95 28.69
C LEU A 267 11.87 -13.54 27.98
N PHE A 268 12.15 -13.09 26.75
CA PHE A 268 13.42 -13.38 26.07
C PHE A 268 14.62 -12.71 26.75
N TYR A 269 14.41 -11.53 27.36
CA TYR A 269 15.53 -10.72 27.87
C TYR A 269 16.12 -11.17 29.21
N VAL A 270 15.27 -11.64 30.12
CA VAL A 270 15.68 -11.95 31.51
C VAL A 270 16.79 -13.00 31.59
N ASN A 271 16.55 -14.14 30.94
CA ASN A 271 17.58 -15.15 30.68
C ASN A 271 18.72 -14.60 29.83
N ALA A 272 18.42 -13.74 28.86
CA ALA A 272 19.46 -13.09 28.04
C ALA A 272 20.41 -12.18 28.83
N CYS A 273 19.93 -11.61 29.93
CA CYS A 273 20.80 -10.90 30.89
C CYS A 273 21.12 -11.75 32.14
N PHE A 274 20.90 -13.07 32.06
CA PHE A 274 21.34 -14.02 33.10
C PHE A 274 22.38 -15.01 32.56
N PHE A 275 22.17 -15.50 31.34
CA PHE A 275 23.14 -16.34 30.62
C PHE A 275 24.56 -15.76 30.65
N VAL A 276 24.66 -14.47 30.33
CA VAL A 276 25.96 -13.77 30.33
C VAL A 276 26.60 -13.70 31.73
N GLY A 277 25.76 -13.68 32.77
CA GLY A 277 26.23 -13.81 34.15
C GLY A 277 26.75 -15.19 34.48
N SER A 278 25.96 -16.22 34.14
CA SER A 278 26.23 -17.60 34.53
C SER A 278 27.55 -18.14 33.97
N ILE A 279 27.80 -17.89 32.69
CA ILE A 279 29.09 -18.24 32.07
C ILE A 279 30.27 -17.50 32.70
N GLY A 280 30.02 -16.29 33.22
CA GLY A 280 30.98 -15.59 34.08
C GLY A 280 31.36 -16.41 35.30
N TRP A 281 30.35 -17.03 35.93
CA TRP A 281 30.58 -17.96 37.05
C TRP A 281 31.16 -19.33 36.63
N LEU A 282 31.32 -19.54 35.31
CA LEU A 282 32.18 -20.61 34.79
C LEU A 282 33.61 -20.10 34.49
N ALA A 283 34.03 -19.02 35.17
CA ALA A 283 35.43 -18.58 35.14
C ALA A 283 36.36 -19.58 35.82
N GLN A 284 35.82 -20.41 36.72
CA GLN A 284 36.60 -21.47 37.37
C GLN A 284 37.05 -22.58 36.41
N PHE A 285 37.99 -23.38 36.89
CA PHE A 285 38.62 -24.47 36.13
C PHE A 285 39.22 -24.03 34.77
N MET A 286 39.70 -22.78 34.71
CA MET A 286 40.46 -22.25 33.57
C MET A 286 41.94 -22.57 33.82
N ASP A 287 42.86 -21.82 33.20
CA ASP A 287 44.31 -22.04 33.38
C ASP A 287 44.78 -21.71 34.80
N GLY A 288 44.56 -20.45 35.22
CA GLY A 288 44.92 -20.00 36.57
C GLY A 288 43.93 -19.04 37.22
N ALA A 289 42.66 -19.13 36.81
CA ALA A 289 41.63 -18.15 37.19
C ALA A 289 41.18 -18.18 38.66
N ARG A 290 41.59 -19.20 39.43
CA ARG A 290 41.37 -19.19 40.88
C ARG A 290 42.23 -18.14 41.59
N ARG A 291 43.41 -17.83 41.03
CA ARG A 291 44.29 -16.79 41.58
C ARG A 291 44.54 -15.61 40.63
N GLU A 292 44.94 -15.91 39.39
CA GLU A 292 45.47 -14.89 38.45
C GLU A 292 44.52 -13.72 38.10
N ILE A 293 43.22 -13.88 38.36
CA ILE A 293 42.24 -12.76 38.25
C ILE A 293 41.98 -12.06 39.60
N VAL A 294 42.36 -12.70 40.71
CA VAL A 294 42.08 -12.22 42.07
C VAL A 294 43.34 -11.98 42.94
N CYS A 295 44.47 -12.59 42.58
CA CYS A 295 45.71 -12.51 43.36
C CYS A 295 46.68 -11.56 42.65
N ARG A 296 47.21 -10.59 43.40
CA ARG A 296 48.13 -9.58 42.86
C ARG A 296 49.51 -10.18 42.59
N ALA A 297 50.46 -9.33 42.20
CA ALA A 297 51.86 -9.75 42.03
C ALA A 297 52.52 -10.31 43.31
N ASP A 298 52.03 -9.92 44.48
CA ASP A 298 52.65 -10.26 45.76
C ASP A 298 51.95 -11.40 46.54
N GLY A 299 50.61 -11.43 46.52
CA GLY A 299 49.83 -12.47 47.22
C GLY A 299 48.53 -11.96 47.83
N THR A 300 48.54 -10.72 48.30
CA THR A 300 47.35 -10.06 48.85
C THR A 300 46.36 -9.81 47.72
N MET A 301 45.07 -9.87 48.02
CA MET A 301 44.03 -9.74 47.00
C MET A 301 43.99 -8.33 46.41
N ARG A 302 43.28 -8.20 45.30
CA ARG A 302 43.15 -6.93 44.58
C ARG A 302 42.40 -5.96 45.51
N LEU A 303 43.00 -4.83 45.80
CA LEU A 303 42.37 -3.78 46.61
C LEU A 303 41.54 -2.83 45.73
N GLY A 304 41.54 -3.07 44.41
CA GLY A 304 40.73 -2.31 43.46
C GLY A 304 41.38 -1.07 42.89
N GLU A 305 42.69 -0.87 43.11
CA GLU A 305 43.34 0.38 42.72
C GLU A 305 44.39 0.29 41.59
N PRO A 306 44.35 1.25 40.64
CA PRO A 306 45.28 1.38 39.51
C PRO A 306 46.69 1.84 39.89
N THR A 307 46.80 2.58 41.00
CA THR A 307 48.07 3.18 41.45
C THR A 307 49.14 2.17 41.84
N SER A 308 48.73 0.96 42.20
CA SER A 308 49.66 -0.08 42.62
C SER A 308 50.17 -1.00 41.49
N ASN A 309 49.91 -0.60 40.25
CA ASN A 309 50.35 -1.33 39.04
C ASN A 309 49.76 -2.75 39.00
N GLU A 310 48.50 -2.86 39.38
CA GLU A 310 47.76 -4.11 39.28
C GLU A 310 46.87 -4.01 38.06
N THR A 311 46.97 -4.98 37.17
CA THR A 311 46.13 -5.02 35.96
C THR A 311 44.65 -5.09 36.33
N LEU A 312 43.82 -4.38 35.56
CA LEU A 312 42.37 -4.38 35.79
C LEU A 312 41.73 -5.66 35.25
N SER A 313 42.13 -6.80 35.81
CA SER A 313 41.62 -8.12 35.43
C SER A 313 40.52 -8.62 36.36
N CYS A 314 40.41 -8.03 37.56
CA CYS A 314 39.40 -8.41 38.54
C CYS A 314 38.06 -7.70 38.34
N VAL A 315 38.12 -6.42 37.95
CA VAL A 315 36.91 -5.59 37.83
C VAL A 315 35.96 -6.01 36.70
N ILE A 316 36.51 -6.60 35.62
CA ILE A 316 35.72 -7.01 34.46
C ILE A 316 34.62 -8.03 34.80
N ILE A 317 35.00 -9.11 35.51
CA ILE A 317 34.03 -10.14 35.91
C ILE A 317 32.98 -9.57 36.86
N PHE A 318 33.43 -8.71 37.79
CA PHE A 318 32.54 -8.00 38.72
C PHE A 318 31.47 -7.20 37.99
N VAL A 319 31.89 -6.33 37.07
CA VAL A 319 30.96 -5.44 36.36
C VAL A 319 30.00 -6.20 35.44
N ILE A 320 30.45 -7.26 34.77
CA ILE A 320 29.55 -8.05 33.90
C ILE A 320 28.49 -8.84 34.70
N VAL A 321 28.87 -9.44 35.82
CA VAL A 321 27.89 -10.18 36.65
C VAL A 321 26.96 -9.24 37.42
N TYR A 322 27.48 -8.07 37.82
CA TYR A 322 26.70 -7.03 38.48
C TYR A 322 25.65 -6.43 37.52
N TYR A 323 26.09 -6.15 36.28
CA TYR A 323 25.18 -5.73 35.20
C TYR A 323 24.11 -6.80 34.95
N ALA A 324 24.54 -8.07 34.88
CA ALA A 324 23.64 -9.19 34.65
C ALA A 324 22.55 -9.31 35.72
N LEU A 325 22.96 -9.34 36.99
CA LEU A 325 22.00 -9.46 38.10
C LEU A 325 21.04 -8.28 38.18
N MET A 326 21.56 -7.06 38.08
CA MET A 326 20.72 -5.86 38.19
C MET A 326 19.76 -5.74 37.00
N ALA A 327 20.28 -6.01 35.79
CA ALA A 327 19.45 -6.04 34.58
C ALA A 327 18.34 -7.08 34.68
N GLY A 328 18.67 -8.28 35.18
CA GLY A 328 17.70 -9.35 35.41
C GLY A 328 16.55 -8.93 36.31
N VAL A 329 16.90 -8.29 37.42
CA VAL A 329 15.93 -7.85 38.41
C VAL A 329 15.01 -6.74 37.87
N VAL A 330 15.59 -5.75 37.20
CA VAL A 330 14.80 -4.65 36.61
C VAL A 330 13.94 -5.11 35.41
N TRP A 331 14.48 -6.00 34.58
CA TRP A 331 13.68 -6.63 33.51
C TRP A 331 12.53 -7.47 34.08
N PHE A 332 12.80 -8.15 35.20
CA PHE A 332 11.78 -8.91 35.94
C PHE A 332 10.62 -8.00 36.38
N VAL A 333 10.94 -6.92 37.07
CA VAL A 333 9.91 -6.00 37.58
C VAL A 333 9.15 -5.24 36.47
N VAL A 334 9.84 -4.88 35.38
CA VAL A 334 9.15 -4.25 34.24
C VAL A 334 8.28 -5.27 33.46
N LEU A 335 8.66 -6.55 33.50
CA LEU A 335 7.78 -7.63 33.03
C LEU A 335 6.48 -7.67 33.84
N THR A 336 6.61 -7.55 35.16
CA THR A 336 5.42 -7.48 36.05
C THR A 336 4.59 -6.23 35.73
N TYR A 337 5.28 -5.12 35.47
CA TYR A 337 4.65 -3.87 35.00
C TYR A 337 3.82 -4.12 33.74
N ALA A 338 4.48 -4.74 32.75
CA ALA A 338 3.84 -5.05 31.46
C ALA A 338 2.63 -5.96 31.62
N TRP A 339 2.75 -6.98 32.49
CA TRP A 339 1.65 -7.91 32.72
C TRP A 339 0.43 -7.27 33.39
N HIS A 340 0.65 -6.48 34.45
CA HIS A 340 -0.48 -5.83 35.14
C HIS A 340 -1.13 -4.76 34.25
N THR A 341 -0.33 -4.05 33.43
CA THR A 341 -0.88 -3.07 32.49
C THR A 341 -1.57 -3.71 31.27
N SER A 342 -1.13 -4.90 30.87
CA SER A 342 -1.80 -5.65 29.79
C SER A 342 -3.05 -6.39 30.29
N PHE A 343 -3.08 -6.75 31.57
CA PHE A 343 -4.23 -7.44 32.16
C PHE A 343 -5.29 -6.53 32.77
N LYS A 344 -4.91 -5.30 33.12
CA LYS A 344 -5.89 -4.23 33.31
C LYS A 344 -6.53 -3.89 31.95
N ALA A 345 -5.71 -3.94 30.89
CA ALA A 345 -6.16 -3.74 29.51
C ALA A 345 -6.72 -5.03 28.90
N LEU A 346 -7.77 -5.57 29.50
CA LEU A 346 -8.52 -6.71 28.96
C LEU A 346 -9.97 -6.35 28.60
N GLY A 347 -10.22 -5.05 28.42
CA GLY A 347 -11.26 -4.62 27.51
C GLY A 347 -10.78 -5.13 26.17
N THR A 348 -11.43 -6.20 25.72
CA THR A 348 -10.77 -7.27 24.96
C THR A 348 -10.24 -6.92 23.55
N THR A 349 -10.56 -5.72 23.04
CA THR A 349 -10.11 -5.28 21.71
C THR A 349 -9.24 -4.02 21.68
N TYR A 350 -9.22 -3.24 22.77
CA TYR A 350 -8.71 -1.87 22.74
C TYR A 350 -7.55 -1.62 23.70
N GLN A 351 -6.77 -0.60 23.36
CA GLN A 351 -5.66 -0.07 24.15
C GLN A 351 -4.54 -1.07 24.43
N PRO A 352 -3.82 -1.49 23.38
CA PRO A 352 -2.49 -2.04 23.61
C PRO A 352 -1.53 -0.87 23.88
N LEU A 353 -0.90 -0.86 25.07
CA LEU A 353 -0.07 0.27 25.49
C LEU A 353 1.21 0.38 24.65
N SER A 354 1.07 0.97 23.47
CA SER A 354 2.09 0.87 22.41
C SER A 354 3.27 1.81 22.57
N GLY A 355 3.00 3.12 22.70
CA GLY A 355 4.04 4.16 22.65
C GLY A 355 4.77 4.45 23.95
N LYS A 356 5.21 3.42 24.65
CA LYS A 356 6.01 3.55 25.88
C LYS A 356 7.04 2.42 26.09
N THR A 357 7.42 1.72 25.02
CA THR A 357 8.29 0.55 25.14
C THR A 357 9.76 0.96 25.21
N SER A 358 10.17 1.83 24.30
CA SER A 358 11.55 2.37 24.29
C SER A 358 11.88 3.18 25.55
N TYR A 359 10.86 3.82 26.13
CA TYR A 359 10.95 4.38 27.49
C TYR A 359 11.48 3.35 28.49
N PHE A 360 10.86 2.17 28.50
CA PHE A 360 11.27 1.09 29.40
C PHE A 360 12.64 0.52 29.06
N HIS A 361 12.95 0.40 27.76
CA HIS A 361 14.26 -0.10 27.34
C HIS A 361 15.40 0.85 27.73
N LEU A 362 15.16 2.16 27.57
CA LEU A 362 16.12 3.18 28.02
C LEU A 362 16.25 3.23 29.55
N LEU A 363 15.15 2.97 30.28
CA LEU A 363 15.18 2.90 31.75
C LEU A 363 16.03 1.72 32.22
N THR A 364 15.77 0.53 31.67
CA THR A 364 16.52 -0.69 32.03
C THR A 364 17.97 -0.74 31.51
N TRP A 365 18.31 0.11 30.52
CA TRP A 365 19.71 0.27 30.09
C TRP A 365 20.43 1.42 30.82
N SER A 366 19.69 2.38 31.35
CA SER A 366 20.27 3.49 32.14
C SER A 366 20.44 3.17 33.64
N LEU A 367 19.58 2.32 34.19
CA LEU A 367 19.63 2.01 35.64
C LEU A 367 20.88 1.21 36.07
N PRO A 368 21.27 0.17 35.30
CA PRO A 368 22.52 -0.51 35.64
C PRO A 368 23.77 0.34 35.39
N PHE A 369 23.67 1.31 34.48
CA PHE A 369 24.76 2.25 34.23
C PHE A 369 25.06 3.08 35.48
N VAL A 370 24.01 3.70 36.05
CA VAL A 370 24.14 4.48 37.29
C VAL A 370 24.51 3.58 38.48
N LEU A 371 24.03 2.34 38.50
CA LEU A 371 24.40 1.38 39.56
C LEU A 371 25.86 0.93 39.49
N THR A 372 26.37 0.68 38.27
CA THR A 372 27.79 0.31 38.10
C THR A 372 28.73 1.46 38.47
N VAL A 373 28.40 2.69 38.07
CA VAL A 373 29.18 3.86 38.52
C VAL A 373 28.99 4.17 40.02
N ALA A 374 27.81 3.87 40.56
CA ALA A 374 27.55 4.02 42.01
C ALA A 374 28.37 3.04 42.86
N ILE A 375 28.52 1.79 42.40
CA ILE A 375 29.41 0.84 43.07
C ILE A 375 30.89 1.15 42.78
N LEU A 376 31.17 1.68 41.59
CA LEU A 376 32.53 2.19 41.27
C LEU A 376 32.90 3.51 41.97
N ALA A 377 31.94 4.16 42.63
CA ALA A 377 32.24 5.28 43.52
C ALA A 377 33.07 4.85 44.74
N VAL A 378 32.79 3.66 45.27
CA VAL A 378 33.59 3.07 46.35
C VAL A 378 34.94 2.63 45.77
N ALA A 379 34.90 1.72 44.80
CA ALA A 379 36.08 1.26 44.04
C ALA A 379 37.19 0.50 44.79
N GLN A 380 36.99 0.26 46.10
CA GLN A 380 37.95 -0.48 46.92
C GLN A 380 37.49 -1.94 47.00
N VAL A 381 37.25 -2.54 45.83
CA VAL A 381 36.64 -3.87 45.75
C VAL A 381 37.73 -4.92 45.89
N ASP A 382 37.48 -5.90 46.76
CA ASP A 382 38.40 -7.01 47.02
C ASP A 382 37.86 -8.30 46.42
N GLY A 383 38.49 -9.43 46.71
CA GLY A 383 38.10 -10.73 46.16
C GLY A 383 37.77 -11.79 47.18
N ASP A 384 36.90 -12.72 46.79
CA ASP A 384 36.59 -13.91 47.60
C ASP A 384 37.22 -15.14 46.93
N SER A 385 37.81 -16.02 47.74
CA SER A 385 38.51 -17.21 47.25
C SER A 385 37.66 -18.48 47.30
N VAL A 386 36.84 -18.62 48.34
CA VAL A 386 36.00 -19.82 48.52
C VAL A 386 34.89 -19.93 47.46
N SER A 387 34.42 -18.79 46.95
CA SER A 387 33.48 -18.74 45.83
C SER A 387 34.20 -18.48 44.50
N GLY A 388 35.23 -17.63 44.52
CA GLY A 388 35.95 -17.23 43.31
C GLY A 388 35.28 -16.10 42.54
N ILE A 389 34.45 -15.32 43.22
CA ILE A 389 33.85 -14.11 42.67
C ILE A 389 34.28 -12.93 43.52
N CYS A 390 34.82 -11.90 42.87
CA CYS A 390 35.33 -10.73 43.58
C CYS A 390 34.20 -9.84 44.09
N PHE A 391 34.34 -9.38 45.33
CA PHE A 391 33.38 -8.48 45.94
C PHE A 391 33.94 -7.77 47.18
N VAL A 392 33.28 -6.67 47.54
CA VAL A 392 33.55 -5.97 48.80
C VAL A 392 32.80 -6.74 49.89
N GLY A 393 33.24 -6.62 51.14
CA GLY A 393 32.50 -7.17 52.28
C GLY A 393 33.26 -7.93 53.35
N TYR A 394 34.59 -8.04 53.22
CA TYR A 394 35.40 -8.69 54.25
C TYR A 394 35.46 -7.80 55.50
N LYS A 395 35.96 -6.58 55.34
CA LYS A 395 35.98 -5.60 56.43
C LYS A 395 34.81 -4.60 56.38
N ASN A 396 34.04 -4.60 55.28
CA ASN A 396 33.00 -3.58 55.08
C ASN A 396 31.67 -4.16 54.57
N TYR A 397 30.86 -4.64 55.52
CA TYR A 397 29.45 -4.90 55.28
C TYR A 397 28.64 -3.59 55.21
N ARG A 398 29.17 -2.52 55.79
CA ARG A 398 28.50 -1.21 55.85
C ARG A 398 28.12 -0.65 54.48
N TYR A 399 29.12 -0.50 53.60
CA TYR A 399 28.90 -0.07 52.20
C TYR A 399 28.45 -1.21 51.29
N ARG A 400 28.18 -2.39 51.86
CA ARG A 400 27.77 -3.57 51.11
C ARG A 400 26.34 -4.06 51.44
N ALA A 401 25.73 -3.54 52.52
CA ALA A 401 24.43 -4.02 52.98
C ALA A 401 23.28 -3.45 52.14
N GLY A 402 23.15 -2.12 52.14
CA GLY A 402 22.02 -1.44 51.51
C GLY A 402 22.08 -1.40 49.99
N PHE A 403 23.08 -0.68 49.46
CA PHE A 403 23.19 -0.42 48.03
C PHE A 403 23.45 -1.64 47.13
N VAL A 404 23.72 -2.80 47.72
CA VAL A 404 23.88 -4.05 46.97
C VAL A 404 22.64 -4.94 47.03
N LEU A 405 21.91 -4.92 48.16
CA LEU A 405 20.77 -5.84 48.39
C LEU A 405 19.38 -5.22 48.42
N ALA A 406 19.24 -4.02 48.99
CA ALA A 406 17.92 -3.45 49.29
C ALA A 406 17.01 -3.17 48.08
N PRO A 407 17.55 -2.65 46.96
CA PRO A 407 16.73 -2.49 45.74
C PRO A 407 16.04 -3.77 45.24
N ILE A 408 16.65 -4.94 45.50
CA ILE A 408 16.03 -6.23 45.21
C ILE A 408 14.81 -6.43 46.13
N GLY A 409 14.93 -5.98 47.38
CA GLY A 409 13.78 -5.90 48.29
C GLY A 409 12.67 -4.98 47.80
N LEU A 410 13.06 -3.81 47.27
CA LEU A 410 12.09 -2.84 46.73
C LEU A 410 11.31 -3.41 45.56
N VAL A 411 12.04 -4.01 44.60
CA VAL A 411 11.40 -4.65 43.45
C VAL A 411 10.61 -5.91 43.85
N LEU A 412 11.03 -6.60 44.91
CA LEU A 412 10.20 -7.65 45.51
C LEU A 412 8.82 -7.11 45.89
N ILE A 413 8.80 -5.99 46.62
CA ILE A 413 7.54 -5.43 47.14
C ILE A 413 6.64 -4.91 46.00
N VAL A 414 7.21 -4.14 45.07
CA VAL A 414 6.42 -3.61 43.93
C VAL A 414 6.02 -4.70 42.92
N GLY A 415 6.90 -5.69 42.72
CA GLY A 415 6.57 -6.87 41.91
C GLY A 415 5.42 -7.67 42.50
N GLY A 416 5.51 -7.95 43.80
CA GLY A 416 4.43 -8.60 44.54
C GLY A 416 3.12 -7.84 44.48
N TYR A 417 3.20 -6.52 44.67
CA TYR A 417 2.05 -5.61 44.54
C TYR A 417 1.38 -5.73 43.17
N PHE A 418 2.18 -5.65 42.11
CA PHE A 418 1.65 -5.80 40.75
C PHE A 418 1.09 -7.20 40.46
N LEU A 419 1.72 -8.23 41.02
CA LEU A 419 1.22 -9.59 40.85
C LEU A 419 -0.14 -9.80 41.52
N ILE A 420 -0.29 -9.36 42.78
CA ILE A 420 -1.59 -9.48 43.48
C ILE A 420 -2.70 -8.63 42.84
N ARG A 421 -2.36 -7.40 42.43
CA ARG A 421 -3.33 -6.54 41.71
C ARG A 421 -3.67 -7.11 40.32
N GLY A 422 -2.68 -7.71 39.66
CA GLY A 422 -2.91 -8.39 38.38
C GLY A 422 -3.85 -9.57 38.49
N VAL A 423 -3.54 -10.47 39.43
CA VAL A 423 -4.36 -11.68 39.65
C VAL A 423 -5.74 -11.37 40.24
N MET A 424 -5.85 -10.26 40.98
CA MET A 424 -7.17 -9.79 41.43
C MET A 424 -7.99 -9.17 40.29
N THR A 425 -7.33 -8.49 39.35
CA THR A 425 -8.01 -7.94 38.17
C THR A 425 -8.40 -9.02 37.15
N LEU A 426 -7.51 -9.98 36.88
CA LEU A 426 -7.84 -11.10 35.97
C LEU A 426 -8.69 -12.22 36.61
N PHE A 427 -9.01 -12.09 37.90
CA PHE A 427 -10.05 -12.90 38.54
C PHE A 427 -11.46 -12.50 38.08
N SER A 428 -11.62 -11.25 37.63
CA SER A 428 -12.93 -10.70 37.29
C SER A 428 -13.67 -11.35 36.11
N ILE A 429 -12.99 -12.18 35.32
CA ILE A 429 -13.60 -12.89 34.19
C ILE A 429 -14.28 -14.19 34.69
N LYS A 430 -14.11 -14.54 35.96
CA LYS A 430 -14.99 -15.54 36.61
C LYS A 430 -16.42 -15.01 36.71
N SER A 431 -16.56 -13.79 37.24
CA SER A 431 -17.84 -13.07 37.25
C SER A 431 -17.85 -12.10 36.06
N ASN A 432 -17.82 -12.69 34.87
CA ASN A 432 -17.62 -11.94 33.62
C ASN A 432 -18.83 -11.08 33.27
N HIS A 433 -18.70 -9.78 33.50
CA HIS A 433 -19.75 -8.78 33.22
C HIS A 433 -20.07 -8.55 31.73
N PRO A 434 -19.14 -8.86 30.80
CA PRO A 434 -19.53 -8.97 29.39
C PRO A 434 -20.59 -10.04 29.10
N GLY A 435 -20.36 -11.27 29.56
CA GLY A 435 -21.26 -12.38 29.33
C GLY A 435 -20.73 -13.71 29.83
N LEU A 436 -21.55 -14.76 29.70
CA LEU A 436 -21.16 -16.12 30.06
C LEU A 436 -20.66 -16.82 28.81
N LEU A 437 -19.36 -17.10 28.74
CA LEU A 437 -18.74 -17.68 27.56
C LEU A 437 -17.36 -18.28 27.83
N SER A 438 -16.81 -18.91 26.79
CA SER A 438 -15.39 -19.27 26.70
C SER A 438 -14.87 -20.10 27.88
N GLU A 439 -15.54 -21.21 28.15
CA GLU A 439 -15.09 -22.16 29.17
C GLU A 439 -13.82 -22.89 28.72
N LYS A 440 -13.69 -23.10 27.41
CA LYS A 440 -12.43 -23.51 26.77
C LYS A 440 -11.30 -22.55 27.13
N ALA A 441 -11.56 -21.24 27.02
CA ALA A 441 -10.58 -20.20 27.45
C ALA A 441 -10.49 -20.05 28.97
N ALA A 442 -11.58 -20.33 29.68
CA ALA A 442 -11.60 -20.30 31.15
C ALA A 442 -10.64 -21.32 31.75
N SER A 443 -10.60 -22.53 31.17
CA SER A 443 -9.63 -23.55 31.58
C SER A 443 -8.18 -23.07 31.42
N LYS A 444 -7.90 -22.41 30.30
CA LYS A 444 -6.56 -21.91 30.00
C LYS A 444 -6.17 -20.74 30.90
N ILE A 445 -7.08 -19.79 31.08
CA ILE A 445 -6.82 -18.66 31.99
C ILE A 445 -6.65 -19.14 33.45
N ASN A 446 -7.39 -20.18 33.86
CA ASN A 446 -7.20 -20.79 35.19
C ASN A 446 -5.83 -21.47 35.32
N GLU A 447 -5.41 -22.21 34.29
CA GLU A 447 -4.09 -22.85 34.28
C GLU A 447 -2.95 -21.81 34.35
N THR A 448 -3.09 -20.74 33.58
CA THR A 448 -2.12 -19.64 33.62
C THR A 448 -2.20 -18.86 34.94
N MET A 449 -3.39 -18.78 35.53
CA MET A 449 -3.58 -18.15 36.86
C MET A 449 -2.80 -18.91 37.93
N LEU A 450 -2.94 -20.25 37.94
CA LEU A 450 -2.15 -21.10 38.83
C LEU A 450 -0.65 -21.04 38.52
N ARG A 451 -0.32 -20.87 37.25
CA ARG A 451 1.05 -20.64 36.80
C ARG A 451 1.66 -19.37 37.41
N LEU A 452 0.93 -18.27 37.31
CA LEU A 452 1.34 -17.00 37.94
C LEU A 452 1.41 -17.12 39.46
N GLY A 453 0.46 -17.88 40.04
CA GLY A 453 0.42 -18.12 41.48
C GLY A 453 1.64 -18.86 42.03
N ILE A 454 1.96 -20.00 41.44
CA ILE A 454 3.17 -20.77 41.81
C ILE A 454 4.46 -19.97 41.55
N PHE A 455 4.49 -19.21 40.46
CA PHE A 455 5.65 -18.38 40.15
C PHE A 455 5.84 -17.23 41.15
N GLY A 456 4.74 -16.59 41.53
CA GLY A 456 4.74 -15.57 42.59
C GLY A 456 5.14 -16.13 43.95
N PHE A 457 4.71 -17.37 44.23
CA PHE A 457 5.07 -18.06 45.48
C PHE A 457 6.57 -18.37 45.56
N LEU A 458 7.13 -18.94 44.49
CA LEU A 458 8.58 -19.20 44.44
C LEU A 458 9.41 -17.92 44.31
N ALA A 459 8.86 -16.88 43.67
CA ALA A 459 9.51 -15.56 43.63
C ALA A 459 9.53 -14.87 45.00
N PHE A 460 8.52 -15.15 45.83
CA PHE A 460 8.44 -14.60 47.20
C PHE A 460 9.54 -15.12 48.11
N GLY A 461 9.71 -16.44 48.16
CA GLY A 461 10.69 -17.09 49.03
C GLY A 461 12.14 -16.88 48.67
N PHE A 462 12.41 -16.83 47.35
CA PHE A 462 13.78 -16.82 46.81
C PHE A 462 14.65 -15.60 47.11
N VAL A 463 14.05 -14.53 47.60
CA VAL A 463 14.78 -13.33 48.03
C VAL A 463 14.86 -13.23 49.56
N LEU A 464 13.80 -13.63 50.26
CA LEU A 464 13.82 -13.66 51.73
C LEU A 464 14.78 -14.72 52.31
N ILE A 465 15.02 -15.80 51.58
CA ILE A 465 16.11 -16.74 51.93
C ILE A 465 17.51 -16.11 51.82
N THR A 466 17.69 -15.22 50.84
CA THR A 466 18.93 -14.46 50.70
C THR A 466 19.06 -13.42 51.82
N PHE A 467 17.94 -12.83 52.22
CA PHE A 467 17.88 -12.02 53.45
C PHE A 467 18.19 -12.85 54.70
N SER A 468 17.72 -14.10 54.74
CA SER A 468 18.00 -15.00 55.86
C SER A 468 19.50 -15.34 55.99
N CYS A 469 20.19 -15.46 54.86
CA CYS A 469 21.65 -15.65 54.86
C CYS A 469 22.38 -14.50 55.57
N HIS A 470 21.95 -13.27 55.30
CA HIS A 470 22.53 -12.07 55.92
C HIS A 470 21.98 -11.78 57.32
N PHE A 471 20.79 -12.29 57.62
CA PHE A 471 20.28 -12.36 59.00
C PHE A 471 21.15 -13.28 59.85
N TYR A 472 21.55 -14.42 59.30
CA TYR A 472 22.51 -15.32 59.94
C TYR A 472 23.91 -14.71 60.01
N ASP A 473 24.29 -13.97 58.97
CA ASP A 473 25.57 -13.26 58.92
C ASP A 473 25.67 -12.08 59.90
N PHE A 474 24.57 -11.37 60.13
CA PHE A 474 24.57 -10.11 60.90
C PHE A 474 25.10 -10.23 62.33
N PHE A 475 24.57 -11.20 63.09
CA PHE A 475 25.05 -11.44 64.45
C PHE A 475 26.38 -12.18 64.48
N ASN A 476 26.59 -13.07 63.51
CA ASN A 476 27.75 -13.97 63.49
C ASN A 476 29.03 -13.31 62.97
N GLN A 477 28.91 -12.24 62.17
CA GLN A 477 30.08 -11.52 61.63
C GLN A 477 30.99 -10.89 62.69
N ALA A 478 30.39 -10.35 63.76
CA ALA A 478 31.15 -9.75 64.88
C ALA A 478 31.93 -10.80 65.66
N GLU A 479 31.27 -11.90 65.99
CA GLU A 479 31.91 -13.07 66.62
C GLU A 479 32.96 -13.70 65.69
N TRP A 480 32.70 -13.71 64.38
CA TRP A 480 33.65 -14.25 63.41
C TRP A 480 34.92 -13.40 63.26
N GLU A 481 34.75 -12.08 63.19
CA GLU A 481 35.91 -11.16 63.19
C GLU A 481 36.60 -11.11 64.57
N ARG A 482 35.83 -11.30 65.64
CA ARG A 482 36.39 -11.46 67.00
C ARG A 482 37.28 -12.70 67.08
N SER A 483 36.76 -13.83 66.58
CA SER A 483 37.53 -15.07 66.50
C SER A 483 38.66 -15.01 65.48
N PHE A 484 38.54 -14.18 64.44
CA PHE A 484 39.67 -13.91 63.53
C PHE A 484 40.80 -13.16 64.23
N ARG A 485 40.45 -12.16 65.05
CA ARG A 485 41.46 -11.43 65.83
C ARG A 485 42.11 -12.36 66.88
N ASP A 486 41.30 -13.21 67.51
CA ASP A 486 41.81 -14.29 68.36
C ASP A 486 42.67 -15.32 67.59
N TYR A 487 42.33 -15.53 66.32
CA TYR A 487 43.06 -16.45 65.44
C TYR A 487 44.42 -15.90 65.01
N VAL A 488 44.49 -14.59 64.74
CA VAL A 488 45.79 -13.95 64.47
C VAL A 488 46.64 -13.78 65.74
N LEU A 489 46.00 -13.71 66.91
CA LEU A 489 46.71 -13.90 68.19
C LEU A 489 47.22 -15.35 68.31
N CYS A 490 46.36 -16.30 67.92
CA CYS A 490 46.71 -17.74 67.89
C CYS A 490 47.89 -18.09 66.98
N GLN A 491 48.04 -17.32 65.91
CA GLN A 491 49.19 -17.48 65.01
C GLN A 491 50.53 -17.41 65.73
N ALA A 492 50.61 -16.52 66.72
CA ALA A 492 51.67 -16.55 67.72
C ALA A 492 51.37 -17.66 68.74
N ASN A 493 50.13 -17.70 69.24
CA ASN A 493 49.75 -18.57 70.37
C ASN A 493 49.52 -20.07 70.08
N VAL A 494 49.67 -20.50 68.82
CA VAL A 494 49.70 -21.93 68.49
C VAL A 494 51.06 -22.48 68.93
N THR A 495 52.12 -21.78 68.51
CA THR A 495 53.50 -22.14 68.89
C THR A 495 53.96 -21.55 70.22
N ILE A 496 53.25 -20.55 70.74
CA ILE A 496 53.45 -20.09 72.13
C ILE A 496 52.67 -21.05 73.04
N GLY A 497 53.39 -21.70 73.94
CA GLY A 497 52.88 -22.84 74.71
C GLY A 497 53.14 -24.17 74.03
N LEU A 498 54.16 -24.22 73.17
CA LEU A 498 54.56 -25.44 72.46
C LEU A 498 55.93 -25.90 72.96
N PRO A 499 55.97 -26.91 73.86
CA PRO A 499 57.23 -27.53 74.24
C PRO A 499 57.62 -28.66 73.27
N THR A 500 58.68 -29.39 73.57
CA THR A 500 59.14 -30.52 72.74
C THR A 500 58.57 -31.89 73.17
N LYS A 501 57.41 -31.88 73.82
CA LYS A 501 56.71 -33.12 74.24
C LYS A 501 55.24 -33.26 73.77
N GLN A 502 54.64 -32.20 73.25
CA GLN A 502 53.26 -32.24 72.74
C GLN A 502 53.25 -32.57 71.24
N PRO A 503 52.13 -33.14 70.73
CA PRO A 503 51.99 -33.40 69.29
C PRO A 503 51.82 -32.13 68.43
N ILE A 504 51.44 -32.31 67.15
CA ILE A 504 51.37 -31.22 66.17
C ILE A 504 50.26 -30.22 66.59
N PRO A 505 50.63 -28.96 66.89
CA PRO A 505 49.70 -28.05 67.58
C PRO A 505 48.78 -27.21 66.70
N ASP A 506 47.64 -26.83 67.27
CA ASP A 506 46.75 -25.80 66.71
C ASP A 506 45.88 -25.27 67.85
N CYS A 507 45.24 -24.12 67.63
CA CYS A 507 44.37 -23.50 68.64
C CYS A 507 43.01 -24.18 68.73
N GLU A 508 42.27 -23.79 69.76
CA GLU A 508 40.88 -24.20 69.97
C GLU A 508 39.99 -22.97 69.75
N ILE A 509 39.57 -22.77 68.50
CA ILE A 509 38.69 -21.64 68.15
C ILE A 509 37.29 -21.89 68.70
N LYS A 510 36.58 -20.80 69.01
CA LYS A 510 35.26 -20.90 69.63
C LYS A 510 34.18 -21.34 68.64
N ASN A 511 34.01 -20.57 67.57
CA ASN A 511 33.11 -20.94 66.47
C ASN A 511 33.88 -20.88 65.15
N ARG A 512 33.41 -21.67 64.19
CA ARG A 512 33.99 -21.73 62.84
C ARG A 512 32.98 -21.18 61.84
N PRO A 513 33.45 -20.70 60.67
CA PRO A 513 32.49 -20.23 59.67
C PRO A 513 31.50 -21.29 59.17
N SER A 514 30.30 -20.84 58.80
CA SER A 514 29.24 -21.73 58.35
C SER A 514 29.55 -22.15 56.92
N LEU A 515 30.25 -23.26 56.79
CA LEU A 515 30.78 -23.73 55.51
C LEU A 515 29.77 -24.24 54.46
N LEU A 516 28.48 -24.32 54.83
CA LEU A 516 27.44 -24.87 53.95
C LEU A 516 26.41 -23.85 53.45
N VAL A 517 26.04 -22.89 54.30
CA VAL A 517 24.85 -22.05 54.06
C VAL A 517 25.02 -20.97 52.97
N GLU A 518 26.24 -20.82 52.44
CA GLU A 518 26.45 -19.97 51.27
C GLU A 518 25.72 -20.56 50.06
N LYS A 519 25.77 -21.89 49.96
CA LYS A 519 25.07 -22.63 48.89
C LYS A 519 23.55 -22.38 48.85
N ILE A 520 22.97 -21.95 49.97
CA ILE A 520 21.56 -21.53 50.01
C ILE A 520 21.30 -20.35 49.05
N ASN A 521 22.06 -19.27 49.20
CA ASN A 521 21.92 -18.09 48.34
C ASN A 521 22.43 -18.35 46.92
N LEU A 522 23.43 -19.23 46.79
CA LEU A 522 23.90 -19.61 45.46
C LEU A 522 22.79 -20.39 44.72
N PHE A 523 22.18 -21.35 45.42
CA PHE A 523 21.00 -22.08 44.93
C PHE A 523 19.81 -21.15 44.70
N ALA A 524 19.69 -20.09 45.50
CA ALA A 524 18.65 -19.07 45.30
C ALA A 524 18.81 -18.34 43.96
N MET A 525 20.05 -17.94 43.65
CA MET A 525 20.32 -17.26 42.36
C MET A 525 20.22 -18.18 41.16
N PHE A 526 20.69 -19.41 41.34
CA PHE A 526 20.53 -20.42 40.29
C PHE A 526 19.05 -20.82 40.12
N GLY A 527 18.29 -20.73 41.20
CA GLY A 527 16.82 -20.93 41.18
C GLY A 527 16.06 -19.82 40.46
N THR A 528 16.51 -18.58 40.63
CA THR A 528 15.97 -17.46 39.83
C THR A 528 16.34 -17.61 38.35
N GLY A 529 17.53 -18.13 38.07
CA GLY A 529 17.92 -18.54 36.72
C GLY A 529 17.07 -19.67 36.16
N ILE A 530 16.74 -20.63 37.03
CA ILE A 530 15.83 -21.73 36.69
C ILE A 530 14.41 -21.23 36.38
N ALA A 531 13.89 -20.36 37.25
CA ALA A 531 12.47 -19.94 37.22
C ALA A 531 11.99 -19.34 35.89
N MET A 532 12.88 -18.66 35.18
CA MET A 532 12.54 -18.03 33.90
C MET A 532 12.46 -19.04 32.75
N SER A 533 13.13 -20.19 32.90
CA SER A 533 13.03 -21.28 31.93
C SER A 533 11.73 -22.06 32.07
N THR A 534 11.11 -21.96 33.25
CA THR A 534 9.81 -22.58 33.49
C THR A 534 8.74 -22.00 32.53
N TRP A 535 8.83 -20.71 32.16
CA TRP A 535 7.83 -20.08 31.27
C TRP A 535 7.74 -20.72 29.89
N VAL A 536 8.89 -21.06 29.31
CA VAL A 536 8.93 -21.81 28.03
C VAL A 536 8.67 -23.31 28.19
N TRP A 537 8.69 -23.84 29.41
CA TRP A 537 8.18 -25.19 29.70
C TRP A 537 6.65 -25.20 29.54
N THR A 538 6.20 -25.19 28.29
CA THR A 538 4.79 -25.01 27.94
C THR A 538 4.18 -26.35 27.52
N LYS A 539 2.89 -26.31 27.19
CA LYS A 539 2.19 -27.39 26.50
C LYS A 539 2.10 -27.07 24.99
N ALA A 540 2.84 -26.05 24.54
CA ALA A 540 2.75 -25.48 23.18
C ALA A 540 4.09 -25.47 22.43
N THR A 541 5.20 -25.19 23.12
CA THR A 541 6.53 -25.17 22.49
C THR A 541 7.02 -26.52 21.99
N LEU A 542 6.42 -27.61 22.48
CA LEU A 542 6.76 -28.97 22.07
C LEU A 542 6.50 -29.20 20.57
N LEU A 543 5.45 -28.55 20.06
CA LEU A 543 5.03 -28.71 18.66
C LEU A 543 6.00 -28.02 17.70
N ILE A 544 6.30 -26.75 17.97
CA ILE A 544 7.35 -26.00 17.25
C ILE A 544 8.74 -26.64 17.42
N TRP A 545 9.02 -27.20 18.60
CA TRP A 545 10.28 -27.90 18.86
C TRP A 545 10.42 -29.17 18.00
N ARG A 546 9.35 -29.98 17.99
CA ARG A 546 9.29 -31.16 17.13
C ARG A 546 9.34 -30.82 15.63
N ARG A 547 8.73 -29.70 15.24
CA ARG A 547 8.79 -29.20 13.86
C ARG A 547 10.21 -28.81 13.47
N THR A 548 10.85 -27.99 14.32
CA THR A 548 12.23 -27.56 14.11
C THR A 548 13.26 -28.70 14.16
N TRP A 549 12.95 -29.80 14.85
CA TRP A 549 13.80 -30.98 14.83
C TRP A 549 13.52 -31.86 13.60
N CYS A 550 12.24 -32.18 13.37
CA CYS A 550 11.87 -33.12 12.29
C CYS A 550 12.02 -32.57 10.86
N ARG A 551 12.14 -31.25 10.70
CA ARG A 551 12.47 -30.66 9.38
C ARG A 551 13.86 -31.09 8.88
N LEU A 552 14.81 -31.25 9.80
CA LEU A 552 16.15 -31.78 9.48
C LEU A 552 16.56 -32.82 10.54
N THR A 553 16.37 -34.09 10.21
CA THR A 553 16.53 -35.18 11.18
C THR A 553 18.00 -35.49 11.44
N MET B 1 24.65 23.10 12.75
CA MET B 1 24.02 22.62 11.47
C MET B 1 23.88 23.78 10.46
N GLY B 2 22.97 23.69 9.48
CA GLY B 2 22.81 24.71 8.45
C GLY B 2 21.73 25.74 8.73
N CYS B 3 21.76 26.84 7.97
CA CYS B 3 20.85 27.97 8.14
C CYS B 3 19.95 28.21 6.92
N THR B 4 20.55 28.33 5.73
CA THR B 4 19.79 28.56 4.49
C THR B 4 18.82 27.43 4.12
N LEU B 5 19.15 26.20 4.52
CA LEU B 5 18.20 25.08 4.45
C LEU B 5 16.96 25.32 5.33
N SER B 6 17.18 25.82 6.55
CA SER B 6 16.13 26.00 7.56
C SER B 6 14.99 26.96 7.16
N ALA B 7 15.28 27.94 6.30
CA ALA B 7 14.27 28.93 5.87
C ALA B 7 13.12 28.26 5.12
N GLU B 8 13.45 27.57 4.02
CA GLU B 8 12.49 26.73 3.29
C GLU B 8 12.08 25.47 4.06
N ASP B 9 12.98 24.92 4.89
CA ASP B 9 12.65 23.75 5.71
C ASP B 9 11.64 24.03 6.83
N LYS B 10 11.54 25.28 7.29
CA LYS B 10 10.49 25.63 8.28
C LYS B 10 9.07 25.58 7.68
N ALA B 11 8.97 25.43 6.36
CA ALA B 11 7.75 24.97 5.69
C ALA B 11 7.82 23.45 5.46
N ALA B 12 8.93 22.97 4.87
CA ALA B 12 9.06 21.57 4.44
C ALA B 12 8.99 20.54 5.57
N VAL B 13 9.93 20.60 6.51
CA VAL B 13 9.97 19.61 7.61
C VAL B 13 8.84 19.83 8.62
N GLU B 14 8.39 21.07 8.77
CA GLU B 14 7.18 21.37 9.55
C GLU B 14 5.96 20.66 8.96
N ARG B 15 5.82 20.73 7.63
CA ARG B 15 4.76 19.98 6.92
C ARG B 15 4.87 18.47 7.15
N SER B 16 6.10 17.93 7.04
CA SER B 16 6.32 16.49 7.20
C SER B 16 6.00 15.98 8.62
N LYS B 17 6.45 16.70 9.65
CA LYS B 17 6.18 16.33 11.04
C LYS B 17 4.70 16.52 11.40
N MET B 18 4.08 17.58 10.89
CA MET B 18 2.64 17.81 11.06
C MET B 18 1.81 16.70 10.42
N ILE B 19 2.13 16.36 9.17
CA ILE B 19 1.41 15.28 8.47
C ILE B 19 1.72 13.90 9.09
N ASP B 20 2.92 13.75 9.67
CA ASP B 20 3.27 12.53 10.44
C ASP B 20 2.43 12.40 11.72
N ARG B 21 2.21 13.51 12.42
CA ARG B 21 1.28 13.53 13.56
C ARG B 21 -0.17 13.29 13.16
N ASN B 22 -0.56 13.79 11.99
CA ASN B 22 -1.88 13.51 11.43
C ASN B 22 -2.02 12.07 10.93
N LEU B 23 -0.90 11.43 10.58
CA LEU B 23 -0.93 10.04 10.09
C LEU B 23 -0.83 8.98 11.20
N ARG B 24 -0.01 9.22 12.22
CA ARG B 24 0.16 8.26 13.34
C ARG B 24 -1.08 8.08 14.21
N GLU B 25 -1.91 9.12 14.30
CA GLU B 25 -3.12 9.12 15.13
C GLU B 25 -4.28 8.21 14.69
N ASP B 26 -4.17 7.56 13.52
CA ASP B 26 -5.20 6.63 13.02
C ASP B 26 -5.36 5.32 13.80
N GLY B 27 -4.42 5.01 14.70
CA GLY B 27 -4.54 3.86 15.61
C GLY B 27 -5.78 3.84 16.50
N GLU B 28 -6.39 5.02 16.69
CA GLU B 28 -7.68 5.16 17.38
C GLU B 28 -8.82 4.45 16.63
N LYS B 29 -8.70 4.33 15.31
CA LYS B 29 -9.65 3.55 14.48
C LYS B 29 -9.03 2.33 13.78
N ALA B 30 -7.69 2.24 13.72
CA ALA B 30 -7.02 1.12 13.06
C ALA B 30 -7.10 -0.14 13.91
N ALA B 31 -6.67 -0.04 15.17
CA ALA B 31 -6.61 -1.18 16.10
C ALA B 31 -7.91 -1.41 16.89
N ARG B 32 -8.63 -0.32 17.19
CA ARG B 32 -9.92 -0.42 17.91
C ARG B 32 -11.03 -1.10 17.10
N GLU B 33 -10.90 -1.08 15.77
CA GLU B 33 -11.84 -1.75 14.88
C GLU B 33 -11.36 -3.17 14.56
N VAL B 34 -12.28 -4.13 14.60
CA VAL B 34 -11.99 -5.54 14.31
C VAL B 34 -12.78 -5.98 13.06
N LYS B 35 -12.05 -6.42 12.04
CA LYS B 35 -12.63 -6.62 10.70
C LYS B 35 -13.33 -7.96 10.61
N LEU B 36 -14.55 -7.95 10.06
CA LEU B 36 -15.35 -9.16 9.83
C LEU B 36 -15.63 -9.30 8.34
N LEU B 37 -15.37 -10.48 7.78
CA LEU B 37 -15.74 -10.80 6.40
C LEU B 37 -17.07 -11.58 6.40
N LEU B 38 -17.89 -11.37 5.37
CA LEU B 38 -19.17 -12.07 5.21
C LEU B 38 -19.16 -12.80 3.88
N LEU B 39 -19.67 -14.04 3.90
CA LEU B 39 -19.79 -14.84 2.68
C LEU B 39 -20.83 -15.95 2.87
N GLY B 40 -21.43 -16.39 1.76
CA GLY B 40 -22.38 -17.51 1.76
C GLY B 40 -23.12 -17.59 0.44
N ALA B 41 -24.27 -18.27 0.47
CA ALA B 41 -25.12 -18.44 -0.73
C ALA B 41 -26.58 -17.99 -0.58
N GLY B 42 -27.07 -17.81 0.64
CA GLY B 42 -28.43 -17.30 0.87
C GLY B 42 -28.44 -15.79 0.88
N GLU B 43 -28.77 -15.19 -0.27
CA GLU B 43 -28.71 -13.72 -0.45
C GLU B 43 -29.75 -12.94 0.36
N SER B 44 -30.99 -13.43 0.39
CA SER B 44 -32.05 -12.82 1.22
C SER B 44 -31.77 -13.08 2.70
N GLY B 45 -31.23 -14.25 3.00
CA GLY B 45 -30.72 -14.57 4.34
C GLY B 45 -29.66 -13.58 4.80
N LYS B 46 -28.69 -13.30 3.91
CA LYS B 46 -27.65 -12.30 4.13
C LYS B 46 -28.22 -10.92 4.44
N ASN B 47 -29.17 -10.49 3.61
CA ASN B 47 -29.81 -9.17 3.77
C ASN B 47 -30.57 -9.05 5.10
N THR B 48 -31.29 -10.11 5.47
CA THR B 48 -32.04 -10.16 6.73
C THR B 48 -31.14 -10.16 7.97
N ILE B 49 -30.07 -10.96 7.95
CA ILE B 49 -29.12 -10.99 9.07
C ILE B 49 -28.34 -9.67 9.21
N VAL B 50 -27.92 -9.09 8.08
CA VAL B 50 -27.16 -7.83 8.12
C VAL B 50 -28.05 -6.65 8.52
N LYS B 51 -29.32 -6.64 8.12
CA LYS B 51 -30.26 -5.61 8.58
C LYS B 51 -30.68 -5.80 10.06
N GLN B 52 -30.63 -7.04 10.56
CA GLN B 52 -30.89 -7.29 11.99
C GLN B 52 -29.70 -6.97 12.91
N MET B 53 -28.48 -7.31 12.48
CA MET B 53 -27.28 -6.95 13.25
C MET B 53 -26.93 -5.46 13.19
N LYS B 54 -27.35 -4.78 12.12
CA LYS B 54 -27.25 -3.33 12.04
C LYS B 54 -28.20 -2.69 13.03
N ILE B 55 -27.71 -1.66 13.74
CA ILE B 55 -28.55 -0.85 14.62
C ILE B 55 -29.43 -0.01 13.69
N ILE B 56 -30.72 0.06 13.97
CA ILE B 56 -31.72 0.51 12.99
C ILE B 56 -31.58 2.03 12.76
N HIS B 57 -30.84 2.38 11.71
CA HIS B 57 -30.49 3.79 11.43
C HIS B 57 -31.58 4.52 10.63
N GLU B 58 -31.62 5.84 10.85
CA GLU B 58 -32.34 6.77 9.99
C GLU B 58 -31.48 8.04 9.88
N ALA B 59 -30.63 8.08 8.86
CA ALA B 59 -29.67 9.17 8.65
C ALA B 59 -29.57 9.62 7.19
N GLY B 60 -30.69 9.53 6.46
CA GLY B 60 -30.75 9.95 5.06
C GLY B 60 -31.14 11.40 4.84
N TYR B 61 -31.68 12.05 5.88
CA TYR B 61 -32.29 13.38 5.78
C TYR B 61 -31.59 14.44 6.67
N SER B 62 -30.39 14.13 7.14
CA SER B 62 -29.65 15.03 8.03
C SER B 62 -29.19 16.30 7.31
N GLU B 63 -29.01 17.38 8.08
CA GLU B 63 -28.60 18.67 7.54
C GLU B 63 -27.07 18.81 7.37
N GLU B 64 -26.32 17.79 7.78
CA GLU B 64 -24.86 17.72 7.54
C GLU B 64 -24.50 16.94 6.26
N GLU B 65 -25.38 16.05 5.82
CA GLU B 65 -25.23 15.30 4.56
C GLU B 65 -25.92 16.01 3.37
N CYS B 66 -26.50 17.17 3.63
CA CYS B 66 -27.40 17.87 2.71
C CYS B 66 -26.74 18.19 1.36
N LYS B 67 -25.66 18.95 1.42
CA LYS B 67 -24.93 19.37 0.21
C LYS B 67 -24.26 18.20 -0.52
N GLN B 68 -23.96 17.12 0.21
CA GLN B 68 -23.37 15.93 -0.38
C GLN B 68 -24.32 15.29 -1.39
N TYR B 69 -25.52 14.86 -0.94
CA TYR B 69 -26.52 14.33 -1.88
C TYR B 69 -27.12 15.39 -2.84
N LYS B 70 -27.00 16.67 -2.51
CA LYS B 70 -27.26 17.75 -3.49
C LYS B 70 -26.30 17.65 -4.68
N ALA B 71 -25.01 17.53 -4.40
CA ALA B 71 -24.00 17.31 -5.44
C ALA B 71 -24.22 15.99 -6.20
N VAL B 72 -24.68 14.96 -5.48
CA VAL B 72 -25.03 13.67 -6.10
C VAL B 72 -26.21 13.83 -7.08
N VAL B 73 -27.31 14.43 -6.60
CA VAL B 73 -28.51 14.60 -7.44
C VAL B 73 -28.28 15.57 -8.61
N TYR B 74 -27.36 16.51 -8.45
CA TYR B 74 -26.92 17.36 -9.58
C TYR B 74 -26.09 16.56 -10.59
N SER B 75 -25.10 15.82 -10.10
CA SER B 75 -24.22 15.01 -10.97
C SER B 75 -24.99 13.96 -11.77
N ASN B 76 -25.95 13.29 -11.12
CA ASN B 76 -26.80 12.30 -11.80
C ASN B 76 -27.65 12.89 -12.92
N THR B 77 -28.21 14.09 -12.70
CA THR B 77 -29.01 14.78 -13.71
C THR B 77 -28.17 15.19 -14.92
N ILE B 78 -27.03 15.82 -14.68
CA ILE B 78 -26.12 16.20 -15.78
C ILE B 78 -25.50 14.99 -16.50
N GLN B 79 -25.14 13.94 -15.74
CA GLN B 79 -24.69 12.67 -16.33
C GLN B 79 -25.76 12.07 -17.25
N SER B 80 -26.99 12.00 -16.75
CA SER B 80 -28.11 11.42 -17.51
C SER B 80 -28.41 12.19 -18.79
N ILE B 81 -28.43 13.53 -18.71
CA ILE B 81 -28.70 14.36 -19.90
C ILE B 81 -27.56 14.28 -20.94
N ILE B 82 -26.29 14.29 -20.50
CA ILE B 82 -25.18 14.12 -21.47
C ILE B 82 -25.13 12.69 -22.05
N ALA B 83 -25.54 11.71 -21.26
CA ALA B 83 -25.66 10.33 -21.74
C ALA B 83 -26.73 10.21 -22.82
N ILE B 84 -27.88 10.84 -22.62
CA ILE B 84 -28.97 10.79 -23.60
C ILE B 84 -28.69 11.63 -24.86
N ILE B 85 -27.92 12.71 -24.73
CA ILE B 85 -27.44 13.44 -25.91
C ILE B 85 -26.39 12.64 -26.68
N ARG B 86 -25.53 11.91 -25.96
CA ARG B 86 -24.61 10.95 -26.59
C ARG B 86 -25.40 9.87 -27.34
N ALA B 87 -26.49 9.39 -26.73
CA ALA B 87 -27.39 8.43 -27.39
C ALA B 87 -28.08 9.02 -28.64
N MET B 88 -28.55 10.27 -28.54
CA MET B 88 -29.14 10.98 -29.69
C MET B 88 -28.12 11.21 -30.80
N GLY B 89 -26.87 11.47 -30.42
CA GLY B 89 -25.77 11.56 -31.37
C GLY B 89 -25.49 10.23 -32.06
N ARG B 90 -25.53 9.14 -31.28
CA ARG B 90 -25.35 7.78 -31.82
C ARG B 90 -26.58 7.22 -32.55
N LEU B 91 -27.71 7.91 -32.50
CA LEU B 91 -28.77 7.70 -33.50
C LEU B 91 -28.22 8.20 -34.83
N LYS B 92 -28.21 7.32 -35.83
CA LYS B 92 -27.44 7.55 -37.06
C LYS B 92 -28.00 8.65 -37.96
N ILE B 93 -29.30 8.95 -37.81
CA ILE B 93 -29.93 10.11 -38.44
C ILE B 93 -30.36 11.07 -37.34
N ASP B 94 -30.13 12.37 -37.57
CA ASP B 94 -30.44 13.41 -36.58
C ASP B 94 -31.95 13.50 -36.39
N PHE B 95 -32.36 13.64 -35.13
CA PHE B 95 -33.77 13.84 -34.79
C PHE B 95 -33.88 14.87 -33.67
N GLY B 96 -34.24 16.10 -34.05
CA GLY B 96 -34.36 17.25 -33.16
C GLY B 96 -35.75 17.84 -33.28
N ASP B 97 -35.82 19.09 -33.71
CA ASP B 97 -37.09 19.84 -33.84
C ASP B 97 -37.07 20.70 -35.13
N SER B 98 -38.10 21.51 -35.35
CA SER B 98 -38.15 22.41 -36.51
C SER B 98 -37.06 23.47 -36.43
N ALA B 99 -37.08 24.25 -35.35
CA ALA B 99 -36.00 25.19 -35.04
C ALA B 99 -34.85 24.42 -34.39
N ARG B 100 -33.84 24.07 -35.19
CA ARG B 100 -32.72 23.22 -34.73
C ARG B 100 -31.74 23.88 -33.75
N ALA B 101 -32.01 25.12 -33.37
CA ALA B 101 -31.18 25.84 -32.39
C ALA B 101 -31.18 25.22 -30.98
N ASP B 102 -32.14 24.35 -30.65
CA ASP B 102 -32.12 23.61 -29.36
C ASP B 102 -30.91 22.67 -29.25
N ASP B 103 -30.69 21.85 -30.28
CA ASP B 103 -29.55 20.91 -30.31
C ASP B 103 -28.20 21.62 -30.39
N ALA B 104 -28.15 22.77 -31.08
CA ALA B 104 -26.95 23.61 -31.13
C ALA B 104 -26.71 24.35 -29.81
N ARG B 105 -27.79 24.83 -29.18
CA ARG B 105 -27.72 25.49 -27.87
C ARG B 105 -27.34 24.52 -26.74
N GLN B 106 -27.63 23.23 -26.92
CA GLN B 106 -27.18 22.18 -26.00
C GLN B 106 -25.64 22.13 -25.89
N LEU B 107 -24.94 22.46 -26.98
CA LEU B 107 -23.47 22.52 -26.96
C LEU B 107 -22.87 23.62 -26.08
N PHE B 108 -23.64 24.66 -25.79
CA PHE B 108 -23.22 25.69 -24.83
C PHE B 108 -23.05 25.11 -23.41
N VAL B 109 -23.94 24.19 -23.02
CA VAL B 109 -23.88 23.55 -21.70
C VAL B 109 -23.14 22.20 -21.69
N LEU B 110 -22.99 21.57 -22.85
CA LEU B 110 -22.10 20.41 -22.98
C LEU B 110 -20.64 20.83 -22.77
N ALA B 111 -20.28 22.00 -23.32
CA ALA B 111 -19.01 22.67 -23.00
C ALA B 111 -19.08 23.37 -21.63
N GLY B 112 -20.28 23.88 -21.28
CA GLY B 112 -20.54 24.47 -19.96
C GLY B 112 -20.87 23.49 -18.84
N ALA B 113 -20.51 22.22 -19.00
CA ALA B 113 -20.63 21.21 -17.94
C ALA B 113 -19.35 21.07 -17.10
N ALA B 114 -18.55 22.14 -17.03
CA ALA B 114 -17.28 22.14 -16.31
C ALA B 114 -17.40 22.80 -14.92
N GLU B 115 -18.55 22.66 -14.27
CA GLU B 115 -18.78 23.15 -12.91
C GLU B 115 -19.31 22.02 -12.02
N GLU B 116 -19.10 22.19 -10.72
CA GLU B 116 -19.55 21.24 -9.69
C GLU B 116 -20.57 21.82 -8.70
N GLY B 117 -20.64 23.14 -8.58
CA GLY B 117 -21.42 23.81 -7.53
C GLY B 117 -22.89 23.94 -7.85
N PHE B 118 -23.44 25.11 -7.57
CA PHE B 118 -24.87 25.38 -7.79
C PHE B 118 -25.22 25.37 -9.27
N MET B 119 -26.46 24.98 -9.57
CA MET B 119 -26.93 24.84 -10.95
C MET B 119 -27.30 26.21 -11.50
N THR B 120 -27.06 26.39 -12.79
CA THR B 120 -27.23 27.66 -13.47
C THR B 120 -28.66 27.75 -14.03
N ALA B 121 -29.13 28.98 -14.22
CA ALA B 121 -30.40 29.22 -14.91
C ALA B 121 -30.31 28.89 -16.41
N GLU B 122 -29.10 28.94 -16.96
CA GLU B 122 -28.86 28.60 -18.36
C GLU B 122 -29.10 27.11 -18.62
N LEU B 123 -28.51 26.24 -17.79
CA LEU B 123 -28.66 24.78 -17.97
C LEU B 123 -30.10 24.30 -17.77
N ALA B 124 -30.78 24.85 -16.76
CA ALA B 124 -32.21 24.58 -16.55
C ALA B 124 -33.04 25.10 -17.74
N GLY B 125 -32.72 26.33 -18.17
CA GLY B 125 -33.36 26.96 -19.32
C GLY B 125 -33.18 26.26 -20.66
N VAL B 126 -32.10 25.49 -20.82
CA VAL B 126 -31.89 24.69 -22.04
C VAL B 126 -32.41 23.26 -21.93
N ILE B 127 -32.32 22.64 -20.74
CA ILE B 127 -32.92 21.31 -20.53
C ILE B 127 -34.46 21.35 -20.52
N LYS B 128 -35.06 22.50 -20.18
CA LYS B 128 -36.51 22.67 -20.32
C LYS B 128 -36.95 22.74 -21.79
N ARG B 129 -36.02 23.06 -22.69
CA ARG B 129 -36.23 22.94 -24.14
C ARG B 129 -35.90 21.52 -24.61
N LEU B 130 -34.86 20.92 -24.04
CA LEU B 130 -34.44 19.55 -24.39
C LEU B 130 -35.49 18.48 -24.06
N TRP B 131 -36.00 18.51 -22.84
CA TRP B 131 -37.05 17.55 -22.44
C TRP B 131 -38.41 17.88 -23.07
N LYS B 132 -38.61 19.14 -23.46
CA LYS B 132 -39.78 19.52 -24.27
C LYS B 132 -39.71 18.94 -25.69
N ASP B 133 -38.49 18.86 -26.24
CA ASP B 133 -38.27 18.23 -27.54
C ASP B 133 -38.61 16.75 -27.47
N SER B 134 -39.46 16.28 -28.37
CA SER B 134 -39.95 14.89 -28.36
C SER B 134 -38.94 13.85 -28.89
N GLY B 135 -37.84 14.31 -29.49
CA GLY B 135 -36.76 13.43 -29.95
C GLY B 135 -36.01 12.72 -28.84
N VAL B 136 -35.81 13.42 -27.72
CA VAL B 136 -35.05 12.86 -26.60
C VAL B 136 -35.78 11.68 -25.96
N GLN B 137 -37.12 11.72 -25.92
CA GLN B 137 -37.94 10.58 -25.47
C GLN B 137 -38.13 9.51 -26.55
N ALA B 138 -38.06 9.90 -27.82
CA ALA B 138 -38.07 8.94 -28.94
C ALA B 138 -36.83 8.06 -28.95
N CYS B 139 -35.68 8.63 -28.58
CA CYS B 139 -34.44 7.87 -28.39
C CYS B 139 -34.29 7.29 -26.98
N PHE B 140 -34.87 7.94 -25.97
CA PHE B 140 -34.78 7.50 -24.55
C PHE B 140 -35.48 6.17 -24.25
N ASN B 141 -36.62 5.92 -24.89
CA ASN B 141 -37.25 4.58 -24.83
C ASN B 141 -36.38 3.53 -25.54
N ARG B 142 -35.69 3.97 -26.58
CA ARG B 142 -34.71 3.15 -27.31
C ARG B 142 -33.31 3.11 -26.66
N SER B 143 -33.11 3.91 -25.61
CA SER B 143 -31.82 4.02 -24.92
C SER B 143 -31.47 2.80 -24.05
N ARG B 144 -32.46 1.95 -23.78
CA ARG B 144 -32.25 0.63 -23.14
C ARG B 144 -31.31 -0.32 -23.88
N GLU B 145 -31.25 -0.21 -25.21
CA GLU B 145 -30.25 -0.93 -26.03
C GLU B 145 -28.81 -0.47 -25.76
N TYR B 146 -28.66 0.76 -25.26
CA TYR B 146 -27.37 1.36 -24.94
C TYR B 146 -27.20 1.43 -23.41
N GLN B 147 -26.06 1.94 -22.96
CA GLN B 147 -25.84 2.24 -21.54
C GLN B 147 -26.75 3.40 -21.13
N LEU B 148 -27.46 3.23 -20.02
CA LEU B 148 -28.46 4.19 -19.56
C LEU B 148 -28.66 4.07 -18.06
N ASN B 149 -28.65 5.20 -17.36
CA ASN B 149 -29.01 5.24 -15.94
C ASN B 149 -30.54 5.14 -15.83
N ASP B 150 -31.00 4.27 -14.94
CA ASP B 150 -32.44 3.97 -14.81
C ASP B 150 -33.26 5.11 -14.18
N SER B 151 -32.60 5.97 -13.41
CA SER B 151 -33.28 7.10 -12.73
C SER B 151 -33.34 8.37 -13.60
N ALA B 152 -33.49 8.21 -14.92
CA ALA B 152 -33.40 9.33 -15.85
C ALA B 152 -34.68 10.16 -15.88
N ALA B 153 -35.80 9.51 -16.15
CA ALA B 153 -37.08 10.20 -16.39
C ALA B 153 -37.73 10.87 -15.17
N TYR B 154 -37.24 10.57 -13.96
CA TYR B 154 -37.81 11.14 -12.73
C TYR B 154 -37.54 12.65 -12.57
N TYR B 155 -36.27 13.04 -12.71
CA TYR B 155 -35.85 14.43 -12.46
C TYR B 155 -36.21 15.36 -13.61
N LEU B 156 -36.22 14.81 -14.82
CA LEU B 156 -36.38 15.60 -16.05
C LEU B 156 -37.84 15.99 -16.31
N ASN B 157 -38.76 15.35 -15.59
CA ASN B 157 -40.15 15.83 -15.47
C ASN B 157 -40.28 16.81 -14.30
N ASP B 158 -39.55 16.54 -13.21
CA ASP B 158 -39.60 17.35 -11.98
C ASP B 158 -38.45 18.37 -11.89
N LEU B 159 -38.05 18.94 -13.02
CA LEU B 159 -36.90 19.86 -13.09
C LEU B 159 -37.15 21.24 -12.46
N ASP B 160 -38.41 21.61 -12.24
CA ASP B 160 -38.76 22.91 -11.65
C ASP B 160 -38.42 22.98 -10.15
N ARG B 161 -38.64 21.88 -9.43
CA ARG B 161 -38.19 21.74 -8.04
C ARG B 161 -36.66 21.74 -7.94
N ILE B 162 -36.00 21.22 -8.97
CA ILE B 162 -34.54 21.25 -9.08
C ILE B 162 -34.08 22.69 -9.35
N ALA B 163 -34.83 23.40 -10.19
CA ALA B 163 -34.49 24.75 -10.64
C ALA B 163 -34.60 25.86 -9.59
N GLN B 164 -35.29 25.59 -8.48
CA GLN B 164 -35.30 26.53 -7.34
C GLN B 164 -33.90 26.58 -6.73
N PRO B 165 -33.33 27.80 -6.58
CA PRO B 165 -32.05 27.90 -5.86
C PRO B 165 -32.19 27.69 -4.35
N ASN B 166 -31.19 27.07 -3.74
CA ASN B 166 -31.14 26.81 -2.29
C ASN B 166 -32.28 25.91 -1.79
N TYR B 167 -32.54 24.85 -2.56
CA TYR B 167 -33.59 23.87 -2.25
C TYR B 167 -32.94 22.59 -1.73
N ILE B 168 -33.64 21.89 -0.84
CA ILE B 168 -33.14 20.68 -0.18
C ILE B 168 -34.03 19.50 -0.59
N PRO B 169 -33.45 18.48 -1.27
CA PRO B 169 -34.27 17.31 -1.60
C PRO B 169 -34.59 16.43 -0.38
N THR B 170 -35.56 15.54 -0.58
CA THR B 170 -36.13 14.74 0.51
C THR B 170 -35.42 13.39 0.65
N GLN B 171 -35.92 12.56 1.57
CA GLN B 171 -35.40 11.21 1.77
C GLN B 171 -35.72 10.28 0.59
N GLN B 172 -36.88 10.46 -0.03
CA GLN B 172 -37.34 9.65 -1.16
C GLN B 172 -36.42 9.75 -2.40
N ASP B 173 -36.01 10.97 -2.73
CA ASP B 173 -35.11 11.23 -3.87
C ASP B 173 -33.71 10.68 -3.58
N VAL B 174 -33.25 10.84 -2.34
CA VAL B 174 -31.98 10.28 -1.88
C VAL B 174 -32.00 8.75 -1.98
N LEU B 175 -33.04 8.12 -1.42
CA LEU B 175 -33.17 6.65 -1.51
C LEU B 175 -33.41 6.14 -2.95
N ARG B 176 -33.90 7.01 -3.84
CA ARG B 176 -33.90 6.71 -5.27
C ARG B 176 -32.48 6.75 -5.87
N THR B 177 -31.62 7.66 -5.38
CA THR B 177 -30.22 7.76 -5.87
C THR B 177 -29.30 6.68 -5.29
N ARG B 178 -29.39 6.44 -3.98
CA ARG B 178 -28.38 5.68 -3.24
C ARG B 178 -28.54 4.15 -3.24
N VAL B 179 -29.19 3.60 -4.27
CA VAL B 179 -29.20 2.15 -4.51
C VAL B 179 -28.11 1.82 -5.54
N LYS B 180 -27.12 1.05 -5.11
CA LYS B 180 -25.99 0.64 -5.95
C LYS B 180 -26.15 -0.83 -6.34
N THR B 181 -25.51 -1.22 -7.44
CA THR B 181 -25.69 -2.54 -8.03
C THR B 181 -24.62 -3.53 -7.52
N THR B 182 -23.36 -3.22 -7.78
CA THR B 182 -22.24 -4.12 -7.50
C THR B 182 -21.09 -3.34 -6.84
N GLY B 183 -20.34 -4.02 -5.96
CA GLY B 183 -19.18 -3.44 -5.28
C GLY B 183 -19.00 -4.03 -3.89
N ILE B 184 -18.77 -3.16 -2.91
CA ILE B 184 -18.77 -3.55 -1.50
C ILE B 184 -19.84 -2.74 -0.77
N VAL B 185 -20.81 -3.44 -0.18
CA VAL B 185 -21.81 -2.83 0.70
C VAL B 185 -21.24 -2.86 2.12
N GLU B 186 -20.28 -1.97 2.36
CA GLU B 186 -19.56 -1.91 3.63
C GLU B 186 -20.43 -1.18 4.66
N THR B 187 -20.97 -1.93 5.61
CA THR B 187 -21.70 -1.36 6.75
C THR B 187 -20.88 -1.52 8.02
N HIS B 188 -21.24 -0.77 9.06
CA HIS B 188 -20.51 -0.80 10.32
C HIS B 188 -21.35 -0.23 11.45
N PHE B 189 -21.16 -0.79 12.64
CA PHE B 189 -21.86 -0.34 13.84
C PHE B 189 -20.93 -0.45 15.05
N THR B 190 -21.45 -0.10 16.23
CA THR B 190 -20.73 -0.26 17.49
C THR B 190 -21.67 -0.89 18.50
N PHE B 191 -21.42 -2.16 18.87
CA PHE B 191 -22.26 -2.89 19.82
C PHE B 191 -21.45 -3.32 21.05
N LYS B 192 -22.07 -3.19 22.22
CA LYS B 192 -21.46 -3.54 23.50
C LYS B 192 -20.10 -2.86 23.69
N ASP B 193 -20.11 -1.54 23.47
CA ASP B 193 -18.91 -0.68 23.43
C ASP B 193 -17.71 -1.15 22.58
N LEU B 194 -17.95 -2.05 21.62
CA LEU B 194 -16.93 -2.46 20.64
C LEU B 194 -17.43 -2.13 19.24
N HIS B 195 -16.54 -1.59 18.40
CA HIS B 195 -16.85 -1.23 17.03
C HIS B 195 -16.67 -2.43 16.11
N PHE B 196 -17.53 -2.53 15.09
CA PHE B 196 -17.51 -3.63 14.14
C PHE B 196 -17.81 -3.13 12.73
N LYS B 197 -16.96 -3.54 11.78
CA LYS B 197 -17.18 -3.33 10.36
C LYS B 197 -17.65 -4.64 9.75
N MET B 198 -18.29 -4.51 8.59
CA MET B 198 -18.96 -5.64 7.94
C MET B 198 -18.90 -5.44 6.43
N PHE B 199 -18.13 -6.30 5.76
CA PHE B 199 -17.96 -6.26 4.31
C PHE B 199 -18.73 -7.41 3.70
N ASP B 200 -18.82 -7.42 2.37
CA ASP B 200 -19.60 -8.42 1.64
C ASP B 200 -19.12 -8.61 0.20
N VAL B 201 -19.72 -9.60 -0.45
CA VAL B 201 -19.58 -9.83 -1.88
C VAL B 201 -20.98 -10.07 -2.47
N GLY B 202 -21.17 -9.63 -3.72
CA GLY B 202 -22.44 -9.79 -4.43
C GLY B 202 -22.28 -10.52 -5.75
N ALA B 203 -21.47 -11.58 -5.74
CA ALA B 203 -21.11 -12.35 -6.93
C ALA B 203 -20.56 -11.45 -8.05
N GLN B 204 -19.40 -10.84 -7.78
CA GLN B 204 -18.75 -9.92 -8.72
C GLN B 204 -18.25 -10.64 -9.96
N ARG B 205 -17.59 -11.79 -9.74
CA ARG B 205 -16.99 -12.59 -10.80
C ARG B 205 -17.52 -14.03 -10.76
N SER B 206 -17.00 -14.88 -11.64
CA SER B 206 -17.37 -16.31 -11.69
C SER B 206 -16.79 -17.07 -10.49
N GLU B 207 -15.46 -17.02 -10.34
CA GLU B 207 -14.75 -17.65 -9.22
C GLU B 207 -13.80 -16.66 -8.57
N ARG B 208 -13.62 -16.80 -7.26
CA ARG B 208 -12.66 -15.99 -6.52
C ARG B 208 -11.25 -16.51 -6.79
N LYS B 209 -10.31 -15.57 -6.98
CA LYS B 209 -8.96 -15.87 -7.48
C LYS B 209 -7.89 -14.90 -6.95
N LYS B 210 -8.14 -13.59 -7.09
CA LYS B 210 -7.14 -12.56 -6.79
C LYS B 210 -7.40 -11.79 -5.51
N TRP B 211 -8.59 -11.19 -5.39
CA TRP B 211 -8.89 -10.22 -4.31
C TRP B 211 -9.02 -10.79 -2.89
N ILE B 212 -8.98 -12.11 -2.73
CA ILE B 212 -9.11 -12.75 -1.42
C ILE B 212 -7.89 -12.46 -0.56
N HIS B 213 -6.72 -12.38 -1.21
CA HIS B 213 -5.46 -12.04 -0.52
C HIS B 213 -5.42 -10.61 0.01
N CYS B 214 -6.27 -9.72 -0.53
CA CYS B 214 -6.42 -8.36 0.00
C CYS B 214 -6.98 -8.35 1.42
N PHE B 215 -7.84 -9.31 1.74
CA PHE B 215 -8.37 -9.49 3.10
C PHE B 215 -7.54 -10.54 3.84
N GLU B 216 -6.36 -10.12 4.30
CA GLU B 216 -5.39 -11.02 4.93
C GLU B 216 -5.55 -11.02 6.45
N GLY B 217 -5.33 -9.86 7.07
CA GLY B 217 -5.33 -9.72 8.53
C GLY B 217 -6.71 -9.51 9.11
N VAL B 218 -7.63 -10.41 8.78
CA VAL B 218 -9.03 -10.33 9.20
C VAL B 218 -9.21 -11.28 10.38
N THR B 219 -9.84 -10.79 11.44
CA THR B 219 -9.99 -11.55 12.69
C THR B 219 -11.05 -12.64 12.62
N ALA B 220 -12.12 -12.40 11.87
CA ALA B 220 -13.22 -13.36 11.73
C ALA B 220 -13.84 -13.35 10.33
N ILE B 221 -14.28 -14.53 9.89
CA ILE B 221 -14.99 -14.69 8.61
C ILE B 221 -16.28 -15.47 8.88
N ILE B 222 -17.41 -14.90 8.48
CA ILE B 222 -18.72 -15.45 8.77
C ILE B 222 -19.31 -16.06 7.49
N PHE B 223 -19.50 -17.38 7.52
CA PHE B 223 -20.19 -18.10 6.45
C PHE B 223 -21.64 -18.32 6.85
N CYS B 224 -22.56 -18.14 5.89
CA CYS B 224 -23.98 -18.39 6.12
C CYS B 224 -24.50 -19.46 5.16
N VAL B 225 -25.38 -20.33 5.67
CA VAL B 225 -26.03 -21.37 4.88
C VAL B 225 -27.52 -21.40 5.21
N ALA B 226 -28.36 -21.17 4.20
CA ALA B 226 -29.78 -21.49 4.29
C ALA B 226 -29.92 -23.00 4.14
N LEU B 227 -30.15 -23.69 5.25
CA LEU B 227 -30.07 -25.17 5.28
C LEU B 227 -31.23 -25.89 4.57
N SER B 228 -32.30 -25.16 4.22
CA SER B 228 -33.37 -25.70 3.38
C SER B 228 -33.09 -25.48 1.88
N ASP B 229 -31.88 -25.88 1.45
CA ASP B 229 -31.41 -25.70 0.06
C ASP B 229 -31.04 -27.00 -0.68
N TYR B 230 -31.00 -28.13 0.04
CA TYR B 230 -30.73 -29.45 -0.56
C TYR B 230 -31.71 -29.83 -1.68
N ASP B 231 -32.97 -29.46 -1.51
CA ASP B 231 -34.04 -29.75 -2.48
C ASP B 231 -34.30 -28.61 -3.49
N LEU B 232 -33.69 -27.45 -3.26
CA LEU B 232 -33.78 -26.31 -4.18
C LEU B 232 -32.78 -26.53 -5.32
N VAL B 233 -33.20 -26.16 -6.53
CA VAL B 233 -32.51 -26.55 -7.76
C VAL B 233 -31.40 -25.58 -8.12
N LEU B 234 -30.17 -26.09 -8.25
CA LEU B 234 -29.08 -25.32 -8.84
C LEU B 234 -29.32 -25.26 -10.36
N ALA B 235 -29.95 -24.18 -10.80
CA ALA B 235 -30.38 -24.01 -12.20
C ALA B 235 -29.27 -23.48 -13.14
N GLU B 236 -28.03 -23.95 -12.92
CA GLU B 236 -26.91 -23.76 -13.85
C GLU B 236 -26.22 -25.08 -14.25
N ASP B 237 -26.73 -26.21 -13.77
CA ASP B 237 -26.18 -27.54 -14.07
C ASP B 237 -27.27 -28.58 -13.77
N GLU B 238 -27.09 -29.80 -14.26
CA GLU B 238 -28.03 -30.89 -13.98
C GLU B 238 -27.94 -31.37 -12.52
N GLU B 239 -26.79 -31.15 -11.88
CA GLU B 239 -26.64 -31.39 -10.45
C GLU B 239 -27.50 -30.39 -9.67
N MET B 240 -28.61 -30.90 -9.13
CA MET B 240 -29.61 -30.10 -8.43
C MET B 240 -29.10 -29.52 -7.11
N ASN B 241 -28.17 -30.24 -6.47
CA ASN B 241 -27.65 -29.88 -5.13
C ASN B 241 -26.96 -28.51 -5.04
N ARG B 242 -27.68 -27.53 -4.49
CA ARG B 242 -27.12 -26.20 -4.21
C ARG B 242 -26.19 -26.20 -2.99
N MET B 243 -26.40 -27.15 -2.09
CA MET B 243 -25.56 -27.33 -0.89
C MET B 243 -24.09 -27.66 -1.22
N HIS B 244 -23.87 -28.55 -2.18
CA HIS B 244 -22.53 -29.09 -2.46
C HIS B 244 -21.53 -28.07 -3.01
N ALA B 245 -22.02 -27.18 -3.87
CA ALA B 245 -21.19 -26.08 -4.40
C ALA B 245 -20.75 -25.14 -3.28
N SER B 246 -21.68 -24.80 -2.38
CA SER B 246 -21.37 -23.96 -1.20
C SER B 246 -20.40 -24.66 -0.24
N MET B 247 -20.57 -25.97 -0.08
CA MET B 247 -19.64 -26.79 0.71
C MET B 247 -18.24 -26.83 0.08
N LYS B 248 -18.18 -27.00 -1.24
CA LYS B 248 -16.89 -27.03 -1.96
C LYS B 248 -16.14 -25.71 -1.87
N LEU B 249 -16.85 -24.60 -2.06
CA LEU B 249 -16.23 -23.29 -1.96
C LEU B 249 -15.85 -22.95 -0.51
N PHE B 250 -16.67 -23.38 0.45
CA PHE B 250 -16.30 -23.33 1.88
C PHE B 250 -15.02 -24.12 2.17
N ASP B 251 -14.90 -25.30 1.57
CA ASP B 251 -13.69 -26.12 1.69
C ASP B 251 -12.46 -25.43 1.05
N SER B 252 -12.67 -24.71 -0.04
CA SER B 252 -11.60 -23.89 -0.65
C SER B 252 -11.19 -22.71 0.23
N ILE B 253 -12.12 -22.18 1.04
CA ILE B 253 -11.79 -21.16 2.05
C ILE B 253 -10.94 -21.77 3.16
N CYS B 254 -11.39 -22.91 3.72
CA CYS B 254 -10.72 -23.50 4.90
C CYS B 254 -9.30 -24.04 4.64
N ASN B 255 -9.00 -24.39 3.38
CA ASN B 255 -7.65 -24.83 2.97
C ASN B 255 -6.84 -23.73 2.27
N ASN B 256 -7.32 -22.49 2.30
CA ASN B 256 -6.60 -21.35 1.73
C ASN B 256 -5.37 -21.03 2.60
N LYS B 257 -4.22 -20.85 1.95
CA LYS B 257 -2.95 -20.59 2.66
C LYS B 257 -2.89 -19.23 3.36
N TRP B 258 -3.66 -18.25 2.88
CA TRP B 258 -3.81 -16.97 3.57
C TRP B 258 -4.62 -17.12 4.86
N PHE B 259 -5.54 -18.09 4.88
CA PHE B 259 -6.38 -18.36 6.06
C PHE B 259 -6.00 -19.65 6.78
N THR B 260 -5.01 -19.53 7.66
CA THR B 260 -4.61 -20.60 8.60
C THR B 260 -4.73 -20.20 10.08
N ASP B 261 -5.10 -18.94 10.35
CA ASP B 261 -5.26 -18.42 11.71
C ASP B 261 -6.57 -17.64 11.95
N THR B 262 -7.43 -17.57 10.94
CA THR B 262 -8.65 -16.76 10.98
C THR B 262 -9.83 -17.67 11.31
N SER B 263 -10.50 -17.41 12.43
CA SER B 263 -11.65 -18.20 12.85
C SER B 263 -12.85 -17.94 11.95
N ILE B 264 -13.69 -18.97 11.82
CA ILE B 264 -14.92 -18.88 11.05
C ILE B 264 -16.14 -18.87 11.98
N ILE B 265 -17.23 -18.24 11.53
CA ILE B 265 -18.51 -18.29 12.23
C ILE B 265 -19.58 -18.76 11.24
N LEU B 266 -20.22 -19.88 11.56
CA LEU B 266 -21.16 -20.55 10.68
C LEU B 266 -22.58 -20.22 11.10
N PHE B 267 -23.40 -19.78 10.13
CA PHE B 267 -24.82 -19.49 10.38
C PHE B 267 -25.75 -20.43 9.64
N LEU B 268 -26.84 -20.79 10.33
CA LEU B 268 -27.98 -21.48 9.74
C LEU B 268 -29.17 -20.52 9.86
N ASN B 269 -29.55 -19.92 8.73
CA ASN B 269 -30.55 -18.83 8.72
C ASN B 269 -31.90 -19.19 8.07
N LYS B 270 -32.03 -20.42 7.56
CA LYS B 270 -33.32 -20.95 7.09
C LYS B 270 -33.59 -22.34 7.64
N LYS B 271 -33.99 -22.36 8.91
CA LYS B 271 -34.39 -23.55 9.64
C LYS B 271 -35.90 -23.55 9.96
N ASP B 272 -36.51 -22.36 10.11
CA ASP B 272 -37.91 -22.24 10.52
C ASP B 272 -38.87 -22.73 9.43
N LEU B 273 -38.57 -22.37 8.18
CA LEU B 273 -39.29 -22.94 7.03
C LEU B 273 -38.94 -24.42 6.85
N PHE B 274 -37.71 -24.79 7.18
CA PHE B 274 -37.29 -26.20 7.21
C PHE B 274 -38.07 -27.04 8.22
N GLU B 275 -38.44 -26.43 9.35
CA GLU B 275 -39.18 -27.12 10.42
C GLU B 275 -40.58 -27.58 10.02
N GLU B 276 -41.20 -26.89 9.05
CA GLU B 276 -42.47 -27.36 8.46
C GLU B 276 -42.27 -28.24 7.22
N LYS B 277 -41.21 -27.98 6.44
CA LYS B 277 -40.98 -28.69 5.18
C LYS B 277 -40.37 -30.09 5.34
N ILE B 278 -39.71 -30.32 6.48
CA ILE B 278 -39.20 -31.64 6.87
C ILE B 278 -40.24 -32.79 6.78
N LYS B 279 -41.51 -32.45 7.00
CA LYS B 279 -42.60 -33.44 6.99
C LYS B 279 -42.87 -33.93 5.56
N LYS B 280 -43.10 -32.97 4.65
CA LYS B 280 -43.31 -33.26 3.23
C LYS B 280 -42.02 -33.63 2.51
N SER B 281 -40.94 -32.89 2.78
CA SER B 281 -39.62 -33.14 2.21
C SER B 281 -38.61 -33.47 3.30
N PRO B 282 -38.51 -34.77 3.69
CA PRO B 282 -37.47 -35.17 4.63
C PRO B 282 -36.07 -35.29 4.02
N LEU B 283 -35.15 -35.84 4.80
CA LEU B 283 -33.77 -36.16 4.40
C LEU B 283 -33.57 -37.20 3.26
N THR B 284 -34.64 -37.67 2.64
CA THR B 284 -34.55 -38.64 1.54
C THR B 284 -33.99 -38.09 0.21
N ILE B 285 -33.79 -36.76 0.12
CA ILE B 285 -33.26 -36.12 -1.10
C ILE B 285 -31.77 -35.74 -0.98
N CYS B 286 -31.37 -35.20 0.17
CA CYS B 286 -30.01 -34.70 0.38
C CYS B 286 -28.94 -35.79 0.31
N TYR B 287 -29.03 -36.76 1.22
CA TYR B 287 -28.07 -37.86 1.30
C TYR B 287 -28.76 -39.22 1.50
N PRO B 288 -28.34 -40.25 0.73
CA PRO B 288 -28.86 -41.60 0.94
C PRO B 288 -28.16 -42.44 2.04
N GLU B 289 -27.21 -41.86 2.78
CA GLU B 289 -26.40 -42.61 3.76
C GLU B 289 -26.76 -42.38 5.23
N TYR B 290 -27.60 -41.39 5.54
CA TYR B 290 -28.06 -41.17 6.90
C TYR B 290 -29.15 -42.18 7.26
N ALA B 291 -28.72 -43.32 7.83
CA ALA B 291 -29.62 -44.36 8.31
C ALA B 291 -29.98 -44.21 9.80
N GLY B 292 -29.72 -43.04 10.38
CA GLY B 292 -29.93 -42.79 11.81
C GLY B 292 -31.39 -42.63 12.20
N SER B 293 -32.05 -41.64 11.60
CA SER B 293 -33.42 -41.27 11.95
C SER B 293 -34.10 -40.49 10.82
N ASN B 294 -35.33 -40.04 11.07
CA ASN B 294 -36.11 -39.21 10.14
C ASN B 294 -36.29 -37.75 10.61
N THR B 295 -36.38 -37.54 11.92
CA THR B 295 -36.84 -36.27 12.48
C THR B 295 -35.79 -35.16 12.32
N TYR B 296 -36.22 -33.93 12.61
CA TYR B 296 -35.47 -32.70 12.24
C TYR B 296 -34.35 -32.34 13.22
N GLU B 297 -34.65 -32.46 14.51
CA GLU B 297 -33.79 -31.95 15.59
C GLU B 297 -32.44 -32.68 15.76
N GLU B 298 -32.32 -33.88 15.19
CA GLU B 298 -31.04 -34.63 15.17
C GLU B 298 -30.38 -34.66 13.78
N ALA B 299 -31.20 -34.75 12.73
CA ALA B 299 -30.69 -34.65 11.34
C ALA B 299 -30.06 -33.29 11.04
N ALA B 300 -30.59 -32.23 11.68
CA ALA B 300 -29.99 -30.89 11.61
C ALA B 300 -28.57 -30.85 12.19
N ALA B 301 -28.40 -31.47 13.36
CA ALA B 301 -27.07 -31.60 13.97
C ALA B 301 -26.15 -32.52 13.17
N TYR B 302 -26.72 -33.56 12.54
CA TYR B 302 -25.96 -34.45 11.68
C TYR B 302 -25.44 -33.72 10.44
N ILE B 303 -26.29 -32.92 9.78
CA ILE B 303 -25.84 -32.14 8.63
C ILE B 303 -24.88 -31.01 9.06
N GLN B 304 -25.04 -30.50 10.29
CA GLN B 304 -24.07 -29.58 10.89
C GLN B 304 -22.68 -30.21 11.02
N CYS B 305 -22.59 -31.40 11.61
CA CYS B 305 -21.31 -32.10 11.74
C CYS B 305 -20.76 -32.61 10.41
N GLN B 306 -21.67 -32.98 9.49
CA GLN B 306 -21.29 -33.36 8.12
C GLN B 306 -20.83 -32.15 7.29
N PHE B 307 -21.25 -30.94 7.70
CA PHE B 307 -20.66 -29.68 7.21
C PHE B 307 -19.31 -29.41 7.88
N GLU B 308 -19.24 -29.67 9.19
CA GLU B 308 -18.08 -29.32 10.02
C GLU B 308 -16.82 -30.16 9.79
N ASP B 309 -17.01 -31.44 9.46
CA ASP B 309 -15.87 -32.37 9.29
C ASP B 309 -15.06 -32.24 7.97
N LEU B 310 -15.33 -31.19 7.18
CA LEU B 310 -14.55 -30.90 5.97
C LEU B 310 -13.25 -30.13 6.26
N ASN B 311 -13.06 -29.71 7.51
CA ASN B 311 -11.83 -29.06 7.95
C ASN B 311 -10.63 -30.00 7.81
N LYS B 312 -9.79 -29.74 6.80
CA LYS B 312 -8.65 -30.60 6.47
C LYS B 312 -7.45 -30.28 7.34
N ARG B 313 -7.09 -31.22 8.21
CA ARG B 313 -5.80 -31.22 8.94
C ARG B 313 -5.56 -29.97 9.81
N LYS B 314 -6.63 -29.44 10.41
CA LYS B 314 -6.52 -28.26 11.28
C LYS B 314 -7.30 -28.42 12.57
N ASP B 315 -6.57 -28.35 13.69
CA ASP B 315 -7.16 -28.23 15.02
C ASP B 315 -6.86 -26.84 15.63
N THR B 316 -6.66 -25.84 14.76
CA THR B 316 -6.51 -24.44 15.16
C THR B 316 -7.54 -23.53 14.48
N LYS B 317 -8.62 -24.11 13.95
CA LYS B 317 -9.73 -23.38 13.34
C LYS B 317 -11.00 -23.68 14.11
N GLU B 318 -11.44 -22.69 14.89
CA GLU B 318 -12.52 -22.87 15.85
C GLU B 318 -13.86 -22.59 15.18
N ILE B 319 -14.46 -23.65 14.64
CA ILE B 319 -15.71 -23.55 13.89
C ILE B 319 -16.85 -23.41 14.89
N TYR B 320 -17.52 -22.26 14.86
CA TYR B 320 -18.66 -22.00 15.75
C TYR B 320 -19.96 -21.99 14.95
N THR B 321 -20.98 -22.60 15.53
CA THR B 321 -22.28 -22.79 14.87
C THR B 321 -23.37 -22.01 15.59
N HIS B 322 -24.52 -21.93 14.94
CA HIS B 322 -25.71 -21.29 15.47
C HIS B 322 -26.93 -21.84 14.73
N PHE B 323 -28.11 -21.39 15.12
CA PHE B 323 -29.35 -21.65 14.38
C PHE B 323 -30.05 -20.32 14.10
N THR B 324 -31.31 -20.38 13.67
CA THR B 324 -32.10 -19.18 13.40
C THR B 324 -32.50 -18.46 14.68
N CYS B 325 -32.98 -17.23 14.50
CA CYS B 325 -33.48 -16.42 15.60
C CYS B 325 -34.47 -15.38 15.10
N SER B 326 -35.48 -15.08 15.92
CA SER B 326 -36.49 -14.07 15.59
C SER B 326 -36.05 -12.71 16.11
N THR B 327 -35.81 -12.62 17.42
CA THR B 327 -35.22 -11.44 18.05
C THR B 327 -33.71 -11.65 18.12
N ASP B 328 -32.98 -11.08 17.16
CA ASP B 328 -31.54 -11.35 16.97
C ASP B 328 -30.57 -10.68 17.97
N THR B 329 -31.09 -10.21 19.10
CA THR B 329 -30.27 -9.53 20.11
C THR B 329 -29.32 -10.54 20.78
N LYS B 330 -29.89 -11.67 21.20
CA LYS B 330 -29.11 -12.83 21.66
C LYS B 330 -28.20 -13.44 20.56
N ASN B 331 -28.65 -13.39 19.30
CA ASN B 331 -27.83 -13.83 18.16
C ASN B 331 -26.56 -13.00 18.02
N VAL B 332 -26.72 -11.68 17.96
CA VAL B 332 -25.57 -10.77 17.88
C VAL B 332 -24.74 -10.77 19.18
N GLN B 333 -25.40 -11.05 20.31
CA GLN B 333 -24.70 -11.29 21.57
C GLN B 333 -23.83 -12.55 21.50
N PHE B 334 -24.33 -13.60 20.84
CA PHE B 334 -23.53 -14.80 20.60
C PHE B 334 -22.31 -14.52 19.71
N VAL B 335 -22.50 -13.75 18.64
CA VAL B 335 -21.37 -13.45 17.74
C VAL B 335 -20.38 -12.47 18.39
N PHE B 336 -20.90 -11.60 19.26
CA PHE B 336 -20.07 -10.79 20.16
C PHE B 336 -19.18 -11.68 21.06
N ASP B 337 -19.81 -12.69 21.67
CA ASP B 337 -19.08 -13.67 22.51
C ASP B 337 -18.02 -14.44 21.71
N ALA B 338 -18.37 -14.84 20.49
CA ALA B 338 -17.43 -15.57 19.62
C ALA B 338 -16.22 -14.73 19.21
N VAL B 339 -16.46 -13.50 18.79
CA VAL B 339 -15.36 -12.59 18.38
C VAL B 339 -14.48 -12.17 19.56
N THR B 340 -15.08 -11.97 20.74
CA THR B 340 -14.28 -11.69 21.96
C THR B 340 -13.50 -12.94 22.43
N ASP B 341 -14.06 -14.13 22.19
CA ASP B 341 -13.35 -15.40 22.42
C ASP B 341 -12.08 -15.47 21.56
N VAL B 342 -12.21 -15.23 20.26
CA VAL B 342 -11.05 -15.32 19.36
C VAL B 342 -10.03 -14.20 19.60
N ILE B 343 -10.50 -12.99 19.93
CA ILE B 343 -9.55 -11.91 20.24
C ILE B 343 -8.85 -12.08 21.60
N ILE B 344 -9.54 -12.62 22.62
CA ILE B 344 -8.85 -12.95 23.89
C ILE B 344 -7.86 -14.10 23.71
N LYS B 345 -8.20 -15.06 22.85
CA LYS B 345 -7.26 -16.12 22.45
C LYS B 345 -6.00 -15.56 21.77
N ASN B 346 -6.22 -14.68 20.80
CA ASN B 346 -5.13 -13.94 20.13
C ASN B 346 -4.33 -13.09 21.12
N ASN B 347 -5.01 -12.48 22.10
CA ASN B 347 -4.37 -11.65 23.12
C ASN B 347 -3.45 -12.46 24.02
N LEU B 348 -3.94 -13.61 24.50
CA LEU B 348 -3.11 -14.53 25.30
C LEU B 348 -2.00 -15.21 24.48
N LYS B 349 -2.24 -15.38 23.18
CA LYS B 349 -1.20 -15.86 22.25
C LYS B 349 -0.05 -14.84 22.17
N ASP B 350 -0.41 -13.58 21.95
CA ASP B 350 0.57 -12.48 21.89
C ASP B 350 1.24 -12.23 23.26
N CYS B 351 0.51 -12.45 24.34
CA CYS B 351 1.08 -12.41 25.70
C CYS B 351 2.07 -13.55 25.91
N GLY B 352 1.80 -14.70 25.29
CA GLY B 352 2.72 -15.85 25.29
C GLY B 352 2.46 -16.87 26.38
N LEU B 353 1.21 -16.98 26.82
CA LEU B 353 0.80 -17.94 27.85
C LEU B 353 -0.13 -19.05 27.31
N PHE B 354 -0.29 -19.12 25.99
CA PHE B 354 -0.97 -20.25 25.35
C PHE B 354 -0.44 -20.44 23.93
N SER C 13 -25.94 -25.32 -39.07
CA SER C 13 -24.71 -25.39 -38.22
C SER C 13 -23.60 -24.41 -38.65
N GLU C 14 -24.01 -23.17 -38.96
CA GLU C 14 -23.08 -22.14 -39.48
C GLU C 14 -22.01 -21.71 -38.49
N LEU C 15 -22.34 -21.79 -37.20
CA LEU C 15 -21.38 -21.55 -36.11
C LEU C 15 -20.19 -22.53 -36.16
N ASP C 16 -20.47 -23.79 -36.52
CA ASP C 16 -19.43 -24.82 -36.67
C ASP C 16 -18.58 -24.58 -37.92
N GLN C 17 -19.21 -24.06 -38.98
CA GLN C 17 -18.51 -23.71 -40.23
C GLN C 17 -17.58 -22.51 -40.01
N LEU C 18 -18.07 -21.48 -39.32
CA LEU C 18 -17.25 -20.30 -39.04
C LEU C 18 -16.16 -20.56 -37.98
N ARG C 19 -16.39 -21.46 -37.02
CA ARG C 19 -15.32 -21.88 -36.10
C ARG C 19 -14.29 -22.81 -36.78
N GLN C 20 -14.74 -23.57 -37.79
CA GLN C 20 -13.79 -24.28 -38.68
C GLN C 20 -12.90 -23.29 -39.44
N GLU C 21 -13.50 -22.23 -39.97
CA GLU C 21 -12.73 -21.16 -40.64
C GLU C 21 -11.85 -20.36 -39.66
N ALA C 22 -12.34 -20.22 -38.41
CA ALA C 22 -11.52 -19.65 -37.33
C ALA C 22 -10.30 -20.53 -37.03
N GLU C 23 -10.52 -21.84 -36.95
CA GLU C 23 -9.42 -22.81 -36.74
C GLU C 23 -8.39 -22.76 -37.86
N GLN C 24 -8.84 -22.74 -39.11
CA GLN C 24 -7.93 -22.66 -40.26
C GLN C 24 -7.25 -21.28 -40.36
N LEU C 25 -7.91 -20.21 -39.90
CA LEU C 25 -7.25 -18.89 -39.79
C LEU C 25 -6.20 -18.85 -38.68
N LYS C 26 -6.45 -19.57 -37.58
CA LYS C 26 -5.41 -19.80 -36.56
C LYS C 26 -4.24 -20.59 -37.14
N ASN C 27 -4.55 -21.58 -37.99
CA ASN C 27 -3.54 -22.29 -38.79
C ASN C 27 -2.78 -21.34 -39.73
N GLN C 28 -3.49 -20.39 -40.34
CA GLN C 28 -2.84 -19.39 -41.20
C GLN C 28 -1.91 -18.42 -40.46
N ILE C 29 -2.33 -17.94 -39.29
CA ILE C 29 -1.46 -17.06 -38.47
C ILE C 29 -0.23 -17.81 -37.92
N ARG C 30 -0.41 -19.06 -37.50
CA ARG C 30 0.75 -19.89 -37.10
C ARG C 30 1.62 -20.28 -38.31
N ASP C 31 1.00 -20.42 -39.50
CA ASP C 31 1.75 -20.56 -40.76
C ASP C 31 2.60 -19.33 -41.07
N ALA C 32 2.00 -18.14 -40.96
CA ALA C 32 2.74 -16.88 -41.14
C ALA C 32 3.81 -16.67 -40.07
N ARG C 33 3.53 -17.11 -38.85
CA ARG C 33 4.48 -17.04 -37.74
C ARG C 33 5.68 -17.97 -37.95
N LYS C 34 5.43 -19.19 -38.41
CA LYS C 34 6.51 -20.13 -38.79
C LYS C 34 7.24 -19.69 -40.07
N ALA C 35 6.51 -19.06 -40.99
CA ALA C 35 7.08 -18.60 -42.27
C ALA C 35 8.05 -17.44 -42.09
N CYS C 36 7.63 -16.43 -41.34
CA CYS C 36 8.48 -15.26 -41.04
C CYS C 36 9.60 -15.56 -40.02
N ALA C 37 9.58 -16.75 -39.40
CA ALA C 37 10.69 -17.23 -38.57
C ALA C 37 11.85 -17.70 -39.44
N ASP C 38 13.01 -17.08 -39.27
CA ASP C 38 14.26 -17.51 -39.93
C ASP C 38 15.36 -17.90 -38.93
N ALA C 39 15.59 -17.05 -37.93
CA ALA C 39 16.64 -17.26 -36.94
C ALA C 39 16.29 -16.52 -35.65
N THR C 40 16.38 -17.22 -34.53
CA THR C 40 16.10 -16.62 -33.22
C THR C 40 17.23 -15.66 -32.82
N LEU C 41 16.95 -14.83 -31.82
CA LEU C 41 17.89 -13.78 -31.40
C LEU C 41 19.16 -14.29 -30.71
N SER C 42 19.11 -15.48 -30.12
CA SER C 42 20.21 -16.02 -29.30
C SER C 42 21.50 -16.30 -30.09
N GLN C 43 21.38 -16.96 -31.24
CA GLN C 43 22.57 -17.26 -32.09
C GLN C 43 23.12 -16.02 -32.82
N ILE C 44 22.29 -15.01 -33.03
CA ILE C 44 22.74 -13.70 -33.55
C ILE C 44 23.45 -12.92 -32.45
N THR C 45 22.98 -13.06 -31.20
CA THR C 45 23.58 -12.41 -30.04
C THR C 45 24.45 -13.37 -29.18
N ASN C 46 25.12 -14.30 -29.85
CA ASN C 46 26.10 -15.19 -29.20
C ASN C 46 27.45 -14.48 -29.01
N ASN C 47 27.73 -13.49 -29.85
CA ASN C 47 29.02 -12.79 -29.91
C ASN C 47 29.00 -11.40 -29.23
N ILE C 48 27.90 -11.08 -28.55
CA ILE C 48 27.77 -9.82 -27.80
C ILE C 48 28.64 -9.82 -26.55
N ASP C 49 28.86 -8.64 -26.00
CA ASP C 49 29.76 -8.45 -24.86
C ASP C 49 28.96 -8.44 -23.55
N PRO C 50 29.35 -9.28 -22.56
CA PRO C 50 28.67 -9.25 -21.27
C PRO C 50 29.05 -8.04 -20.40
N VAL C 51 28.09 -7.59 -19.58
CA VAL C 51 28.25 -6.42 -18.73
C VAL C 51 29.10 -6.79 -17.51
N GLY C 52 28.65 -7.79 -16.76
CA GLY C 52 29.38 -8.31 -15.59
C GLY C 52 28.56 -8.28 -14.32
N ARG C 53 29.16 -7.76 -13.24
CA ARG C 53 28.53 -7.74 -11.92
C ARG C 53 28.10 -6.33 -11.53
N ILE C 54 26.79 -6.14 -11.38
CA ILE C 54 26.16 -4.87 -11.08
C ILE C 54 25.39 -5.01 -9.77
N GLN C 55 25.82 -4.27 -8.76
CA GLN C 55 25.17 -4.25 -7.44
C GLN C 55 24.39 -2.95 -7.26
N MET C 56 23.29 -3.05 -6.50
CA MET C 56 22.51 -1.88 -6.12
C MET C 56 22.36 -1.87 -4.60
N ARG C 57 22.51 -0.68 -4.01
CA ARG C 57 22.29 -0.46 -2.59
C ARG C 57 21.03 0.39 -2.41
N THR C 58 20.29 0.13 -1.33
CA THR C 58 19.14 0.96 -0.96
C THR C 58 19.66 2.34 -0.59
N ARG C 59 19.31 3.34 -1.38
CA ARG C 59 19.86 4.69 -1.21
C ARG C 59 19.16 5.39 -0.06
N ARG C 60 17.85 5.54 -0.17
CA ARG C 60 17.01 6.10 0.90
C ARG C 60 15.86 5.16 1.24
N THR C 61 15.40 5.26 2.48
CA THR C 61 14.37 4.38 3.04
C THR C 61 13.12 5.19 3.33
N LEU C 62 11.95 4.60 3.10
CA LEU C 62 10.66 5.24 3.38
C LEU C 62 9.80 4.32 4.23
N ARG C 63 9.46 4.80 5.44
CA ARG C 63 8.82 3.98 6.48
C ARG C 63 7.56 4.61 7.08
N GLY C 64 6.79 5.33 6.28
CA GLY C 64 5.66 6.11 6.79
C GLY C 64 4.30 5.42 6.82
N HIS C 65 4.26 4.10 6.61
CA HIS C 65 3.00 3.37 6.45
C HIS C 65 2.65 2.46 7.62
N LEU C 66 1.43 1.93 7.59
CA LEU C 66 0.95 0.92 8.53
C LEU C 66 0.62 -0.39 7.81
N ALA C 67 -0.33 -0.32 6.88
CA ALA C 67 -0.80 -1.50 6.15
C ALA C 67 0.14 -1.86 4.99
N LYS C 68 -0.22 -2.90 4.24
CA LYS C 68 0.55 -3.34 3.07
C LYS C 68 0.47 -2.35 1.91
N ILE C 69 1.44 -2.44 1.01
CA ILE C 69 1.57 -1.53 -0.15
C ILE C 69 1.30 -2.31 -1.43
N TYR C 70 0.31 -1.85 -2.20
CA TYR C 70 -0.15 -2.53 -3.41
C TYR C 70 0.39 -1.93 -4.71
N ALA C 71 0.49 -0.61 -4.77
CA ALA C 71 0.92 0.07 -5.99
C ALA C 71 1.66 1.37 -5.72
N MET C 72 2.54 1.73 -6.66
CA MET C 72 3.27 2.99 -6.65
C MET C 72 3.36 3.50 -8.08
N HIS C 73 3.82 4.74 -8.23
CA HIS C 73 4.11 5.29 -9.55
C HIS C 73 5.09 6.45 -9.48
N TRP C 74 6.06 6.43 -10.39
CA TRP C 74 6.96 7.56 -10.60
C TRP C 74 6.25 8.69 -11.32
N GLY C 75 6.76 9.91 -11.15
CA GLY C 75 6.29 11.05 -11.92
C GLY C 75 6.97 11.12 -13.28
N THR C 76 6.90 12.29 -13.90
CA THR C 76 7.62 12.58 -15.14
C THR C 76 8.59 13.76 -14.93
N ASP C 77 9.05 13.93 -13.68
CA ASP C 77 10.10 14.90 -13.34
C ASP C 77 11.21 14.34 -12.43
N SER C 78 11.19 13.02 -12.17
CA SER C 78 12.09 12.36 -11.20
C SER C 78 12.16 13.04 -9.81
N ARG C 79 11.06 13.70 -9.41
CA ARG C 79 11.01 14.48 -8.17
C ARG C 79 10.05 13.84 -7.18
N LEU C 80 8.80 13.60 -7.62
CA LEU C 80 7.75 13.07 -6.77
C LEU C 80 7.51 11.59 -7.02
N LEU C 81 7.09 10.88 -5.97
CA LEU C 81 6.70 9.47 -6.05
C LEU C 81 5.35 9.30 -5.37
N VAL C 82 4.45 8.54 -6.00
CA VAL C 82 3.13 8.26 -5.43
C VAL C 82 3.10 6.81 -4.95
N SER C 83 2.35 6.56 -3.88
CA SER C 83 2.23 5.21 -3.31
C SER C 83 0.93 5.02 -2.54
N ALA C 84 0.25 3.91 -2.80
CA ALA C 84 -1.05 3.60 -2.21
C ALA C 84 -0.90 2.67 -1.01
N SER C 85 -1.64 2.97 0.05
CA SER C 85 -1.76 2.09 1.21
C SER C 85 -2.87 1.07 0.95
N GLN C 86 -3.21 0.32 1.99
CA GLN C 86 -4.47 -0.43 2.04
C GLN C 86 -5.32 -0.06 3.25
N ASP C 87 -4.89 0.96 4.00
CA ASP C 87 -5.63 1.46 5.17
C ASP C 87 -6.31 2.81 4.88
N GLY C 88 -6.72 3.00 3.63
CA GLY C 88 -7.40 4.22 3.20
C GLY C 88 -6.55 5.47 3.15
N LYS C 89 -5.24 5.31 2.97
CA LYS C 89 -4.32 6.45 2.78
C LYS C 89 -3.66 6.38 1.41
N LEU C 90 -3.19 7.54 0.95
CA LEU C 90 -2.51 7.68 -0.33
C LEU C 90 -1.50 8.80 -0.20
N ILE C 91 -0.21 8.44 -0.27
CA ILE C 91 0.88 9.35 0.09
C ILE C 91 1.84 9.56 -1.09
N ILE C 92 2.25 10.81 -1.28
CA ILE C 92 3.31 11.17 -2.22
C ILE C 92 4.54 11.62 -1.44
N TRP C 93 5.73 11.26 -1.95
CA TRP C 93 6.99 11.63 -1.31
C TRP C 93 7.84 12.47 -2.27
N ASP C 94 8.68 13.33 -1.70
CA ASP C 94 9.81 13.91 -2.43
C ASP C 94 10.90 12.82 -2.49
N SER C 95 11.57 12.73 -3.64
CA SER C 95 12.58 11.71 -3.86
C SER C 95 13.89 12.01 -3.13
N TYR C 96 14.36 13.25 -3.25
CA TYR C 96 15.69 13.62 -2.78
C TYR C 96 15.71 13.96 -1.30
N THR C 97 14.85 14.90 -0.91
CA THR C 97 14.75 15.36 0.48
C THR C 97 14.08 14.32 1.39
N THR C 98 13.33 13.38 0.81
CA THR C 98 12.64 12.30 1.52
C THR C 98 11.72 12.83 2.63
N ASN C 99 10.83 13.73 2.23
CA ASN C 99 9.84 14.32 3.12
C ASN C 99 8.44 13.96 2.62
N LYS C 100 7.52 13.79 3.58
CA LYS C 100 6.15 13.40 3.30
C LYS C 100 5.43 14.70 2.93
N VAL C 101 5.39 14.97 1.62
CA VAL C 101 4.88 16.26 1.12
C VAL C 101 3.36 16.36 1.19
N HIS C 102 2.66 15.30 0.77
CA HIS C 102 1.20 15.20 0.88
C HIS C 102 0.76 13.77 1.09
N ALA C 103 -0.35 13.61 1.81
CA ALA C 103 -0.92 12.30 2.11
C ALA C 103 -2.41 12.46 2.39
N ILE C 104 -3.23 11.85 1.53
CA ILE C 104 -4.67 12.09 1.54
C ILE C 104 -5.42 10.85 2.02
N PRO C 105 -6.56 11.03 2.72
CA PRO C 105 -7.46 9.91 2.95
C PRO C 105 -8.46 9.80 1.80
N LEU C 106 -9.23 8.71 1.80
CA LEU C 106 -10.35 8.57 0.87
C LEU C 106 -11.48 7.76 1.51
N ARG C 107 -12.66 7.82 0.89
CA ARG C 107 -13.88 7.26 1.49
C ARG C 107 -13.88 5.73 1.52
N SER C 108 -13.42 5.13 0.43
CA SER C 108 -13.18 3.67 0.39
C SER C 108 -11.85 3.37 1.09
N SER C 109 -11.56 2.08 1.28
CA SER C 109 -10.29 1.64 1.86
C SER C 109 -9.71 0.36 1.24
N TRP C 110 -10.08 0.08 -0.02
CA TRP C 110 -9.57 -1.07 -0.77
C TRP C 110 -9.13 -0.59 -2.14
N VAL C 111 -7.93 -0.02 -2.19
CA VAL C 111 -7.36 0.53 -3.42
C VAL C 111 -6.34 -0.44 -3.99
N MET C 112 -6.18 -0.42 -5.32
CA MET C 112 -5.29 -1.36 -6.02
C MET C 112 -4.35 -0.75 -7.08
N THR C 113 -4.45 0.55 -7.34
CA THR C 113 -3.67 1.18 -8.40
C THR C 113 -3.64 2.70 -8.27
N CYS C 114 -2.60 3.30 -8.83
CA CYS C 114 -2.51 4.75 -8.97
C CYS C 114 -1.90 5.12 -10.31
N ALA C 115 -1.99 6.41 -10.62
CA ALA C 115 -1.26 7.00 -11.73
C ALA C 115 -1.08 8.48 -11.44
N TYR C 116 0.12 8.98 -11.72
CA TYR C 116 0.45 10.39 -11.55
C TYR C 116 0.44 11.05 -12.93
N ALA C 117 0.17 12.35 -12.95
CA ALA C 117 0.06 13.08 -14.22
C ALA C 117 1.41 13.29 -14.91
N PRO C 118 1.42 13.27 -16.27
CA PRO C 118 2.63 13.68 -17.00
C PRO C 118 2.97 15.16 -16.83
N SER C 119 1.99 15.98 -16.47
CA SER C 119 2.22 17.38 -16.11
C SER C 119 2.75 17.48 -14.66
N GLY C 120 1.99 16.88 -13.74
CA GLY C 120 2.25 16.91 -12.30
C GLY C 120 1.23 17.70 -11.50
N ASN C 121 -0.04 17.60 -11.89
CA ASN C 121 -1.16 18.29 -11.23
C ASN C 121 -2.26 17.34 -10.74
N TYR C 122 -2.56 16.30 -11.52
CA TYR C 122 -3.58 15.31 -11.17
C TYR C 122 -2.99 13.97 -10.71
N VAL C 123 -3.65 13.40 -9.69
CA VAL C 123 -3.34 12.08 -9.17
C VAL C 123 -4.65 11.26 -9.18
N ALA C 124 -4.56 10.03 -9.67
CA ALA C 124 -5.72 9.14 -9.79
C ALA C 124 -5.59 7.99 -8.82
N CYS C 125 -6.73 7.60 -8.23
CA CYS C 125 -6.81 6.44 -7.35
C CYS C 125 -8.06 5.63 -7.68
N GLY C 126 -8.00 4.35 -7.35
CA GLY C 126 -9.11 3.44 -7.59
C GLY C 126 -8.85 2.08 -6.97
N GLY C 127 -9.88 1.23 -6.96
CA GLY C 127 -9.78 -0.06 -6.30
C GLY C 127 -10.92 -1.03 -6.51
N LEU C 128 -11.36 -1.63 -5.41
CA LEU C 128 -12.28 -2.79 -5.46
C LEU C 128 -13.72 -2.38 -5.77
N ASP C 129 -14.12 -1.19 -5.32
CA ASP C 129 -15.53 -0.74 -5.39
C ASP C 129 -16.01 -0.20 -6.76
N ASN C 130 -15.31 -0.55 -7.85
CA ASN C 130 -15.72 -0.24 -9.24
C ASN C 130 -15.76 1.25 -9.61
N ILE C 131 -15.26 2.13 -8.74
CA ILE C 131 -15.29 3.56 -8.96
C ILE C 131 -13.86 4.09 -8.94
N CYS C 132 -13.59 5.06 -9.82
CA CYS C 132 -12.27 5.71 -9.88
C CYS C 132 -12.42 7.15 -9.40
N SER C 133 -11.37 7.68 -8.77
CA SER C 133 -11.38 9.03 -8.22
C SER C 133 -10.11 9.78 -8.64
N ILE C 134 -10.29 11.01 -9.11
CA ILE C 134 -9.17 11.87 -9.52
C ILE C 134 -9.21 13.12 -8.64
N TYR C 135 -8.03 13.51 -8.14
CA TYR C 135 -7.89 14.66 -7.24
C TYR C 135 -7.00 15.76 -7.84
N ASN C 136 -7.18 16.98 -7.34
CA ASN C 136 -6.42 18.15 -7.79
C ASN C 136 -5.62 18.74 -6.64
N LEU C 137 -4.36 19.07 -6.93
CA LEU C 137 -3.41 19.60 -5.95
C LEU C 137 -3.24 21.11 -6.01
N LYS C 138 -3.13 21.64 -7.25
CA LYS C 138 -2.76 23.03 -7.47
C LYS C 138 -4.02 23.89 -7.40
N THR C 139 -4.34 24.33 -6.19
CA THR C 139 -5.55 25.11 -5.93
C THR C 139 -5.26 26.33 -5.06
N ARG C 140 -6.17 27.31 -5.15
CA ARG C 140 -6.12 28.54 -4.33
C ARG C 140 -6.72 28.35 -2.92
N GLU C 141 -7.32 27.19 -2.65
CA GLU C 141 -7.97 26.90 -1.37
C GLU C 141 -6.99 26.36 -0.32
N GLY C 142 -5.76 26.01 -0.74
CA GLY C 142 -4.71 25.58 0.17
C GLY C 142 -4.82 24.15 0.70
N ASN C 143 -5.72 23.36 0.12
CA ASN C 143 -5.86 21.95 0.50
C ASN C 143 -6.51 21.16 -0.64
N VAL C 144 -6.12 19.89 -0.76
CA VAL C 144 -6.67 18.97 -1.75
C VAL C 144 -8.19 18.80 -1.59
N ARG C 145 -8.92 18.94 -2.69
CA ARG C 145 -10.36 18.72 -2.73
C ARG C 145 -10.65 17.45 -3.51
N VAL C 146 -11.69 16.73 -3.08
CA VAL C 146 -12.23 15.62 -3.88
C VAL C 146 -12.80 16.17 -5.19
N SER C 147 -12.05 15.99 -6.28
CA SER C 147 -12.28 16.74 -7.52
C SER C 147 -13.28 16.07 -8.44
N ARG C 148 -12.93 14.88 -8.95
CA ARG C 148 -13.75 14.19 -9.95
C ARG C 148 -13.88 12.69 -9.71
N GLU C 149 -14.94 12.12 -10.29
CA GLU C 149 -15.34 10.73 -10.08
C GLU C 149 -15.65 10.05 -11.41
N LEU C 150 -15.27 8.77 -11.51
CA LEU C 150 -15.59 7.90 -12.65
C LEU C 150 -16.35 6.68 -12.13
N ALA C 151 -17.46 6.36 -12.78
CA ALA C 151 -18.29 5.19 -12.43
C ALA C 151 -19.01 4.67 -13.67
N GLY C 152 -19.25 3.37 -13.70
CA GLY C 152 -19.87 2.71 -14.86
C GLY C 152 -19.47 1.26 -15.08
N HIS C 153 -18.28 0.87 -14.62
CA HIS C 153 -17.83 -0.52 -14.68
C HIS C 153 -18.60 -1.39 -13.70
N THR C 154 -18.55 -2.71 -13.95
CA THR C 154 -19.25 -3.70 -13.15
C THR C 154 -18.28 -4.35 -12.18
N GLY C 155 -17.21 -4.92 -12.74
CA GLY C 155 -16.14 -5.52 -11.95
C GLY C 155 -15.18 -4.46 -11.43
N TYR C 156 -14.36 -4.85 -10.45
CA TYR C 156 -13.33 -3.97 -9.90
C TYR C 156 -12.30 -3.58 -10.96
N LEU C 157 -11.80 -2.35 -10.88
CA LEU C 157 -10.78 -1.86 -11.80
C LEU C 157 -9.40 -2.34 -11.37
N SER C 158 -8.57 -2.70 -12.34
CA SER C 158 -7.26 -3.31 -12.07
C SER C 158 -6.15 -2.28 -12.03
N CYS C 159 -5.98 -1.56 -13.14
CA CYS C 159 -4.96 -0.51 -13.27
C CYS C 159 -5.44 0.62 -14.18
N CYS C 160 -4.96 1.83 -13.90
CA CYS C 160 -5.28 3.02 -14.69
C CYS C 160 -4.01 3.79 -14.98
N ARG C 161 -4.02 4.50 -16.12
CA ARG C 161 -2.92 5.37 -16.52
C ARG C 161 -3.44 6.67 -17.12
N PHE C 162 -2.63 7.72 -16.99
CA PHE C 162 -2.89 8.98 -17.68
C PHE C 162 -2.12 9.02 -19.00
N LEU C 163 -2.84 9.41 -20.06
CA LEU C 163 -2.25 9.66 -21.38
C LEU C 163 -2.32 11.14 -21.76
N ASP C 164 -2.76 11.99 -20.82
CA ASP C 164 -3.10 13.39 -21.07
C ASP C 164 -3.44 14.01 -19.70
N ASP C 165 -3.88 15.27 -19.67
CA ASP C 165 -4.47 15.88 -18.46
C ASP C 165 -6.01 15.94 -18.50
N ASN C 166 -6.62 15.42 -19.57
CA ASN C 166 -8.07 15.36 -19.74
C ASN C 166 -8.60 13.93 -19.95
N GLN C 167 -7.85 13.10 -20.67
CA GLN C 167 -8.28 11.76 -21.07
C GLN C 167 -7.58 10.72 -20.20
N ILE C 168 -8.36 9.81 -19.63
CA ILE C 168 -7.85 8.75 -18.76
C ILE C 168 -8.28 7.39 -19.33
N VAL C 169 -7.33 6.46 -19.40
CA VAL C 169 -7.58 5.08 -19.83
C VAL C 169 -7.64 4.20 -18.59
N THR C 170 -8.50 3.19 -18.62
CA THR C 170 -8.63 2.27 -17.47
C THR C 170 -9.05 0.87 -17.90
N SER C 171 -8.94 -0.06 -16.95
CA SER C 171 -9.12 -1.50 -17.20
C SER C 171 -10.00 -2.10 -16.11
N SER C 172 -11.09 -2.74 -16.52
CA SER C 172 -12.17 -3.16 -15.61
C SER C 172 -12.05 -4.62 -15.17
N GLY C 173 -12.99 -5.03 -14.32
CA GLY C 173 -13.16 -6.43 -13.93
C GLY C 173 -14.12 -7.22 -14.80
N ASP C 174 -14.77 -6.55 -15.76
CA ASP C 174 -15.68 -7.20 -16.70
C ASP C 174 -15.00 -7.53 -18.05
N THR C 175 -13.69 -7.80 -18.01
CA THR C 175 -12.90 -8.16 -19.19
C THR C 175 -12.90 -7.06 -20.28
N THR C 176 -12.93 -5.80 -19.84
CA THR C 176 -12.97 -4.65 -20.75
C THR C 176 -11.94 -3.60 -20.36
N CYS C 177 -11.69 -2.68 -21.31
CA CYS C 177 -10.96 -1.45 -21.04
C CYS C 177 -11.78 -0.28 -21.56
N ALA C 178 -11.43 0.93 -21.15
CA ALA C 178 -12.20 2.11 -21.54
C ALA C 178 -11.38 3.40 -21.53
N LEU C 179 -11.77 4.32 -22.43
CA LEU C 179 -11.21 5.67 -22.48
C LEU C 179 -12.28 6.64 -22.01
N TRP C 180 -11.98 7.39 -20.94
CA TRP C 180 -12.87 8.39 -20.36
C TRP C 180 -12.27 9.78 -20.53
N ASP C 181 -13.12 10.80 -20.43
CA ASP C 181 -12.68 12.20 -20.29
C ASP C 181 -13.22 12.75 -18.97
N ILE C 182 -12.33 13.35 -18.18
CA ILE C 182 -12.61 13.74 -16.79
C ILE C 182 -13.62 14.87 -16.59
N GLU C 183 -13.86 15.68 -17.62
CA GLU C 183 -14.81 16.81 -17.52
C GLU C 183 -16.27 16.37 -17.62
N THR C 184 -16.53 15.35 -18.44
CA THR C 184 -17.89 14.79 -18.59
C THR C 184 -18.23 13.85 -17.44
N GLY C 185 -17.32 12.91 -17.18
CA GLY C 185 -17.61 11.76 -16.31
C GLY C 185 -18.35 10.67 -17.08
N GLN C 186 -18.11 10.61 -18.40
CA GLN C 186 -18.67 9.59 -19.28
C GLN C 186 -17.53 9.01 -20.10
N GLN C 187 -17.49 7.68 -20.18
CA GLN C 187 -16.48 6.98 -21.01
C GLN C 187 -16.66 7.30 -22.49
N THR C 188 -15.55 7.64 -23.14
CA THR C 188 -15.57 8.04 -24.55
C THR C 188 -15.68 6.79 -25.43
N THR C 189 -14.85 5.79 -25.13
CA THR C 189 -14.77 4.57 -25.94
C THR C 189 -14.59 3.33 -25.07
N THR C 190 -15.24 2.24 -25.45
CA THR C 190 -15.16 0.94 -24.75
C THR C 190 -14.40 -0.06 -25.61
N PHE C 191 -13.52 -0.85 -24.97
CA PHE C 191 -12.72 -1.87 -25.64
C PHE C 191 -13.07 -3.25 -25.09
N THR C 192 -13.82 -4.01 -25.90
CA THR C 192 -14.22 -5.39 -25.60
C THR C 192 -13.53 -6.33 -26.59
N GLY C 193 -13.31 -7.57 -26.18
CA GLY C 193 -12.60 -8.55 -27.01
C GLY C 193 -11.88 -9.62 -26.20
N HIS C 194 -11.42 -9.27 -25.00
CA HIS C 194 -10.87 -10.25 -24.06
C HIS C 194 -11.93 -11.23 -23.58
N THR C 195 -11.46 -12.38 -23.10
CA THR C 195 -12.31 -13.46 -22.57
C THR C 195 -12.17 -13.60 -21.05
N GLY C 196 -10.92 -13.69 -20.58
CA GLY C 196 -10.62 -13.68 -19.15
C GLY C 196 -10.52 -12.25 -18.63
N ASP C 197 -10.40 -12.11 -17.31
CA ASP C 197 -10.34 -10.80 -16.67
C ASP C 197 -8.97 -10.15 -16.90
N VAL C 198 -8.99 -8.87 -17.29
CA VAL C 198 -7.77 -8.10 -17.51
C VAL C 198 -7.15 -7.69 -16.17
N MET C 199 -5.83 -7.78 -16.09
CA MET C 199 -5.09 -7.54 -14.84
C MET C 199 -4.16 -6.32 -14.88
N SER C 200 -3.57 -6.04 -16.03
CA SER C 200 -2.67 -4.91 -16.18
C SER C 200 -2.64 -4.42 -17.62
N LEU C 201 -2.15 -3.20 -17.79
CA LEU C 201 -2.02 -2.57 -19.10
C LEU C 201 -0.93 -1.52 -19.06
N SER C 202 -0.40 -1.20 -20.24
CA SER C 202 0.47 -0.04 -20.39
C SER C 202 0.39 0.48 -21.82
N LEU C 203 0.70 1.76 -21.96
CA LEU C 203 0.56 2.47 -23.24
C LEU C 203 1.92 2.80 -23.82
N ALA C 204 1.93 3.17 -25.09
CA ALA C 204 3.16 3.55 -25.80
C ALA C 204 3.68 4.90 -25.28
N PRO C 205 4.99 5.18 -25.45
CA PRO C 205 5.50 6.52 -25.15
C PRO C 205 4.99 7.63 -26.10
N ASP C 206 4.51 7.25 -27.29
CA ASP C 206 3.88 8.19 -28.23
C ASP C 206 2.38 8.44 -27.99
N THR C 207 1.79 7.78 -26.98
CA THR C 207 0.40 7.97 -26.56
C THR C 207 -0.64 7.56 -27.62
N ARG C 208 -0.27 6.61 -28.48
CA ARG C 208 -1.11 6.15 -29.59
C ARG C 208 -1.54 4.69 -29.52
N LEU C 209 -0.76 3.84 -28.85
CA LEU C 209 -1.07 2.42 -28.72
C LEU C 209 -0.96 1.98 -27.26
N PHE C 210 -1.91 1.15 -26.81
CA PHE C 210 -1.82 0.52 -25.50
C PHE C 210 -2.15 -0.96 -25.60
N VAL C 211 -1.57 -1.75 -24.70
CA VAL C 211 -1.65 -3.21 -24.73
C VAL C 211 -2.22 -3.70 -23.39
N SER C 212 -3.20 -4.59 -23.47
CA SER C 212 -3.87 -5.12 -22.27
C SER C 212 -3.57 -6.61 -22.11
N GLY C 213 -3.38 -7.03 -20.85
CA GLY C 213 -3.05 -8.41 -20.51
C GLY C 213 -4.04 -8.99 -19.51
N ALA C 214 -4.63 -10.14 -19.87
CA ALA C 214 -5.67 -10.78 -19.06
C ALA C 214 -5.14 -12.02 -18.35
N CYS C 215 -6.03 -12.68 -17.60
CA CYS C 215 -5.73 -13.99 -17.03
C CYS C 215 -5.87 -15.16 -18.03
N ASP C 216 -6.25 -14.88 -19.28
CA ASP C 216 -6.54 -15.91 -20.29
C ASP C 216 -5.43 -16.08 -21.34
N ALA C 217 -4.16 -15.94 -20.92
CA ALA C 217 -2.99 -16.28 -21.74
C ALA C 217 -2.90 -15.54 -23.09
N SER C 218 -3.48 -14.35 -23.17
CA SER C 218 -3.51 -13.57 -24.42
C SER C 218 -3.26 -12.10 -24.13
N ALA C 219 -2.53 -11.44 -25.02
CA ALA C 219 -2.27 -10.00 -24.91
C ALA C 219 -2.85 -9.28 -26.13
N LYS C 220 -3.67 -8.25 -25.89
CA LYS C 220 -4.32 -7.50 -26.95
C LYS C 220 -3.69 -6.13 -27.10
N LEU C 221 -3.20 -5.83 -28.31
CA LEU C 221 -2.69 -4.51 -28.66
C LEU C 221 -3.79 -3.71 -29.34
N TRP C 222 -4.01 -2.51 -28.79
CA TRP C 222 -5.07 -1.60 -29.20
C TRP C 222 -4.49 -0.28 -29.70
N ASP C 223 -5.06 0.20 -30.80
CA ASP C 223 -4.88 1.59 -31.23
C ASP C 223 -5.92 2.47 -30.52
N VAL C 224 -5.45 3.50 -29.84
CA VAL C 224 -6.25 4.25 -28.86
C VAL C 224 -7.47 5.01 -29.44
N ARG C 225 -7.37 5.42 -30.69
CA ARG C 225 -8.41 6.25 -31.35
C ARG C 225 -9.37 5.46 -32.25
N GLU C 226 -8.98 4.26 -32.68
CA GLU C 226 -9.79 3.47 -33.61
C GLU C 226 -10.81 2.60 -32.88
N GLY C 227 -10.43 2.04 -31.74
CA GLY C 227 -11.30 1.18 -30.95
C GLY C 227 -11.57 -0.17 -31.57
N MET C 228 -10.57 -0.68 -32.30
CA MET C 228 -10.61 -2.03 -32.88
C MET C 228 -9.43 -2.82 -32.33
N CYS C 229 -9.65 -4.12 -32.12
CA CYS C 229 -8.58 -5.02 -31.67
C CYS C 229 -7.57 -5.19 -32.80
N ARG C 230 -6.46 -4.45 -32.71
CA ARG C 230 -5.46 -4.41 -33.78
C ARG C 230 -4.62 -5.69 -33.82
N GLN C 231 -4.02 -6.04 -32.69
CA GLN C 231 -3.19 -7.25 -32.62
C GLN C 231 -3.51 -8.13 -31.41
N THR C 232 -3.37 -9.44 -31.61
CA THR C 232 -3.53 -10.44 -30.55
C THR C 232 -2.21 -11.21 -30.40
N PHE C 233 -1.90 -11.61 -29.17
CA PHE C 233 -0.69 -12.36 -28.85
C PHE C 233 -1.02 -13.54 -27.96
N THR C 234 -1.04 -14.73 -28.56
CA THR C 234 -1.17 -16.01 -27.84
C THR C 234 0.22 -16.55 -27.49
N GLY C 235 0.28 -17.78 -26.97
CA GLY C 235 1.54 -18.46 -26.66
C GLY C 235 1.67 -18.90 -25.22
N HIS C 236 1.10 -18.14 -24.30
CA HIS C 236 1.20 -18.43 -22.87
C HIS C 236 0.39 -19.65 -22.43
N GLU C 237 0.61 -20.05 -21.17
CA GLU C 237 -0.03 -21.21 -20.54
C GLU C 237 -0.97 -20.85 -19.37
N SER C 238 -0.90 -19.59 -18.91
CA SER C 238 -1.61 -19.17 -17.70
C SER C 238 -1.82 -17.64 -17.71
N ASP C 239 -2.20 -17.09 -16.56
CA ASP C 239 -2.46 -15.65 -16.41
C ASP C 239 -1.25 -14.74 -16.72
N ILE C 240 -1.53 -13.57 -17.28
CA ILE C 240 -0.57 -12.48 -17.37
C ILE C 240 -0.82 -11.53 -16.21
N ASN C 241 0.23 -11.20 -15.46
CA ASN C 241 0.15 -10.26 -14.33
C ASN C 241 1.08 -9.05 -14.46
N ALA C 242 1.78 -8.91 -15.58
CA ALA C 242 2.77 -7.84 -15.75
C ALA C 242 2.90 -7.45 -17.23
N ILE C 243 2.86 -6.15 -17.48
CA ILE C 243 3.04 -5.59 -18.81
C ILE C 243 3.98 -4.37 -18.71
N CYS C 244 5.01 -4.35 -19.56
CA CYS C 244 5.82 -3.15 -19.77
C CYS C 244 6.05 -2.94 -21.25
N PHE C 245 6.35 -1.69 -21.61
CA PHE C 245 6.46 -1.27 -23.00
C PHE C 245 7.88 -0.82 -23.30
N PHE C 246 8.33 -1.08 -24.54
CA PHE C 246 9.70 -0.75 -24.94
C PHE C 246 9.80 0.74 -25.30
N PRO C 247 10.89 1.41 -24.87
CA PRO C 247 11.06 2.85 -25.18
C PRO C 247 11.13 3.27 -26.67
N ASN C 248 11.28 2.32 -27.60
CA ASN C 248 11.22 2.61 -29.05
C ASN C 248 9.80 2.62 -29.62
N GLY C 249 8.91 1.87 -28.99
CA GLY C 249 7.55 1.66 -29.50
C GLY C 249 7.46 0.57 -30.55
N ASN C 250 8.26 -0.48 -30.37
CA ASN C 250 8.30 -1.65 -31.26
C ASN C 250 8.20 -3.00 -30.53
N ALA C 251 8.64 -3.08 -29.28
CA ALA C 251 8.59 -4.31 -28.49
C ALA C 251 7.71 -4.12 -27.24
N PHE C 252 7.52 -5.22 -26.51
CA PHE C 252 6.53 -5.30 -25.45
C PHE C 252 6.82 -6.51 -24.56
N ALA C 253 6.87 -6.26 -23.25
CA ALA C 253 7.24 -7.28 -22.26
C ALA C 253 6.01 -7.88 -21.57
N THR C 254 6.12 -9.16 -21.20
CA THR C 254 5.04 -9.91 -20.54
C THR C 254 5.56 -10.50 -19.23
N GLY C 255 4.73 -11.32 -18.59
CA GLY C 255 5.09 -12.02 -17.35
C GLY C 255 3.95 -12.92 -16.91
N SER C 256 4.27 -14.04 -16.27
CA SER C 256 3.26 -15.01 -15.86
C SER C 256 3.57 -15.67 -14.51
N ASP C 257 2.65 -16.53 -14.07
CA ASP C 257 2.68 -17.19 -12.75
C ASP C 257 3.86 -18.13 -12.44
N ASP C 258 4.70 -18.45 -13.43
CA ASP C 258 5.87 -19.31 -13.23
C ASP C 258 7.14 -18.68 -13.81
N ALA C 259 7.24 -17.35 -13.69
CA ALA C 259 8.38 -16.57 -14.16
C ALA C 259 8.69 -16.72 -15.65
N THR C 260 7.67 -17.04 -16.46
CA THR C 260 7.85 -17.27 -17.89
C THR C 260 7.56 -15.98 -18.67
N CYS C 261 8.33 -14.94 -18.36
CA CYS C 261 8.16 -13.63 -19.02
C CYS C 261 8.74 -13.70 -20.43
N ARG C 262 7.89 -13.44 -21.42
CA ARG C 262 8.24 -13.60 -22.83
C ARG C 262 8.27 -12.25 -23.53
N LEU C 263 9.28 -12.05 -24.37
CA LEU C 263 9.39 -10.82 -25.14
C LEU C 263 8.58 -10.93 -26.43
N PHE C 264 7.84 -9.87 -26.75
CA PHE C 264 7.12 -9.75 -28.03
C PHE C 264 7.61 -8.53 -28.83
N ASP C 265 7.25 -8.53 -30.11
CA ASP C 265 7.50 -7.41 -31.03
C ASP C 265 6.21 -7.13 -31.80
N LEU C 266 5.78 -5.87 -31.78
CA LEU C 266 4.55 -5.45 -32.49
C LEU C 266 4.71 -5.31 -33.99
N ARG C 267 5.92 -5.04 -34.47
CA ARG C 267 6.19 -4.89 -35.90
C ARG C 267 6.20 -6.24 -36.62
N ALA C 268 6.95 -7.20 -36.09
CA ALA C 268 7.11 -8.53 -36.72
C ALA C 268 5.99 -9.53 -36.37
N ASP C 269 5.26 -9.28 -35.28
CA ASP C 269 4.12 -10.10 -34.85
C ASP C 269 4.55 -11.55 -34.55
N GLN C 270 5.43 -11.68 -33.56
CA GLN C 270 6.01 -12.97 -33.21
C GLN C 270 6.69 -12.94 -31.84
N GLU C 271 6.63 -14.08 -31.15
CA GLU C 271 7.44 -14.34 -29.94
C GLU C 271 8.94 -14.12 -30.18
N LEU C 272 9.63 -13.59 -29.18
CA LEU C 272 11.08 -13.37 -29.28
C LEU C 272 11.87 -14.37 -28.43
N MET C 273 11.66 -14.31 -27.11
CA MET C 273 12.39 -15.18 -26.18
C MET C 273 11.66 -15.33 -24.85
N THR C 274 11.66 -16.57 -24.34
CA THR C 274 11.12 -16.91 -23.04
C THR C 274 12.27 -16.96 -22.05
N TYR C 275 12.00 -16.55 -20.80
CA TYR C 275 13.00 -16.55 -19.74
C TYR C 275 12.59 -17.52 -18.64
N SER C 276 13.57 -18.27 -18.13
CA SER C 276 13.33 -19.29 -17.10
C SER C 276 14.62 -19.63 -16.36
N HIS C 277 14.70 -19.22 -15.10
CA HIS C 277 15.80 -19.64 -14.22
C HIS C 277 15.34 -20.92 -13.55
N ASP C 278 16.21 -21.92 -13.57
CA ASP C 278 15.84 -23.29 -13.20
C ASP C 278 15.42 -23.54 -11.73
N ASN C 279 15.71 -22.60 -10.83
CA ASN C 279 15.35 -22.73 -9.40
C ASN C 279 14.14 -21.89 -8.95
N ILE C 280 13.35 -21.38 -9.90
CA ILE C 280 12.24 -20.48 -9.61
C ILE C 280 10.91 -21.12 -10.01
N ILE C 281 10.01 -21.27 -9.05
CA ILE C 281 8.62 -21.70 -9.29
C ILE C 281 7.60 -20.58 -8.97
N CYS C 282 8.08 -19.45 -8.45
CA CYS C 282 7.21 -18.39 -7.95
C CYS C 282 6.58 -17.56 -9.07
N GLY C 283 5.55 -16.79 -8.69
CA GLY C 283 4.81 -15.93 -9.62
C GLY C 283 5.44 -14.57 -9.85
N ILE C 284 4.88 -13.85 -10.82
CA ILE C 284 5.31 -12.51 -11.21
C ILE C 284 4.32 -11.50 -10.62
N THR C 285 4.79 -10.28 -10.39
CA THR C 285 3.93 -9.19 -9.88
C THR C 285 3.88 -7.97 -10.81
N SER C 286 5.04 -7.48 -11.23
CA SER C 286 5.13 -6.34 -12.15
C SER C 286 6.56 -6.26 -12.71
N VAL C 287 6.67 -5.89 -13.99
CA VAL C 287 7.96 -5.86 -14.69
C VAL C 287 8.23 -4.45 -15.21
N SER C 288 9.52 -4.11 -15.31
CA SER C 288 9.95 -2.78 -15.74
C SER C 288 11.21 -2.82 -16.59
N PHE C 289 11.34 -1.83 -17.48
CA PHE C 289 12.48 -1.68 -18.39
C PHE C 289 13.46 -0.65 -17.84
N SER C 290 14.51 -0.38 -18.62
CA SER C 290 15.40 0.76 -18.42
C SER C 290 15.36 1.63 -19.68
N LYS C 291 16.14 2.71 -19.70
CA LYS C 291 16.23 3.57 -20.87
C LYS C 291 17.04 2.93 -22.00
N SER C 292 17.91 1.98 -21.67
CA SER C 292 18.70 1.23 -22.66
C SER C 292 17.83 0.32 -23.52
N GLY C 293 17.01 -0.50 -22.85
CA GLY C 293 16.28 -1.59 -23.48
C GLY C 293 17.05 -2.90 -23.45
N ARG C 294 17.94 -3.05 -22.47
CA ARG C 294 18.72 -4.27 -22.26
C ARG C 294 18.48 -4.88 -20.86
N LEU C 295 17.53 -4.32 -20.10
CA LEU C 295 17.30 -4.71 -18.71
C LEU C 295 15.82 -5.01 -18.48
N LEU C 296 15.54 -6.15 -17.84
CA LEU C 296 14.22 -6.43 -17.29
C LEU C 296 14.35 -6.56 -15.78
N LEU C 297 13.65 -5.68 -15.06
CA LEU C 297 13.57 -5.74 -13.60
C LEU C 297 12.21 -6.32 -13.23
N ALA C 298 12.24 -7.39 -12.43
CA ALA C 298 11.04 -8.12 -12.05
C ALA C 298 11.16 -8.64 -10.62
N GLY C 299 10.03 -9.08 -10.07
CA GLY C 299 9.97 -9.56 -8.68
C GLY C 299 9.18 -10.85 -8.57
N TYR C 300 9.53 -11.66 -7.58
CA TYR C 300 8.93 -12.98 -7.38
C TYR C 300 8.45 -13.18 -5.95
N ASP C 301 7.65 -14.22 -5.76
CA ASP C 301 7.05 -14.55 -4.46
C ASP C 301 8.05 -14.99 -3.37
N ASP C 302 9.25 -15.42 -3.77
CA ASP C 302 10.35 -15.70 -2.83
C ASP C 302 11.16 -14.43 -2.47
N PHE C 303 10.51 -13.26 -2.48
CA PHE C 303 11.07 -11.96 -2.05
C PHE C 303 12.19 -11.39 -2.93
N ASN C 304 12.49 -12.05 -4.05
CA ASN C 304 13.70 -11.78 -4.80
C ASN C 304 13.42 -10.94 -6.04
N CYS C 305 14.25 -9.92 -6.25
CA CYS C 305 14.32 -9.21 -7.52
C CYS C 305 15.68 -9.46 -8.14
N ASN C 306 15.72 -9.37 -9.46
CA ASN C 306 16.92 -9.68 -10.24
C ASN C 306 16.80 -9.05 -11.62
N VAL C 307 17.91 -8.49 -12.10
CA VAL C 307 17.96 -7.92 -13.45
C VAL C 307 18.21 -9.07 -14.44
N TRP C 308 17.39 -9.12 -15.49
CA TRP C 308 17.57 -10.09 -16.58
C TRP C 308 17.95 -9.31 -17.82
N ASP C 309 19.06 -9.71 -18.45
CA ASP C 309 19.48 -9.06 -19.69
C ASP C 309 18.56 -9.49 -20.83
N ALA C 310 18.20 -8.53 -21.68
CA ALA C 310 17.29 -8.78 -22.80
C ALA C 310 17.95 -9.63 -23.89
N LEU C 311 19.23 -9.35 -24.18
CA LEU C 311 19.95 -10.02 -25.27
C LEU C 311 20.72 -11.26 -24.81
N LYS C 312 21.38 -11.17 -23.65
CA LYS C 312 22.13 -12.32 -23.10
C LYS C 312 21.23 -13.42 -22.55
N ALA C 313 19.96 -13.08 -22.27
CA ALA C 313 18.93 -14.05 -21.87
C ALA C 313 19.07 -14.63 -20.45
N ASP C 314 20.01 -14.11 -19.64
CA ASP C 314 20.21 -14.61 -18.28
C ASP C 314 21.09 -13.70 -17.43
N ARG C 315 20.54 -13.30 -16.29
CA ARG C 315 21.33 -12.91 -15.12
C ARG C 315 20.45 -13.08 -13.88
N ALA C 316 21.04 -13.61 -12.81
CA ALA C 316 20.36 -13.79 -11.54
C ALA C 316 20.98 -12.88 -10.48
N GLY C 317 20.61 -11.60 -10.54
CA GLY C 317 21.01 -10.63 -9.52
C GLY C 317 20.36 -10.89 -8.18
N VAL C 318 20.85 -10.19 -7.15
CA VAL C 318 20.27 -10.26 -5.80
C VAL C 318 20.15 -8.85 -5.23
N LEU C 319 18.92 -8.41 -5.03
CA LEU C 319 18.62 -7.21 -4.24
C LEU C 319 17.37 -7.44 -3.38
N ALA C 320 17.25 -8.66 -2.85
CA ALA C 320 16.08 -9.08 -2.07
C ALA C 320 16.14 -8.48 -0.67
N GLY C 321 15.74 -7.22 -0.56
CA GLY C 321 15.71 -6.50 0.72
C GLY C 321 14.32 -6.39 1.32
N HIS C 322 13.46 -7.38 1.07
CA HIS C 322 12.08 -7.38 1.53
C HIS C 322 11.79 -8.67 2.29
N ASP C 323 11.20 -8.54 3.47
CA ASP C 323 10.80 -9.68 4.29
C ASP C 323 9.53 -10.32 3.72
N ASN C 324 8.59 -9.48 3.29
CA ASN C 324 7.33 -9.93 2.72
C ASN C 324 7.41 -9.94 1.19
N ARG C 325 6.38 -10.51 0.56
CA ARG C 325 6.33 -10.65 -0.89
C ARG C 325 6.36 -9.30 -1.61
N VAL C 326 7.20 -9.21 -2.64
CA VAL C 326 7.31 -8.00 -3.48
C VAL C 326 6.00 -7.78 -4.25
N SER C 327 5.60 -6.51 -4.35
CA SER C 327 4.27 -6.13 -4.85
C SER C 327 4.28 -5.27 -6.11
N CYS C 328 5.19 -4.30 -6.17
CA CYS C 328 5.24 -3.37 -7.29
C CYS C 328 6.63 -2.75 -7.41
N LEU C 329 7.04 -2.50 -8.64
CA LEU C 329 8.35 -1.91 -8.94
C LEU C 329 8.27 -1.04 -10.17
N GLY C 330 9.18 -0.08 -10.26
CA GLY C 330 9.21 0.86 -11.38
C GLY C 330 10.57 1.46 -11.64
N VAL C 331 10.74 1.94 -12.87
CA VAL C 331 11.94 2.67 -13.29
C VAL C 331 11.57 4.15 -13.40
N THR C 332 12.55 5.02 -13.14
CA THR C 332 12.35 6.47 -13.20
C THR C 332 12.27 6.91 -14.68
N ASP C 333 11.76 8.11 -14.93
CA ASP C 333 11.62 8.65 -16.29
C ASP C 333 12.94 8.84 -17.06
N ASP C 334 14.00 9.25 -16.35
CA ASP C 334 15.34 9.43 -16.92
C ASP C 334 16.25 8.20 -16.76
N GLY C 335 15.74 7.17 -16.08
CA GLY C 335 16.48 5.94 -15.85
C GLY C 335 17.60 6.07 -14.83
N MET C 336 17.51 7.06 -13.95
CA MET C 336 18.54 7.26 -12.92
C MET C 336 18.43 6.19 -11.84
N ALA C 337 17.26 6.14 -11.19
CA ALA C 337 17.00 5.21 -10.10
C ALA C 337 15.87 4.23 -10.45
N VAL C 338 15.67 3.25 -9.56
CA VAL C 338 14.52 2.34 -9.62
C VAL C 338 13.91 2.22 -8.22
N ALA C 339 12.61 1.97 -8.17
CA ALA C 339 11.86 1.96 -6.92
C ALA C 339 11.13 0.62 -6.73
N THR C 340 11.09 0.17 -5.47
CA THR C 340 10.51 -1.12 -5.08
C THR C 340 9.59 -0.96 -3.88
N GLY C 341 8.35 -1.44 -4.02
CA GLY C 341 7.35 -1.47 -2.94
C GLY C 341 6.84 -2.88 -2.72
N SER C 342 6.84 -3.32 -1.46
CA SER C 342 6.42 -4.67 -1.08
C SER C 342 5.46 -4.61 0.12
N TRP C 343 5.03 -5.78 0.60
CA TRP C 343 4.10 -5.88 1.73
C TRP C 343 4.71 -5.76 3.12
N ASP C 344 5.92 -5.21 3.21
CA ASP C 344 6.58 -4.92 4.48
C ASP C 344 6.19 -3.54 5.08
N SER C 345 5.17 -2.89 4.49
CA SER C 345 4.75 -1.54 4.85
C SER C 345 5.88 -0.50 4.67
N PHE C 346 6.75 -0.74 3.68
CA PHE C 346 7.90 0.12 3.39
C PHE C 346 8.00 0.41 1.90
N LEU C 347 8.97 1.26 1.55
CA LEU C 347 9.23 1.64 0.16
C LEU C 347 10.72 1.93 0.02
N LYS C 348 11.39 1.22 -0.89
CA LYS C 348 12.84 1.31 -1.05
C LYS C 348 13.19 1.73 -2.48
N ILE C 349 14.37 2.31 -2.63
CA ILE C 349 14.86 2.79 -3.93
C ILE C 349 16.32 2.39 -4.15
N TRP C 350 16.59 1.79 -5.31
CA TRP C 350 17.91 1.28 -5.68
C TRP C 350 18.52 2.11 -6.80
N ASN C 351 19.85 2.15 -6.84
CA ASN C 351 20.61 2.92 -7.84
C ASN C 351 22.00 2.32 -8.01
N ASN D 5 -27.18 -21.30 -29.45
CA ASN D 5 -27.96 -20.05 -29.16
C ASN D 5 -27.65 -18.94 -30.18
N THR D 6 -28.65 -18.11 -30.46
CA THR D 6 -28.53 -17.05 -31.47
C THR D 6 -27.55 -15.94 -31.03
N ALA D 7 -27.53 -15.66 -29.72
CA ALA D 7 -26.54 -14.76 -29.12
C ALA D 7 -25.12 -15.35 -29.17
N SER D 8 -25.02 -16.68 -29.00
CA SER D 8 -23.74 -17.39 -29.12
C SER D 8 -23.19 -17.33 -30.55
N ILE D 9 -24.05 -17.51 -31.55
CA ILE D 9 -23.62 -17.37 -32.95
C ILE D 9 -23.38 -15.91 -33.33
N ALA D 10 -24.06 -14.98 -32.65
CA ALA D 10 -23.82 -13.54 -32.82
C ALA D 10 -22.40 -13.16 -32.37
N GLN D 11 -22.04 -13.52 -31.14
CA GLN D 11 -20.65 -13.32 -30.66
C GLN D 11 -19.62 -14.17 -31.42
N ALA D 12 -20.04 -15.33 -31.91
CA ALA D 12 -19.21 -16.12 -32.82
C ALA D 12 -18.95 -15.40 -34.15
N ARG D 13 -19.98 -14.73 -34.67
CA ARG D 13 -19.85 -13.84 -35.84
C ARG D 13 -18.89 -12.68 -35.58
N LYS D 14 -18.96 -12.11 -34.37
CA LYS D 14 -18.02 -11.05 -33.93
C LYS D 14 -16.58 -11.57 -33.95
N LEU D 15 -16.36 -12.75 -33.37
CA LEU D 15 -15.01 -13.33 -33.30
C LEU D 15 -14.44 -13.75 -34.66
N VAL D 16 -15.26 -14.38 -35.51
CA VAL D 16 -14.79 -14.72 -36.87
C VAL D 16 -14.52 -13.46 -37.71
N GLU D 17 -15.33 -12.41 -37.54
CA GLU D 17 -15.03 -11.10 -38.13
C GLU D 17 -13.69 -10.55 -37.63
N GLN D 18 -13.44 -10.68 -36.32
CA GLN D 18 -12.16 -10.26 -35.72
C GLN D 18 -10.96 -10.96 -36.37
N LEU D 19 -11.06 -12.29 -36.53
CA LEU D 19 -9.98 -13.07 -37.15
C LEU D 19 -9.83 -12.77 -38.65
N LYS D 20 -10.94 -12.45 -39.31
CA LYS D 20 -10.91 -11.97 -40.70
C LYS D 20 -10.21 -10.60 -40.85
N MET D 21 -10.43 -9.69 -39.89
CA MET D 21 -9.75 -8.39 -39.88
C MET D 21 -8.25 -8.53 -39.57
N GLU D 22 -7.91 -9.41 -38.63
CA GLU D 22 -6.51 -9.69 -38.29
C GLU D 22 -5.88 -10.82 -39.13
N ALA D 23 -6.55 -11.24 -40.20
CA ALA D 23 -5.99 -12.19 -41.17
C ALA D 23 -4.86 -11.53 -41.98
N ASN D 24 -5.20 -10.45 -42.67
CA ASN D 24 -4.28 -9.76 -43.57
C ASN D 24 -3.51 -8.65 -42.84
N ILE D 25 -2.31 -9.00 -42.36
CA ILE D 25 -1.36 -8.03 -41.80
C ILE D 25 0.00 -8.31 -42.44
N ASP D 26 0.72 -7.25 -42.80
CA ASP D 26 2.10 -7.37 -43.31
C ASP D 26 3.02 -7.74 -42.15
N ARG D 27 3.93 -8.68 -42.39
CA ARG D 27 4.89 -9.13 -41.37
C ARG D 27 6.32 -9.11 -41.91
N ILE D 28 7.24 -8.73 -41.02
CA ILE D 28 8.65 -8.52 -41.35
C ILE D 28 9.46 -9.60 -40.62
N LYS D 29 10.59 -9.98 -41.22
CA LYS D 29 11.39 -11.08 -40.69
C LYS D 29 12.01 -10.69 -39.34
N VAL D 30 12.02 -11.65 -38.43
CA VAL D 30 12.46 -11.44 -37.05
C VAL D 30 13.96 -11.08 -36.95
N SER D 31 14.76 -11.58 -37.90
CA SER D 31 16.18 -11.18 -38.02
C SER D 31 16.37 -9.67 -38.20
N LYS D 32 15.50 -9.07 -39.00
CA LYS D 32 15.58 -7.63 -39.33
C LYS D 32 15.22 -6.79 -38.11
N ALA D 33 14.08 -7.11 -37.50
CA ALA D 33 13.63 -6.44 -36.27
C ALA D 33 14.60 -6.67 -35.10
N ALA D 34 15.15 -7.88 -35.01
CA ALA D 34 16.17 -8.20 -34.00
C ALA D 34 17.43 -7.35 -34.17
N ALA D 35 17.87 -7.16 -35.41
CA ALA D 35 18.99 -6.26 -35.72
C ALA D 35 18.68 -4.81 -35.35
N ASP D 36 17.43 -4.37 -35.61
CA ASP D 36 16.99 -3.03 -35.20
C ASP D 36 16.93 -2.88 -33.67
N LEU D 37 16.50 -3.93 -32.98
CA LEU D 37 16.52 -3.96 -31.51
C LEU D 37 17.94 -3.84 -30.93
N MET D 38 18.88 -4.57 -31.52
CA MET D 38 20.29 -4.48 -31.14
C MET D 38 20.90 -3.11 -31.45
N ALA D 39 20.49 -2.52 -32.58
CA ALA D 39 20.89 -1.16 -32.94
C ALA D 39 20.33 -0.12 -31.96
N TYR D 40 19.06 -0.30 -31.55
CA TYR D 40 18.44 0.57 -30.54
C TYR D 40 19.06 0.37 -29.15
N CYS D 41 19.52 -0.86 -28.87
CA CYS D 41 20.23 -1.16 -27.61
C CYS D 41 21.59 -0.48 -27.54
N GLU D 42 22.40 -0.66 -28.59
CA GLU D 42 23.73 -0.02 -28.66
C GLU D 42 23.67 1.51 -28.83
N ALA D 43 22.58 2.03 -29.40
CA ALA D 43 22.41 3.48 -29.58
C ALA D 43 22.20 4.26 -28.27
N HIS D 44 21.79 3.57 -27.20
CA HIS D 44 21.56 4.19 -25.89
C HIS D 44 22.34 3.54 -24.74
N ALA D 45 23.47 2.90 -25.06
CA ALA D 45 24.29 2.19 -24.07
C ALA D 45 25.37 3.05 -23.39
N LYS D 46 25.31 4.38 -23.57
CA LYS D 46 26.33 5.31 -23.03
C LYS D 46 25.77 6.52 -22.26
N GLU D 47 24.50 6.47 -21.85
CA GLU D 47 23.88 7.57 -21.09
C GLU D 47 22.98 7.14 -19.91
N ASP D 48 23.05 5.87 -19.51
CA ASP D 48 22.14 5.32 -18.51
C ASP D 48 22.90 4.99 -17.22
N PRO D 49 22.55 5.66 -16.09
CA PRO D 49 23.28 5.46 -14.83
C PRO D 49 23.18 4.07 -14.17
N LEU D 50 22.27 3.23 -14.64
CA LEU D 50 22.10 1.88 -14.09
C LEU D 50 23.17 0.88 -14.54
N LEU D 51 23.95 1.22 -15.57
CA LEU D 51 24.99 0.35 -16.11
C LEU D 51 26.40 0.70 -15.64
N THR D 52 26.71 1.99 -15.58
CA THR D 52 28.02 2.50 -15.12
C THR D 52 27.85 3.22 -13.77
N PRO D 53 28.84 3.08 -12.86
CA PRO D 53 28.79 3.90 -11.62
C PRO D 53 28.95 5.39 -11.93
N VAL D 54 28.19 6.22 -11.22
CA VAL D 54 28.14 7.66 -11.45
C VAL D 54 28.65 8.38 -10.20
N PRO D 55 29.57 9.36 -10.37
CA PRO D 55 30.01 10.17 -9.21
C PRO D 55 28.91 11.03 -8.57
N ALA D 56 29.22 11.56 -7.38
CA ALA D 56 28.26 12.32 -6.58
C ALA D 56 27.81 13.65 -7.19
N SER D 57 28.55 14.17 -8.17
CA SER D 57 28.17 15.39 -8.89
C SER D 57 26.93 15.19 -9.77
N GLU D 58 26.90 14.09 -10.52
CA GLU D 58 25.78 13.77 -11.42
C GLU D 58 24.74 12.87 -10.76
N ASN D 59 25.17 11.94 -9.91
CA ASN D 59 24.25 11.08 -9.15
C ASN D 59 23.72 11.85 -7.93
N PRO D 60 22.39 12.09 -7.87
CA PRO D 60 21.81 12.79 -6.72
C PRO D 60 21.41 11.89 -5.53
N PHE D 61 21.60 10.58 -5.64
CA PHE D 61 21.20 9.62 -4.61
C PHE D 61 22.36 9.15 -3.70
N ARG D 62 23.41 9.97 -3.59
CA ARG D 62 24.56 9.72 -2.70
C ARG D 62 25.26 8.37 -2.94
N MET E 5 -16.15 39.77 -21.53
CA MET E 5 -15.66 38.60 -22.32
C MET E 5 -14.22 38.74 -22.87
N THR E 6 -13.42 39.60 -22.25
CA THR E 6 -12.06 39.86 -22.67
C THR E 6 -11.12 38.99 -21.82
N GLN E 7 -9.82 39.21 -21.97
CA GLN E 7 -8.81 38.40 -21.28
C GLN E 7 -7.59 39.28 -20.93
N SER E 8 -6.51 38.65 -20.48
CA SER E 8 -5.26 39.38 -20.22
C SER E 8 -4.04 38.47 -20.44
N PRO E 9 -3.22 38.77 -21.49
CA PRO E 9 -1.98 38.04 -21.69
C PRO E 9 -0.82 38.71 -20.94
N SER E 10 0.39 38.20 -21.13
CA SER E 10 1.61 38.81 -20.61
C SER E 10 2.65 38.87 -21.73
N SER E 11 2.86 40.08 -22.27
CA SER E 11 3.84 40.30 -23.34
C SER E 11 5.26 40.17 -22.81
N LEU E 12 6.02 39.25 -23.41
CA LEU E 12 7.38 38.93 -22.98
C LEU E 12 8.18 38.32 -24.14
N SER E 13 9.42 37.91 -23.88
CA SER E 13 10.29 37.33 -24.89
C SER E 13 10.96 36.05 -24.35
N ALA E 14 11.90 35.51 -25.11
CA ALA E 14 12.64 34.30 -24.73
C ALA E 14 14.02 34.27 -25.37
N SER E 15 14.82 33.27 -24.97
CA SER E 15 16.12 33.00 -25.58
C SER E 15 16.29 31.48 -25.78
N VAL E 16 17.35 31.11 -26.49
CA VAL E 16 17.55 29.71 -26.92
C VAL E 16 18.03 28.83 -25.76
N GLY E 17 17.64 27.56 -25.80
CA GLY E 17 18.00 26.58 -24.76
C GLY E 17 17.34 26.82 -23.40
N ASP E 18 16.16 27.44 -23.42
CA ASP E 18 15.40 27.79 -22.22
C ASP E 18 14.04 27.12 -22.19
N ARG E 19 13.39 27.25 -21.03
CA ARG E 19 11.98 26.89 -20.86
C ARG E 19 11.21 28.18 -20.59
N VAL E 20 10.19 28.46 -21.41
CA VAL E 20 9.42 29.72 -21.33
C VAL E 20 7.97 29.45 -20.91
N THR E 21 7.37 30.42 -20.24
CA THR E 21 6.03 30.31 -19.67
C THR E 21 5.15 31.47 -20.15
N ILE E 22 3.98 31.15 -20.72
CA ILE E 22 3.03 32.16 -21.19
C ILE E 22 1.75 32.05 -20.38
N THR E 23 1.36 33.16 -19.75
CA THR E 23 0.18 33.22 -18.88
C THR E 23 -1.02 33.81 -19.60
N CYS E 24 -2.21 33.46 -19.13
CA CYS E 24 -3.46 34.04 -19.62
C CYS E 24 -4.54 33.98 -18.54
N ARG E 25 -5.14 35.14 -18.24
CA ARG E 25 -6.24 35.25 -17.29
C ARG E 25 -7.46 35.85 -17.99
N ALA E 26 -8.56 35.09 -18.03
CA ALA E 26 -9.82 35.56 -18.61
C ALA E 26 -10.55 36.48 -17.64
N SER E 27 -11.55 37.20 -18.17
CA SER E 27 -12.33 38.16 -17.39
C SER E 27 -13.30 37.45 -16.43
N GLN E 28 -14.22 36.68 -17.00
CA GLN E 28 -15.20 35.90 -16.22
C GLN E 28 -14.70 34.48 -15.94
N SER E 29 -15.44 33.75 -15.13
CA SER E 29 -15.14 32.34 -14.85
C SER E 29 -15.48 31.48 -16.08
N VAL E 30 -14.54 31.44 -17.02
CA VAL E 30 -14.73 30.74 -18.30
C VAL E 30 -14.60 29.23 -18.13
N SER E 31 -15.24 28.48 -19.03
CA SER E 31 -15.14 27.01 -19.06
C SER E 31 -13.86 26.54 -19.76
N SER E 32 -13.72 25.23 -19.95
CA SER E 32 -12.46 24.62 -20.41
C SER E 32 -12.31 24.51 -21.94
N ALA E 33 -12.74 25.55 -22.67
CA ALA E 33 -12.58 25.62 -24.12
C ALA E 33 -11.58 26.71 -24.46
N VAL E 34 -10.29 26.36 -24.34
CA VAL E 34 -9.18 27.28 -24.58
C VAL E 34 -8.26 26.66 -25.63
N ALA E 35 -7.90 27.46 -26.65
CA ALA E 35 -6.97 27.04 -27.69
C ALA E 35 -5.73 27.92 -27.72
N TRP E 36 -4.62 27.36 -28.22
CA TRP E 36 -3.36 28.09 -28.39
C TRP E 36 -2.85 27.98 -29.82
N TYR E 37 -2.31 29.09 -30.33
CA TYR E 37 -1.86 29.18 -31.72
C TYR E 37 -0.48 29.81 -31.85
N GLN E 38 0.21 29.42 -32.93
CA GLN E 38 1.50 30.00 -33.31
C GLN E 38 1.35 30.64 -34.68
N GLN E 39 2.05 31.74 -34.90
CA GLN E 39 1.95 32.52 -36.15
C GLN E 39 3.33 33.00 -36.58
N LYS E 40 3.82 32.45 -37.69
CA LYS E 40 5.03 32.96 -38.34
C LYS E 40 4.63 34.26 -39.07
N PRO E 41 5.47 35.33 -39.01
CA PRO E 41 5.07 36.62 -39.59
C PRO E 41 4.70 36.60 -41.08
N GLY E 42 3.48 37.03 -41.40
CA GLY E 42 2.95 37.00 -42.76
C GLY E 42 2.49 35.64 -43.27
N LYS E 43 2.38 34.66 -42.37
CA LYS E 43 2.07 33.26 -42.73
C LYS E 43 0.77 32.78 -42.05
N ALA E 44 0.48 31.48 -42.16
CA ALA E 44 -0.74 30.89 -41.61
C ALA E 44 -0.64 30.67 -40.09
N PRO E 45 -1.76 30.87 -39.35
CA PRO E 45 -1.74 30.53 -37.92
C PRO E 45 -1.90 29.01 -37.68
N LYS E 46 -0.88 28.40 -37.09
CA LYS E 46 -0.91 26.97 -36.75
C LYS E 46 -1.32 26.77 -35.29
N LEU E 47 -2.08 25.71 -35.03
CA LEU E 47 -2.57 25.38 -33.69
C LEU E 47 -1.52 24.59 -32.91
N LEU E 48 -1.46 24.85 -31.60
CA LEU E 48 -0.58 24.11 -30.67
C LEU E 48 -1.39 23.14 -29.83
N ILE E 49 -2.31 23.69 -29.01
CA ILE E 49 -3.09 22.92 -28.06
C ILE E 49 -4.58 23.28 -28.20
N TYR E 50 -5.42 22.26 -28.29
CA TYR E 50 -6.88 22.41 -28.24
C TYR E 50 -7.40 21.83 -26.92
N SER E 51 -8.44 22.46 -26.38
CA SER E 51 -9.05 22.09 -25.09
C SER E 51 -8.13 22.24 -23.86
N ALA E 52 -7.10 23.08 -23.99
CA ALA E 52 -6.21 23.47 -22.87
C ALA E 52 -5.32 22.37 -22.26
N SER E 53 -5.43 21.14 -22.75
CA SER E 53 -4.72 20.00 -22.18
C SER E 53 -3.92 19.26 -23.26
N SER E 54 -4.63 18.72 -24.26
CA SER E 54 -4.03 17.86 -25.27
C SER E 54 -3.43 18.67 -26.43
N LEU E 55 -2.16 18.39 -26.74
CA LEU E 55 -1.52 18.95 -27.94
C LEU E 55 -2.10 18.34 -29.21
N TYR E 56 -1.91 19.03 -30.34
CA TYR E 56 -2.34 18.52 -31.64
C TYR E 56 -1.39 17.44 -32.13
N SER E 57 -1.92 16.48 -32.89
CA SER E 57 -1.14 15.36 -33.40
C SER E 57 -0.22 15.80 -34.53
N GLY E 58 1.10 15.65 -34.31
CA GLY E 58 2.12 16.04 -35.31
C GLY E 58 3.13 17.03 -34.77
N VAL E 59 2.68 17.93 -33.89
CA VAL E 59 3.56 18.93 -33.27
C VAL E 59 4.46 18.19 -32.25
N PRO E 60 5.75 18.57 -32.17
CA PRO E 60 6.62 17.95 -31.15
C PRO E 60 6.13 18.17 -29.71
N SER E 61 6.44 17.21 -28.83
CA SER E 61 5.88 17.17 -27.47
C SER E 61 6.75 17.88 -26.42
N ARG E 62 7.35 19.00 -26.80
CA ARG E 62 8.10 19.87 -25.88
C ARG E 62 7.21 21.00 -25.33
N PHE E 63 5.96 21.06 -25.78
CA PHE E 63 4.97 22.03 -25.29
C PHE E 63 3.92 21.33 -24.43
N SER E 64 3.34 22.08 -23.49
CA SER E 64 2.21 21.60 -22.70
C SER E 64 1.33 22.77 -22.22
N GLY E 65 0.06 22.46 -21.98
CA GLY E 65 -0.93 23.45 -21.56
C GLY E 65 -1.48 23.11 -20.18
N SER E 66 -1.40 24.07 -19.26
CA SER E 66 -1.87 23.87 -17.88
C SER E 66 -3.08 24.75 -17.58
N ARG E 67 -4.00 24.20 -16.79
CA ARG E 67 -5.19 24.91 -16.32
C ARG E 67 -5.16 24.95 -14.79
N SER E 68 -5.42 26.13 -14.23
CA SER E 68 -5.51 26.31 -12.78
C SER E 68 -6.61 27.32 -12.44
N GLY E 69 -7.78 26.80 -12.09
CA GLY E 69 -8.94 27.64 -11.79
C GLY E 69 -9.47 28.35 -13.03
N THR E 70 -9.20 29.66 -13.11
CA THR E 70 -9.50 30.47 -14.30
C THR E 70 -8.24 30.89 -15.06
N ASP E 71 -7.06 30.46 -14.60
CA ASP E 71 -5.78 30.80 -15.24
C ASP E 71 -5.34 29.68 -16.19
N PHE E 72 -4.71 30.09 -17.30
CA PHE E 72 -4.21 29.16 -18.31
C PHE E 72 -2.76 29.49 -18.62
N THR E 73 -1.97 28.45 -18.87
CA THR E 73 -0.52 28.59 -19.01
C THR E 73 0.01 27.69 -20.12
N LEU E 74 0.72 28.30 -21.07
CA LEU E 74 1.52 27.55 -22.05
C LEU E 74 2.93 27.40 -21.49
N THR E 75 3.41 26.15 -21.45
CA THR E 75 4.75 25.82 -20.98
C THR E 75 5.55 25.20 -22.14
N ILE E 76 6.66 25.85 -22.51
CA ILE E 76 7.58 25.34 -23.53
C ILE E 76 8.87 24.97 -22.82
N SER E 77 9.22 23.69 -22.85
CA SER E 77 10.40 23.16 -22.17
C SER E 77 11.51 22.78 -23.16
N SER E 78 12.66 23.44 -23.05
CA SER E 78 13.83 23.19 -23.89
C SER E 78 13.51 23.35 -25.37
N LEU E 79 13.22 24.59 -25.77
CA LEU E 79 12.86 24.90 -27.16
C LEU E 79 14.02 24.67 -28.12
N GLN E 80 13.68 24.50 -29.39
CA GLN E 80 14.65 24.46 -30.48
C GLN E 80 14.67 25.82 -31.17
N PRO E 81 15.83 26.24 -31.71
CA PRO E 81 15.96 27.57 -32.32
C PRO E 81 15.20 27.82 -33.64
N GLU E 82 14.45 26.83 -34.14
CA GLU E 82 13.49 27.06 -35.24
C GLU E 82 12.11 27.58 -34.75
N ASP E 83 12.01 28.00 -33.49
CA ASP E 83 10.80 28.56 -32.93
C ASP E 83 10.94 30.07 -32.70
N PHE E 84 10.87 30.81 -33.80
CA PHE E 84 10.79 32.28 -33.78
C PHE E 84 9.50 32.71 -34.48
N ALA E 85 8.47 32.93 -33.67
CA ALA E 85 7.13 33.27 -34.15
C ALA E 85 6.39 34.10 -33.08
N THR E 86 5.09 34.32 -33.31
CA THR E 86 4.23 35.02 -32.36
C THR E 86 3.11 34.08 -31.90
N TYR E 87 2.93 33.98 -30.59
CA TYR E 87 1.94 33.06 -29.99
C TYR E 87 0.67 33.80 -29.58
N TYR E 88 -0.44 33.05 -29.56
CA TYR E 88 -1.76 33.60 -29.25
C TYR E 88 -2.61 32.62 -28.46
N CYS E 89 -3.40 33.15 -27.52
CA CYS E 89 -4.41 32.39 -26.79
C CYS E 89 -5.75 32.58 -27.50
N GLN E 90 -6.74 31.76 -27.11
CA GLN E 90 -8.07 31.84 -27.71
C GLN E 90 -9.15 31.25 -26.78
N GLN E 91 -10.16 32.07 -26.48
CA GLN E 91 -11.33 31.64 -25.71
C GLN E 91 -12.42 31.18 -26.68
N SER E 92 -13.00 30.01 -26.43
CA SER E 92 -14.06 29.44 -27.28
C SER E 92 -15.17 28.75 -26.48
N SER E 93 -15.53 29.30 -25.32
CA SER E 93 -16.60 28.76 -24.50
C SER E 93 -17.97 29.04 -25.12
N SER E 94 -18.24 30.31 -25.40
CA SER E 94 -19.53 30.74 -25.95
C SER E 94 -19.50 30.80 -27.48
N SER E 95 -20.59 31.31 -28.08
CA SER E 95 -20.68 31.55 -29.53
C SER E 95 -20.06 32.90 -29.97
N LEU E 96 -19.47 33.65 -29.03
CA LEU E 96 -18.83 34.93 -29.30
C LEU E 96 -17.31 34.74 -29.26
N ILE E 97 -16.71 34.67 -30.43
CA ILE E 97 -15.32 34.24 -30.60
C ILE E 97 -14.40 35.45 -30.38
N THR E 98 -13.28 35.23 -29.70
CA THR E 98 -12.31 36.29 -29.40
C THR E 98 -10.87 35.78 -29.52
N PHE E 99 -9.91 36.64 -29.19
CA PHE E 99 -8.49 36.30 -29.19
C PHE E 99 -7.78 37.00 -28.02
N GLY E 100 -6.47 36.77 -27.92
CA GLY E 100 -5.59 37.56 -27.07
C GLY E 100 -4.83 38.60 -27.87
N GLN E 101 -4.07 39.44 -27.16
CA GLN E 101 -3.18 40.41 -27.78
C GLN E 101 -1.94 39.73 -28.37
N GLY E 102 -1.46 38.70 -27.69
CA GLY E 102 -0.36 37.86 -28.19
C GLY E 102 1.01 38.46 -27.95
N THR E 103 2.02 37.60 -27.95
CA THR E 103 3.41 38.00 -27.76
C THR E 103 4.34 37.19 -28.66
N LYS E 104 5.52 37.75 -28.88
CA LYS E 104 6.51 37.23 -29.84
C LYS E 104 7.76 36.83 -29.08
N VAL E 105 8.70 36.20 -29.79
CA VAL E 105 9.99 35.82 -29.20
C VAL E 105 11.13 36.39 -30.05
N GLU E 106 12.17 36.88 -29.38
CA GLU E 106 13.34 37.45 -30.04
C GLU E 106 14.55 37.36 -29.12
N ILE E 107 15.65 36.82 -29.65
CA ILE E 107 16.88 36.60 -28.88
C ILE E 107 17.71 37.88 -28.78
N LYS E 108 18.75 37.85 -27.95
CA LYS E 108 19.57 39.03 -27.65
C LYS E 108 20.50 39.38 -28.81
N VAL F 5 -5.14 17.72 -45.74
CA VAL F 5 -6.26 18.29 -46.56
C VAL F 5 -6.33 19.81 -46.44
N GLN F 6 -6.56 20.49 -47.56
CA GLN F 6 -6.30 21.93 -47.70
C GLN F 6 -7.56 22.77 -47.91
N LEU F 7 -7.36 24.09 -47.99
CA LEU F 7 -8.40 25.06 -48.34
C LEU F 7 -7.89 26.00 -49.43
N VAL F 8 -8.79 26.85 -49.94
CA VAL F 8 -8.42 27.90 -50.89
C VAL F 8 -9.36 29.10 -50.72
N GLU F 9 -8.91 30.29 -51.13
CA GLU F 9 -9.67 31.53 -50.99
C GLU F 9 -9.60 32.38 -52.26
N SER F 10 -10.51 33.33 -52.38
CA SER F 10 -10.48 34.31 -53.49
C SER F 10 -11.29 35.57 -53.19
N GLY F 11 -10.90 36.67 -53.84
CA GLY F 11 -11.66 37.94 -53.82
C GLY F 11 -10.98 39.12 -53.15
N GLY F 12 -9.67 39.26 -53.35
CA GLY F 12 -8.89 40.35 -52.75
C GLY F 12 -8.71 41.55 -53.67
N GLY F 13 -8.51 42.74 -53.09
CA GLY F 13 -8.33 43.97 -53.86
C GLY F 13 -8.67 45.27 -53.15
N LEU F 14 -9.29 46.19 -53.90
CA LEU F 14 -9.59 47.55 -53.43
C LEU F 14 -10.77 48.15 -54.20
N VAL F 15 -11.77 48.63 -53.47
CA VAL F 15 -12.87 49.43 -54.03
C VAL F 15 -13.00 50.68 -53.15
N GLN F 16 -13.51 51.77 -53.73
CA GLN F 16 -13.77 52.99 -52.97
C GLN F 16 -14.78 52.72 -51.83
N PRO F 17 -14.57 53.33 -50.64
CA PRO F 17 -15.25 52.86 -49.42
C PRO F 17 -16.78 53.03 -49.39
N GLY F 18 -17.49 51.96 -49.08
CA GLY F 18 -18.93 51.97 -48.84
C GLY F 18 -19.61 50.73 -49.38
N GLY F 19 -19.18 50.29 -50.56
CA GLY F 19 -19.76 49.13 -51.24
C GLY F 19 -19.29 47.80 -50.70
N SER F 20 -19.80 46.73 -51.30
CA SER F 20 -19.43 45.36 -50.94
C SER F 20 -18.75 44.62 -52.09
N LEU F 21 -18.12 43.50 -51.74
CA LEU F 21 -17.51 42.58 -52.69
C LEU F 21 -17.83 41.14 -52.32
N ARG F 22 -17.56 40.24 -53.25
CA ARG F 22 -17.74 38.80 -53.04
C ARG F 22 -16.41 38.18 -52.61
N LEU F 23 -16.38 37.64 -51.39
CA LEU F 23 -15.20 36.94 -50.87
C LEU F 23 -15.53 35.46 -50.67
N SER F 24 -14.76 34.60 -51.33
CA SER F 24 -15.01 33.15 -51.32
C SER F 24 -13.93 32.39 -50.55
N CYS F 25 -14.36 31.39 -49.77
CA CYS F 25 -13.46 30.46 -49.09
C CYS F 25 -13.98 29.03 -49.29
N ALA F 26 -13.16 28.18 -49.89
CA ALA F 26 -13.52 26.78 -50.17
C ALA F 26 -12.70 25.84 -49.30
N ALA F 27 -13.40 25.01 -48.52
CA ALA F 27 -12.79 23.95 -47.73
C ALA F 27 -12.85 22.63 -48.51
N SER F 28 -11.80 21.81 -48.41
CA SER F 28 -11.73 20.53 -49.11
C SER F 28 -11.16 19.42 -48.22
N GLY F 29 -11.65 18.20 -48.40
CA GLY F 29 -11.11 17.00 -47.75
C GLY F 29 -12.00 16.28 -46.75
N PHE F 30 -13.16 16.86 -46.43
CA PHE F 30 -14.05 16.31 -45.39
C PHE F 30 -15.47 16.87 -45.53
N ASN F 31 -16.35 16.49 -44.60
CA ASN F 31 -17.75 16.93 -44.60
C ASN F 31 -17.90 18.43 -44.32
N PHE F 32 -18.88 19.05 -44.98
CA PHE F 32 -19.18 20.47 -44.82
C PHE F 32 -20.20 20.72 -43.71
N TYR F 33 -21.30 19.97 -43.74
CA TYR F 33 -22.39 20.11 -42.77
C TYR F 33 -21.95 19.82 -41.32
N TYR F 34 -21.02 18.88 -41.14
CA TYR F 34 -20.53 18.50 -39.81
C TYR F 34 -19.38 19.36 -39.26
N SER F 35 -19.39 20.66 -39.58
CA SER F 35 -18.41 21.61 -39.06
C SER F 35 -18.96 23.05 -39.15
N SER F 36 -18.17 24.00 -38.68
CA SER F 36 -18.50 25.43 -38.77
C SER F 36 -17.31 26.19 -39.35
N ILE F 37 -17.60 27.27 -40.07
CA ILE F 37 -16.58 28.07 -40.76
C ILE F 37 -16.45 29.44 -40.11
N HIS F 38 -15.23 29.76 -39.69
CA HIS F 38 -14.91 31.01 -39.01
C HIS F 38 -14.12 31.92 -39.94
N TRP F 39 -14.39 33.22 -39.85
CA TRP F 39 -13.70 34.26 -40.61
C TRP F 39 -13.04 35.23 -39.65
N VAL F 40 -11.77 35.56 -39.94
CA VAL F 40 -10.95 36.40 -39.07
C VAL F 40 -10.06 37.29 -39.92
N ARG F 41 -9.89 38.56 -39.52
CA ARG F 41 -9.01 39.50 -40.22
C ARG F 41 -7.79 39.80 -39.37
N GLN F 42 -6.73 40.28 -40.04
CA GLN F 42 -5.50 40.68 -39.37
C GLN F 42 -5.00 41.99 -39.99
N ALA F 43 -4.72 42.98 -39.14
CA ALA F 43 -4.27 44.30 -39.58
C ALA F 43 -2.74 44.40 -39.48
N PRO F 44 -2.09 45.10 -40.45
CA PRO F 44 -0.62 45.23 -40.41
C PRO F 44 -0.11 45.94 -39.16
N GLY F 45 0.75 45.25 -38.41
CA GLY F 45 1.30 45.76 -37.15
C GLY F 45 0.43 45.56 -35.91
N LYS F 46 -0.75 44.93 -36.08
CA LYS F 46 -1.71 44.75 -34.99
C LYS F 46 -1.88 43.25 -34.70
N GLY F 47 -2.84 42.92 -33.82
CA GLY F 47 -3.12 41.54 -33.45
C GLY F 47 -4.20 40.89 -34.31
N LEU F 48 -5.03 40.07 -33.68
CA LEU F 48 -6.07 39.29 -34.34
C LEU F 48 -7.44 39.65 -33.78
N GLU F 49 -8.39 39.95 -34.66
CA GLU F 49 -9.77 40.31 -34.28
C GLU F 49 -10.76 39.46 -35.06
N TRP F 50 -11.71 38.86 -34.35
CA TRP F 50 -12.70 37.96 -34.94
C TRP F 50 -13.72 38.72 -35.77
N VAL F 51 -14.12 38.14 -36.92
CA VAL F 51 -15.13 38.73 -37.80
C VAL F 51 -16.45 37.96 -37.75
N ALA F 52 -16.44 36.68 -38.13
CA ALA F 52 -17.70 35.93 -38.29
C ALA F 52 -17.54 34.43 -38.06
N SER F 53 -18.66 33.74 -37.85
CA SER F 53 -18.67 32.29 -37.63
C SER F 53 -20.01 31.68 -38.06
N ILE F 54 -20.00 31.01 -39.21
CA ILE F 54 -21.22 30.44 -39.80
C ILE F 54 -21.32 28.95 -39.44
N TYR F 55 -22.47 28.57 -38.89
CA TYR F 55 -22.77 27.17 -38.56
C TYR F 55 -23.64 26.58 -39.65
N SER F 56 -23.17 25.49 -40.27
CA SER F 56 -23.96 24.75 -41.26
C SER F 56 -25.08 23.91 -40.62
N TYR F 57 -24.99 23.68 -39.30
CA TYR F 57 -25.98 22.88 -38.57
C TYR F 57 -27.35 23.54 -38.53
N SER F 58 -27.43 24.69 -37.85
CA SER F 58 -28.68 25.42 -37.68
C SER F 58 -28.85 26.52 -38.72
N GLY F 59 -27.76 27.26 -38.98
CA GLY F 59 -27.82 28.49 -39.78
C GLY F 59 -27.99 29.74 -38.94
N SER F 60 -28.38 29.59 -37.67
CA SER F 60 -28.48 30.70 -36.73
C SER F 60 -27.08 31.15 -36.30
N THR F 61 -26.43 31.88 -37.19
CA THR F 61 -25.08 32.41 -36.99
C THR F 61 -25.14 33.73 -36.25
N SER F 62 -23.97 34.33 -36.02
CA SER F 62 -23.85 35.69 -35.50
C SER F 62 -22.61 36.35 -36.13
N TYR F 63 -22.34 37.59 -35.72
CA TYR F 63 -21.20 38.35 -36.22
C TYR F 63 -20.41 38.93 -35.03
N ALA F 64 -19.44 39.81 -35.32
CA ALA F 64 -18.48 40.30 -34.33
C ALA F 64 -19.09 41.25 -33.28
N ASP F 65 -18.24 41.77 -32.39
CA ASP F 65 -18.67 42.66 -31.33
C ASP F 65 -19.01 44.08 -31.81
N SER F 66 -18.35 44.52 -32.89
CA SER F 66 -18.47 45.90 -33.42
C SER F 66 -18.98 45.98 -34.87
N VAL F 67 -18.47 45.12 -35.75
CA VAL F 67 -18.77 45.17 -37.20
C VAL F 67 -20.07 44.40 -37.56
N LYS F 68 -20.78 43.88 -36.57
CA LYS F 68 -22.01 43.09 -36.77
C LYS F 68 -23.16 43.86 -37.40
N GLY F 69 -24.13 43.11 -37.92
CA GLY F 69 -25.36 43.68 -38.48
C GLY F 69 -25.29 44.17 -39.92
N ARG F 70 -24.09 44.55 -40.36
CA ARG F 70 -23.89 45.20 -41.66
C ARG F 70 -23.23 44.29 -42.70
N PHE F 71 -22.59 43.20 -42.27
CA PHE F 71 -22.01 42.19 -43.16
C PHE F 71 -23.04 41.08 -43.37
N THR F 72 -22.82 40.25 -44.38
CA THR F 72 -23.67 39.07 -44.62
C THR F 72 -22.85 37.86 -45.07
N ILE F 73 -23.12 36.72 -44.42
CA ILE F 73 -22.40 35.46 -44.67
C ILE F 73 -23.35 34.45 -45.30
N SER F 74 -22.78 33.55 -46.10
CA SER F 74 -23.52 32.41 -46.65
C SER F 74 -22.56 31.27 -46.92
N ALA F 75 -23.09 30.04 -46.92
CA ALA F 75 -22.30 28.86 -47.26
C ALA F 75 -23.22 27.79 -47.84
N ASP F 76 -22.83 27.23 -48.99
CA ASP F 76 -23.72 26.31 -49.72
C ASP F 76 -23.53 24.84 -49.32
N THR F 77 -24.66 24.13 -49.27
CA THR F 77 -24.70 22.73 -48.83
C THR F 77 -24.17 21.72 -49.86
N SER F 78 -24.13 22.11 -51.13
CA SER F 78 -23.70 21.22 -52.22
C SER F 78 -22.23 21.42 -52.59
N LYS F 79 -21.87 22.67 -52.90
CA LYS F 79 -20.50 23.01 -53.33
C LYS F 79 -19.51 23.12 -52.17
N ASN F 80 -20.02 23.21 -50.94
CA ASN F 80 -19.20 23.20 -49.72
C ASN F 80 -18.29 24.44 -49.62
N THR F 81 -18.84 25.59 -50.03
CA THR F 81 -18.09 26.84 -50.16
C THR F 81 -18.82 27.96 -49.43
N ALA F 82 -18.03 28.84 -48.80
CA ALA F 82 -18.55 29.99 -48.05
C ALA F 82 -18.29 31.29 -48.82
N TYR F 83 -19.30 32.17 -48.84
CA TYR F 83 -19.21 33.48 -49.47
C TYR F 83 -19.56 34.56 -48.47
N LEU F 84 -18.83 35.67 -48.50
CA LEU F 84 -19.01 36.79 -47.56
C LEU F 84 -19.12 38.11 -48.33
N GLN F 85 -20.06 38.95 -47.92
CA GLN F 85 -20.24 40.29 -48.51
C GLN F 85 -20.21 41.36 -47.41
N MET F 86 -19.48 42.45 -47.68
CA MET F 86 -19.14 43.44 -46.65
C MET F 86 -19.36 44.91 -47.09
N ASN F 87 -20.54 45.44 -46.79
CA ASN F 87 -20.84 46.87 -46.94
C ASN F 87 -20.39 47.63 -45.68
N SER F 88 -20.62 48.94 -45.65
CA SER F 88 -20.37 49.79 -44.48
C SER F 88 -18.88 49.87 -44.12
N LEU F 89 -18.09 50.32 -45.09
CA LEU F 89 -16.63 50.36 -44.94
C LEU F 89 -16.14 51.54 -44.11
N ARG F 90 -14.93 51.41 -43.59
CA ARG F 90 -14.25 52.42 -42.78
C ARG F 90 -12.74 52.35 -43.04
N ALA F 91 -11.97 53.17 -42.33
CA ALA F 91 -10.50 53.20 -42.46
C ALA F 91 -9.78 51.94 -42.00
N GLU F 92 -10.38 51.18 -41.06
CA GLU F 92 -9.75 49.99 -40.48
C GLU F 92 -10.05 48.66 -41.22
N ASP F 93 -10.45 48.74 -42.50
CA ASP F 93 -10.73 47.56 -43.32
C ASP F 93 -9.56 47.12 -44.20
N THR F 94 -8.44 47.83 -44.13
CA THR F 94 -7.19 47.40 -44.76
C THR F 94 -6.64 46.21 -43.99
N ALA F 95 -6.92 45.00 -44.48
CA ALA F 95 -6.57 43.80 -43.72
C ALA F 95 -6.37 42.56 -44.58
N VAL F 96 -5.66 41.59 -44.01
CA VAL F 96 -5.48 40.26 -44.59
C VAL F 96 -6.49 39.35 -43.88
N TYR F 97 -7.33 38.70 -44.69
CA TYR F 97 -8.44 37.89 -44.20
C TYR F 97 -8.07 36.42 -44.22
N TYR F 98 -8.67 35.65 -43.30
CA TYR F 98 -8.48 34.20 -43.22
C TYR F 98 -9.80 33.53 -42.87
N CYS F 99 -9.93 32.26 -43.26
CA CYS F 99 -11.05 31.40 -42.87
C CYS F 99 -10.52 30.10 -42.27
N ALA F 100 -11.30 29.53 -41.35
CA ALA F 100 -10.87 28.33 -40.61
C ALA F 100 -12.03 27.41 -40.23
N ARG F 101 -11.68 26.16 -39.93
CA ARG F 101 -12.63 25.09 -39.60
C ARG F 101 -12.81 24.98 -38.09
N TYR F 102 -14.04 24.71 -37.66
CA TYR F 102 -14.35 24.48 -36.24
C TYR F 102 -15.41 23.39 -36.09
N PRO F 103 -15.00 22.16 -35.70
CA PRO F 103 -16.00 21.12 -35.44
C PRO F 103 -16.66 21.32 -34.08
N TRP F 104 -17.83 21.97 -34.10
CA TRP F 104 -18.61 22.21 -32.86
C TRP F 104 -19.15 20.92 -32.27
N TYR F 105 -19.94 20.20 -33.08
CA TYR F 105 -20.49 18.91 -32.67
C TYR F 105 -19.58 17.82 -33.27
N TRP F 106 -18.88 17.13 -32.38
CA TRP F 106 -17.78 16.22 -32.73
C TRP F 106 -18.23 14.80 -33.10
N TRP F 107 -19.50 14.49 -32.88
CA TRP F 107 -19.99 13.11 -32.86
C TRP F 107 -20.70 12.65 -34.15
N MET F 108 -21.33 13.57 -34.86
CA MET F 108 -22.17 13.21 -36.02
C MET F 108 -21.38 12.68 -37.22
N GLU F 109 -20.20 13.25 -37.47
CA GLU F 109 -19.30 12.72 -38.52
C GLU F 109 -18.74 11.34 -38.14
N LYS F 110 -18.26 11.21 -36.91
CA LYS F 110 -17.82 9.94 -36.33
C LYS F 110 -17.87 10.05 -34.80
N PRO F 111 -18.26 8.97 -34.09
CA PRO F 111 -18.26 9.02 -32.63
C PRO F 111 -16.84 9.14 -32.06
N TYR F 112 -16.45 10.38 -31.77
CA TYR F 112 -15.08 10.73 -31.41
C TYR F 112 -14.99 11.55 -30.13
N LEU F 113 -13.75 11.81 -29.71
CA LEU F 113 -13.46 12.78 -28.65
C LEU F 113 -13.68 14.22 -29.11
N SER F 114 -13.66 15.14 -28.14
CA SER F 114 -13.89 16.56 -28.40
C SER F 114 -12.65 17.27 -28.95
N LEU F 115 -12.86 18.48 -29.46
CA LEU F 115 -11.78 19.35 -29.94
C LEU F 115 -12.23 20.81 -29.90
N TYR F 116 -11.49 21.64 -29.14
CA TYR F 116 -11.83 23.05 -28.96
C TYR F 116 -10.73 23.96 -29.51
N GLY F 117 -10.92 24.36 -30.76
CA GLY F 117 -10.04 25.30 -31.44
C GLY F 117 -10.20 25.23 -32.95
N MET F 118 -9.73 26.27 -33.64
CA MET F 118 -9.71 26.28 -35.11
C MET F 118 -8.68 25.28 -35.62
N ASP F 119 -9.16 24.25 -36.34
CA ASP F 119 -8.34 23.10 -36.72
C ASP F 119 -7.46 23.38 -37.94
N TYR F 120 -8.10 23.61 -39.09
CA TYR F 120 -7.39 23.82 -40.36
C TYR F 120 -7.61 25.23 -40.90
N TRP F 121 -6.52 25.85 -41.35
CA TRP F 121 -6.50 27.22 -41.85
C TRP F 121 -6.11 27.24 -43.33
N GLY F 122 -6.36 28.37 -43.97
CA GLY F 122 -5.92 28.62 -45.35
C GLY F 122 -4.68 29.50 -45.36
N GLN F 123 -4.50 30.24 -46.45
CA GLN F 123 -3.43 31.25 -46.57
C GLN F 123 -3.96 32.70 -46.51
N GLY F 124 -5.27 32.87 -46.64
CA GLY F 124 -5.89 34.17 -46.52
C GLY F 124 -5.81 35.07 -47.75
N THR F 125 -6.84 35.90 -47.92
CA THR F 125 -6.92 36.88 -49.01
C THR F 125 -6.53 38.23 -48.41
N LEU F 126 -6.53 39.30 -49.21
CA LEU F 126 -6.25 40.65 -48.70
C LEU F 126 -7.11 41.71 -49.38
N VAL F 127 -7.65 42.62 -48.57
CA VAL F 127 -8.49 43.70 -49.05
C VAL F 127 -8.09 45.01 -48.36
N THR F 128 -8.04 46.08 -49.17
CA THR F 128 -7.68 47.42 -48.69
C THR F 128 -8.72 48.45 -49.15
N VAL F 129 -8.57 49.67 -48.69
CA VAL F 129 -9.37 50.82 -49.11
C VAL F 129 -8.44 51.98 -49.47
N SER F 130 -8.98 52.99 -50.13
CA SER F 130 -8.22 54.20 -50.49
C SER F 130 -9.16 55.37 -50.74
#